data_4CFF
#
_entry.id   4CFF
#
_cell.length_a   76.019
_cell.length_b   134.787
_cell.length_c   141.286
_cell.angle_alpha   90.00
_cell.angle_beta   93.04
_cell.angle_gamma   90.00
#
_symmetry.space_group_name_H-M   'P 1 21 1'
#
loop_
_entity.id
_entity.type
_entity.pdbx_description
1 polymer "5'-AMP-ACTIVATED PROTEIN KINASE CATALYTIC SUBUNIT ALPHA-2"
2 polymer "5'-AMP-ACTIVATED PROTEIN KINASE SUBUNIT BETA-1"
3 polymer "5'-AMP-ACTIVATED PROTEIN KINASE SUBUNIT GAMMA-1"
4 non-polymer STAUROSPORINE
5 non-polymer 3-[4-(2-hydroxyphenyl)phenyl]-4-oxidanyl-6-oxidanylidene-7H-thieno[2,3-b]pyridine-5-carbonitrile
6 non-polymer 'ADENOSINE MONOPHOSPHATE'
#
loop_
_entity_poly.entity_id
_entity_poly.type
_entity_poly.pdbx_seq_one_letter_code
_entity_poly.pdbx_strand_id
1 'polypeptide(L)'
;MSHHHHHHSSGLEVLFQGPMAEKQKHDGRVKIGHYVLGDTLGVGTFGKVKIGEHQLTGHKVAVKILNRQKIRSLDVVGKI
KREIQNLKLFRHPHIIKLYQVISTPTDFFMVMEYVSGGELFDYICKHGRVEEMEARRLFQQILSAVDYCHRHMVVHRDLK
PENVLLDAHMNAKIADFGLSNMMSDGEFLR(TPO)SCGSPNYAAPEVISGRLYAGPEVDIWSCGVILYALLCGTLPFDDE
HVPTLFKKIRGGVFYIPEYLNRSVATLLMHMLQVDPLKRATIKDIREHEWFKQDLPSYLFPEDPSYDANVIDDEAVKEVC
EKFECTESEVMNSLYSGDPQDQLAVAYHLIIDNRRIMNQASEFYLASSPPSGSFMDDSAMHIPPGLKPHPERMPPLIADS
PKARCPLDALNTTKPKSLAVKKAKWHLGIRSQSKPYDIMAEVYRAMKQLDFEWKVVNAYHLRVRRKNPVTGNYVKMSLQL
YLVDNRSYLLDFKSIDDEVVEQRSGSSTPQRSCSAAGLHRPRSSFDSTTAESHSLSGSLTGSLTGSTLSSVSPRLGSHTM
DFFEMCASLITTLAR
;
A,C
2 'polypeptide(L)'
;MGLNDIFEAQKIEWHEMGNTSSERAALERHGGHKTPRRDSSGGTKDGDRPKILMDSPEDADLFHSEEIKAPEKEEFLAWQ
HDLEVNDKAPAQARPTVFRWTGGGKEVYLSGSFNNWSKLPLTR(SEP)HNNFVAILDLPEGEHQYKFFVDGQWTHDPSEP
IVTSQLGTVNNIIQVKKTDFEVFDALMVDSQKCSDVSELSSSPPGPYHQEPYVCKPEERFRAPPILPPHLLQVILNKDTG
ISCDPALLPEPNHVMLNHLYALSIKDGVMVLSATHRYKKKYVTTLLYKPI
;
B,D
3 'polypeptide(L)'
;METVISSDSSPAVENEHPQETPESNNSVYTSFMKSHRCYDLIPTSSKLVVFDTSLQVKKAFFALVTNGVRAAPLWDSKKQ
SFVGMLTITDFINILHRYYKSALVQIYELEEHKIETWREVYLQDSFKPLVCISPNASLFDAVSSLIRNKIHRLPVIDPES
GNTLYILTHKRILKFLKLFITEFPKPEFMSKSLEELQIGTYANIAMVRTTTPVYVALGIFVQHRVSALPVVDEKGRVVDI
YSKFDVINLAAEKTYNNLDVSVTKALQHRSHYFEGVLKCYLHETLETIINRLVEAEVHRLVVVDENDVVKGIVSLSDILQ
ALVLTGGEKKP
;
E,F
#
# COMPACT_ATOMS: atom_id res chain seq x y z
N ASP A 27 16.75 38.44 -26.21
CA ASP A 27 17.73 37.64 -25.48
C ASP A 27 17.08 36.85 -24.35
N GLY A 28 17.91 36.21 -23.53
CA GLY A 28 17.43 35.48 -22.37
C GLY A 28 16.71 34.18 -22.70
N ARG A 29 16.90 33.67 -23.91
CA ARG A 29 16.33 32.38 -24.31
C ARG A 29 17.07 31.29 -23.56
N VAL A 30 16.36 30.22 -23.23
CA VAL A 30 16.94 29.13 -22.46
C VAL A 30 17.88 28.27 -23.32
N LYS A 31 18.98 27.82 -22.71
CA LYS A 31 20.01 27.07 -23.44
C LYS A 31 20.57 25.89 -22.66
N ILE A 32 20.48 24.71 -23.27
CA ILE A 32 21.16 23.52 -22.74
C ILE A 32 22.18 23.04 -23.76
N GLY A 33 23.45 23.09 -23.38
CA GLY A 33 24.51 22.69 -24.29
C GLY A 33 24.48 23.39 -25.63
N HIS A 34 24.16 24.69 -25.58
CA HIS A 34 24.02 25.54 -26.76
C HIS A 34 22.87 25.12 -27.68
N TYR A 35 21.90 24.42 -27.11
CA TYR A 35 20.65 24.08 -27.77
C TYR A 35 19.54 24.89 -27.11
N VAL A 36 18.57 25.36 -27.88
CA VAL A 36 17.51 26.19 -27.32
C VAL A 36 16.17 25.47 -27.20
N LEU A 37 15.70 25.31 -25.97
CA LEU A 37 14.44 24.64 -25.71
C LEU A 37 13.24 25.50 -26.12
N GLY A 38 12.22 24.86 -26.68
CA GLY A 38 11.01 25.54 -27.11
C GLY A 38 9.77 24.95 -26.49
N ASP A 39 8.75 24.71 -27.31
CA ASP A 39 7.46 24.25 -26.83
C ASP A 39 7.45 22.78 -26.43
N THR A 40 6.61 22.45 -25.46
CA THR A 40 6.49 21.08 -24.96
C THR A 40 5.84 20.15 -25.97
N LEU A 41 6.58 19.11 -26.37
CA LEU A 41 6.07 18.12 -27.32
C LEU A 41 5.13 17.13 -26.65
N GLY A 42 5.19 17.06 -25.33
CA GLY A 42 4.33 16.17 -24.57
C GLY A 42 4.95 15.62 -23.30
N VAL A 43 4.10 15.24 -22.35
CA VAL A 43 4.57 14.59 -21.12
C VAL A 43 4.40 13.08 -21.21
N GLY A 44 5.51 12.35 -21.07
CA GLY A 44 5.51 10.91 -21.24
C GLY A 44 5.22 10.15 -19.96
N THR A 45 5.51 8.86 -19.98
CA THR A 45 5.30 8.00 -18.82
C THR A 45 6.07 8.56 -17.63
N PHE A 46 7.28 9.03 -17.89
CA PHE A 46 8.10 9.67 -16.86
C PHE A 46 8.82 10.89 -17.43
N GLY A 47 8.62 12.04 -16.80
CA GLY A 47 9.27 13.27 -17.22
C GLY A 47 8.54 13.99 -18.33
N LYS A 48 9.06 15.16 -18.72
CA LYS A 48 8.44 15.96 -19.77
C LYS A 48 9.34 16.18 -20.97
N VAL A 49 8.81 15.93 -22.16
CA VAL A 49 9.56 16.06 -23.40
C VAL A 49 9.23 17.36 -24.14
N LYS A 50 10.25 18.15 -24.44
CA LYS A 50 10.05 19.35 -25.22
C LYS A 50 11.11 19.52 -26.29
N ILE A 51 10.72 20.13 -27.40
CA ILE A 51 11.59 20.27 -28.56
C ILE A 51 12.72 21.25 -28.29
N GLY A 52 13.86 21.02 -28.95
CA GLY A 52 14.99 21.91 -28.83
C GLY A 52 15.55 22.23 -30.21
N GLU A 53 16.00 23.46 -30.39
CA GLU A 53 16.56 23.88 -31.66
C GLU A 53 17.99 24.38 -31.44
N HIS A 54 18.89 23.99 -32.34
CA HIS A 54 20.30 24.36 -32.22
C HIS A 54 20.48 25.86 -32.42
N GLN A 55 21.23 26.48 -31.52
CA GLN A 55 21.46 27.92 -31.54
C GLN A 55 22.13 28.40 -32.82
N LEU A 56 22.95 27.55 -33.43
CA LEU A 56 23.74 27.95 -34.59
C LEU A 56 23.22 27.41 -35.91
N THR A 57 22.68 26.19 -35.89
CA THR A 57 22.36 25.48 -37.12
C THR A 57 20.86 25.30 -37.31
N GLY A 58 20.14 25.10 -36.21
CA GLY A 58 18.72 24.92 -36.27
C GLY A 58 18.32 23.45 -36.24
N HIS A 59 19.30 22.58 -35.99
CA HIS A 59 19.05 21.15 -35.86
C HIS A 59 18.05 20.92 -34.73
N LYS A 60 17.06 20.08 -34.99
CA LYS A 60 16.03 19.83 -34.00
C LYS A 60 16.26 18.53 -33.24
N VAL A 61 16.08 18.60 -31.92
CA VAL A 61 16.20 17.45 -31.05
C VAL A 61 15.04 17.45 -30.05
N ALA A 62 14.75 16.30 -29.46
CA ALA A 62 13.74 16.21 -28.41
C ALA A 62 14.41 16.02 -27.06
N VAL A 63 13.98 16.78 -26.06
CA VAL A 63 14.65 16.77 -24.76
C VAL A 63 13.72 16.34 -23.62
N LYS A 64 13.66 15.04 -23.35
CA LYS A 64 12.91 14.53 -22.22
C LYS A 64 13.58 15.00 -20.93
N ILE A 65 12.81 15.64 -20.06
CA ILE A 65 13.38 16.20 -18.83
C ILE A 65 12.98 15.40 -17.60
N LEU A 66 13.98 14.93 -16.86
CA LEU A 66 13.74 14.22 -15.62
C LEU A 66 14.20 15.07 -14.44
N ASN A 67 13.46 14.99 -13.33
CA ASN A 67 13.85 15.74 -12.13
C ASN A 67 14.46 14.83 -11.07
N ARG A 68 15.71 15.11 -10.72
CA ARG A 68 16.49 14.28 -9.80
C ARG A 68 15.84 14.10 -8.43
N GLN A 69 15.06 15.08 -7.98
CA GLN A 69 14.37 14.96 -6.70
C GLN A 69 13.16 14.03 -6.81
N LYS A 70 12.54 14.02 -7.98
CA LYS A 70 11.39 13.15 -8.21
C LYS A 70 11.83 11.72 -8.46
N ILE A 71 13.08 11.56 -8.89
CA ILE A 71 13.66 10.24 -9.09
C ILE A 71 14.01 9.60 -7.74
N ARG A 72 14.57 10.41 -6.84
CA ARG A 72 15.02 9.91 -5.54
C ARG A 72 13.87 9.80 -4.54
N SER A 73 12.76 10.47 -4.81
CA SER A 73 11.58 10.36 -3.97
C SER A 73 11.00 8.96 -4.08
N LEU A 74 11.04 8.42 -5.29
CA LEU A 74 10.61 7.04 -5.53
C LEU A 74 11.83 6.13 -5.45
N ASP A 75 11.63 4.83 -5.67
CA ASP A 75 12.73 3.88 -5.70
C ASP A 75 13.11 3.53 -7.13
N VAL A 76 13.10 4.54 -7.99
CA VAL A 76 13.38 4.36 -9.42
C VAL A 76 14.77 4.88 -9.78
N VAL A 77 15.60 5.11 -8.77
CA VAL A 77 16.96 5.63 -8.99
C VAL A 77 17.84 4.60 -9.68
N GLY A 78 17.63 3.32 -9.38
CA GLY A 78 18.38 2.25 -10.00
C GLY A 78 17.69 1.76 -11.26
N LYS A 79 16.46 2.21 -11.44
CA LYS A 79 15.68 1.84 -12.62
C LYS A 79 16.09 2.69 -13.83
N ILE A 80 16.37 3.96 -13.57
CA ILE A 80 16.81 4.87 -14.63
C ILE A 80 18.20 4.52 -15.14
N LYS A 81 19.08 4.13 -14.22
CA LYS A 81 20.46 3.76 -14.56
C LYS A 81 20.49 2.64 -15.60
N ARG A 82 19.61 1.65 -15.41
CA ARG A 82 19.50 0.54 -16.36
C ARG A 82 19.01 1.03 -17.72
N GLU A 83 17.99 1.88 -17.70
CA GLU A 83 17.36 2.36 -18.92
C GLU A 83 18.32 3.18 -19.78
N ILE A 84 19.04 4.10 -19.16
CA ILE A 84 20.02 4.91 -19.86
C ILE A 84 21.15 4.04 -20.41
N GLN A 85 21.59 3.08 -19.59
CA GLN A 85 22.65 2.16 -19.99
C GLN A 85 22.23 1.28 -21.17
N ASN A 86 20.94 1.03 -21.30
CA ASN A 86 20.42 0.20 -22.38
C ASN A 86 20.01 1.00 -23.61
N LEU A 87 19.48 2.20 -23.39
CA LEU A 87 19.03 3.05 -24.49
C LEU A 87 20.23 3.66 -25.22
N LYS A 88 21.35 3.80 -24.52
CA LYS A 88 22.56 4.36 -25.12
C LYS A 88 23.24 3.34 -26.01
N LEU A 89 22.96 2.06 -25.80
CA LEU A 89 23.58 0.99 -26.55
C LEU A 89 22.71 0.52 -27.71
N PHE A 90 21.49 1.03 -27.78
CA PHE A 90 20.57 0.66 -28.85
C PHE A 90 20.90 1.38 -30.17
N ARG A 91 20.98 0.61 -31.24
CA ARG A 91 21.12 1.17 -32.58
C ARG A 91 20.16 0.50 -33.56
N HIS A 92 18.95 1.04 -33.64
CA HIS A 92 17.92 0.50 -34.52
C HIS A 92 17.30 1.63 -35.33
N PRO A 93 17.03 1.37 -36.62
CA PRO A 93 16.45 2.37 -37.52
C PRO A 93 15.01 2.75 -37.16
N HIS A 94 14.40 1.99 -36.25
CA HIS A 94 13.04 2.26 -35.85
C HIS A 94 12.92 2.39 -34.34
N ILE A 95 14.02 2.77 -33.70
CA ILE A 95 14.03 3.10 -32.28
C ILE A 95 14.69 4.46 -32.07
N ILE A 96 13.99 5.35 -31.37
CA ILE A 96 14.49 6.69 -31.08
C ILE A 96 15.88 6.66 -30.47
N LYS A 97 16.86 7.16 -31.22
CA LYS A 97 18.24 7.18 -30.78
C LYS A 97 18.43 8.23 -29.70
N LEU A 98 19.22 7.90 -28.70
CA LEU A 98 19.57 8.84 -27.64
C LEU A 98 20.95 9.42 -27.90
N TYR A 99 21.01 10.67 -28.32
CA TYR A 99 22.27 11.31 -28.68
C TYR A 99 23.21 11.43 -27.49
N GLN A 100 22.78 12.16 -26.46
CA GLN A 100 23.52 12.19 -25.21
C GLN A 100 22.56 12.41 -24.04
N VAL A 101 23.12 12.56 -22.86
CA VAL A 101 22.34 12.91 -21.68
C VAL A 101 23.15 13.88 -20.85
N ILE A 102 22.53 14.99 -20.47
CA ILE A 102 23.23 16.05 -19.77
C ILE A 102 22.82 16.11 -18.32
N SER A 103 23.82 16.08 -17.43
CA SER A 103 23.57 16.09 -16.01
C SER A 103 23.67 17.51 -15.44
N THR A 104 22.69 17.87 -14.63
CA THR A 104 22.72 19.12 -13.89
C THR A 104 22.49 18.80 -12.42
N PRO A 105 22.84 19.72 -11.51
CA PRO A 105 22.63 19.48 -10.09
C PRO A 105 21.17 19.29 -9.67
N THR A 106 20.23 19.42 -10.61
CA THR A 106 18.82 19.29 -10.28
C THR A 106 18.03 18.42 -11.27
N ASP A 107 18.45 18.41 -12.53
CA ASP A 107 17.68 17.68 -13.56
C ASP A 107 18.55 16.97 -14.61
N PHE A 108 17.93 16.00 -15.27
CA PHE A 108 18.59 15.24 -16.32
C PHE A 108 17.94 15.55 -17.67
N PHE A 109 18.74 16.04 -18.61
CA PHE A 109 18.24 16.39 -19.93
C PHE A 109 18.61 15.33 -20.95
N MET A 110 17.61 14.55 -21.38
CA MET A 110 17.87 13.45 -22.31
C MET A 110 17.71 13.86 -23.77
N VAL A 111 18.73 14.52 -24.31
CA VAL A 111 18.75 14.95 -25.70
C VAL A 111 18.70 13.76 -26.64
N MET A 112 17.60 13.59 -27.37
CA MET A 112 17.46 12.46 -28.28
C MET A 112 17.01 12.85 -29.69
N GLU A 113 16.83 11.85 -30.54
CA GLU A 113 16.44 12.05 -31.94
C GLU A 113 15.07 12.69 -32.04
N TYR A 114 14.91 13.61 -32.99
CA TYR A 114 13.63 14.27 -33.22
C TYR A 114 12.99 13.86 -34.53
N VAL A 115 11.67 13.68 -34.52
CA VAL A 115 10.93 13.33 -35.71
C VAL A 115 9.71 14.25 -35.87
N SER A 116 9.37 14.60 -37.10
CA SER A 116 8.32 15.57 -37.35
C SER A 116 6.98 14.94 -37.72
N GLY A 117 7.00 13.66 -38.07
CA GLY A 117 5.81 12.96 -38.50
C GLY A 117 4.75 12.82 -37.43
N GLY A 118 5.16 13.00 -36.18
CA GLY A 118 4.24 12.91 -35.05
C GLY A 118 3.79 11.50 -34.79
N GLU A 119 2.84 11.35 -33.88
CA GLU A 119 2.33 10.04 -33.48
C GLU A 119 1.68 9.30 -34.64
N LEU A 120 1.71 7.98 -34.57
CA LEU A 120 1.00 7.13 -35.52
C LEU A 120 -0.48 7.22 -35.21
N PHE A 121 -0.80 7.41 -33.93
CA PHE A 121 -2.18 7.50 -33.46
C PHE A 121 -2.93 8.60 -34.19
N ASP A 122 -2.27 9.74 -34.36
CA ASP A 122 -2.88 10.86 -35.07
C ASP A 122 -2.99 10.59 -36.57
N TYR A 123 -2.06 9.81 -37.10
CA TYR A 123 -2.09 9.44 -38.51
C TYR A 123 -3.21 8.46 -38.79
N ILE A 124 -3.61 7.70 -37.78
CA ILE A 124 -4.75 6.79 -37.92
C ILE A 124 -6.05 7.56 -37.74
N CYS A 125 -5.95 8.76 -37.16
CA CYS A 125 -7.11 9.63 -37.05
C CYS A 125 -7.29 10.48 -38.31
N LYS A 126 -6.19 11.00 -38.84
CA LYS A 126 -6.22 11.80 -40.06
C LYS A 126 -6.83 11.01 -41.22
N HIS A 127 -6.25 9.85 -41.51
CA HIS A 127 -6.85 8.95 -42.47
C HIS A 127 -7.87 8.11 -41.72
N GLY A 128 -8.79 7.49 -42.45
CA GLY A 128 -9.77 6.63 -41.81
C GLY A 128 -9.09 5.39 -41.26
N ARG A 129 -8.61 4.57 -42.18
CA ARG A 129 -7.80 3.42 -41.84
C ARG A 129 -6.50 3.56 -42.59
N VAL A 130 -5.72 2.49 -42.63
CA VAL A 130 -4.49 2.50 -43.41
C VAL A 130 -4.53 1.35 -44.42
N GLU A 131 -4.14 1.64 -45.66
CA GLU A 131 -4.10 0.64 -46.71
C GLU A 131 -3.13 -0.47 -46.31
N GLU A 132 -3.51 -1.72 -46.56
CA GLU A 132 -2.70 -2.86 -46.15
C GLU A 132 -1.31 -2.84 -46.79
N MET A 133 -1.21 -2.17 -47.94
CA MET A 133 0.07 -2.02 -48.61
C MET A 133 1.04 -1.20 -47.77
N GLU A 134 0.50 -0.18 -47.09
CA GLU A 134 1.31 0.68 -46.25
C GLU A 134 1.27 0.21 -44.79
N ALA A 135 0.14 -0.38 -44.40
CA ALA A 135 -0.02 -0.87 -43.04
C ALA A 135 0.91 -2.03 -42.76
N ARG A 136 1.20 -2.81 -43.79
CA ARG A 136 2.11 -3.94 -43.66
C ARG A 136 3.53 -3.45 -43.40
N ARG A 137 3.98 -2.50 -44.20
CA ARG A 137 5.33 -1.96 -44.09
C ARG A 137 5.59 -1.35 -42.72
N LEU A 138 4.62 -0.59 -42.22
CA LEU A 138 4.74 0.01 -40.89
C LEU A 138 4.78 -1.04 -39.80
N PHE A 139 3.97 -2.09 -39.94
CA PHE A 139 3.92 -3.15 -38.94
C PHE A 139 5.21 -3.94 -38.92
N GLN A 140 5.80 -4.14 -40.10
CA GLN A 140 7.09 -4.83 -40.20
C GLN A 140 8.17 -4.05 -39.48
N GLN A 141 8.18 -2.74 -39.67
CA GLN A 141 9.18 -1.87 -39.05
C GLN A 141 8.99 -1.77 -37.53
N ILE A 142 7.73 -1.76 -37.09
CA ILE A 142 7.43 -1.72 -35.67
C ILE A 142 7.88 -3.01 -34.99
N LEU A 143 7.54 -4.14 -35.61
CA LEU A 143 7.86 -5.45 -35.07
C LEU A 143 9.36 -5.67 -35.08
N SER A 144 10.03 -5.12 -36.08
CA SER A 144 11.47 -5.25 -36.22
C SER A 144 12.23 -4.56 -35.09
N ALA A 145 11.63 -3.52 -34.54
CA ALA A 145 12.19 -2.86 -33.37
C ALA A 145 11.86 -3.66 -32.11
N VAL A 146 10.67 -4.24 -32.08
CA VAL A 146 10.26 -5.05 -30.93
C VAL A 146 11.19 -6.24 -30.79
N ASP A 147 11.44 -6.94 -31.90
CA ASP A 147 12.32 -8.10 -31.88
C ASP A 147 13.70 -7.71 -31.36
N TYR A 148 14.19 -6.56 -31.81
CA TYR A 148 15.49 -6.05 -31.38
C TYR A 148 15.53 -5.76 -29.88
N CYS A 149 14.40 -5.31 -29.32
CA CYS A 149 14.31 -5.05 -27.89
C CYS A 149 14.40 -6.36 -27.12
N HIS A 150 13.70 -7.36 -27.62
CA HIS A 150 13.65 -8.66 -26.96
C HIS A 150 15.00 -9.37 -27.02
N ARG A 151 15.71 -9.19 -28.14
CA ARG A 151 17.02 -9.79 -28.29
C ARG A 151 18.06 -9.18 -27.36
N HIS A 152 17.73 -8.03 -26.79
CA HIS A 152 18.61 -7.41 -25.81
C HIS A 152 17.97 -7.49 -24.44
N MET A 153 17.06 -8.45 -24.29
CA MET A 153 16.39 -8.72 -23.03
C MET A 153 15.68 -7.49 -22.46
N VAL A 154 15.17 -6.65 -23.36
CA VAL A 154 14.35 -5.52 -22.94
C VAL A 154 12.92 -5.76 -23.42
N VAL A 155 11.95 -5.42 -22.58
CA VAL A 155 10.55 -5.57 -22.97
C VAL A 155 9.75 -4.27 -22.75
N HIS A 156 9.39 -3.64 -23.86
CA HIS A 156 8.65 -2.38 -23.84
C HIS A 156 7.18 -2.66 -23.57
N ARG A 157 6.75 -2.42 -22.34
CA ARG A 157 5.39 -2.79 -21.93
C ARG A 157 4.35 -1.70 -22.16
N ASP A 158 4.77 -0.60 -22.78
CA ASP A 158 3.84 0.48 -23.14
C ASP A 158 3.84 0.66 -24.65
N LEU A 159 3.57 -0.43 -25.36
CA LEU A 159 3.55 -0.43 -26.81
C LEU A 159 2.17 -0.02 -27.35
N LYS A 160 2.09 1.17 -27.94
CA LYS A 160 0.84 1.70 -28.46
C LYS A 160 1.10 2.79 -29.51
N PRO A 161 0.15 3.01 -30.44
CA PRO A 161 0.31 4.00 -31.51
C PRO A 161 0.69 5.40 -31.02
N GLU A 162 0.30 5.74 -29.80
CA GLU A 162 0.68 7.01 -29.20
C GLU A 162 2.20 7.05 -28.97
N ASN A 163 2.78 5.88 -28.74
CA ASN A 163 4.21 5.77 -28.48
C ASN A 163 5.03 5.45 -29.72
N VAL A 164 4.37 5.26 -30.85
CA VAL A 164 5.06 4.96 -32.09
C VAL A 164 5.10 6.19 -33.00
N LEU A 165 6.29 6.77 -33.14
CA LEU A 165 6.45 8.01 -33.89
C LEU A 165 6.76 7.79 -35.36
N LEU A 166 6.51 8.83 -36.15
CA LEU A 166 6.77 8.80 -37.59
C LEU A 166 7.78 9.89 -37.94
N ASP A 167 8.49 9.71 -39.04
CA ASP A 167 9.42 10.73 -39.52
C ASP A 167 8.93 11.32 -40.84
N ALA A 168 9.82 12.02 -41.54
CA ALA A 168 9.46 12.69 -42.77
C ALA A 168 9.25 11.73 -43.94
N HIS A 169 9.59 10.46 -43.74
CA HIS A 169 9.48 9.47 -44.80
C HIS A 169 8.59 8.31 -44.38
N MET A 170 7.74 8.57 -43.39
CA MET A 170 6.80 7.57 -42.86
C MET A 170 7.50 6.30 -42.36
N ASN A 171 8.44 6.47 -41.43
CA ASN A 171 9.11 5.35 -40.79
C ASN A 171 8.75 5.29 -39.31
N ALA A 172 8.49 4.07 -38.82
CA ALA A 172 8.15 3.87 -37.42
C ALA A 172 9.33 4.20 -36.51
N LYS A 173 9.03 4.63 -35.29
CA LYS A 173 10.07 4.95 -34.31
C LYS A 173 9.53 4.68 -32.91
N ILE A 174 9.81 3.50 -32.37
CA ILE A 174 9.41 3.18 -30.99
C ILE A 174 10.04 4.20 -30.04
N ALA A 175 9.29 4.59 -29.00
CA ALA A 175 9.82 5.52 -28.00
C ALA A 175 9.22 5.29 -26.62
N ASP A 176 9.66 6.10 -25.66
CA ASP A 176 9.18 6.05 -24.28
C ASP A 176 9.35 4.67 -23.65
N PHE A 177 10.56 4.40 -23.15
CA PHE A 177 10.84 3.16 -22.45
C PHE A 177 10.70 3.33 -20.95
N GLY A 178 9.70 4.10 -20.55
CA GLY A 178 9.48 4.39 -19.14
C GLY A 178 8.85 3.22 -18.42
N LEU A 179 8.24 2.31 -19.17
CA LEU A 179 7.58 1.16 -18.58
C LEU A 179 8.29 -0.15 -18.90
N SER A 180 9.40 -0.06 -19.64
CA SER A 180 10.17 -1.24 -20.01
C SER A 180 10.86 -1.85 -18.80
N ASN A 181 11.32 -3.10 -18.95
CA ASN A 181 12.04 -3.78 -17.89
C ASN A 181 12.94 -4.88 -18.46
N MET A 182 13.92 -5.31 -17.67
CA MET A 182 14.87 -6.32 -18.11
C MET A 182 14.34 -7.73 -17.88
N MET A 183 14.78 -8.68 -18.71
CA MET A 183 14.35 -10.07 -18.58
C MET A 183 15.50 -10.97 -18.11
N SER A 184 15.46 -11.34 -16.84
CA SER A 184 16.48 -12.21 -16.28
C SER A 184 16.17 -13.66 -16.60
N ASP A 185 17.12 -14.55 -16.33
CA ASP A 185 16.91 -15.98 -16.57
C ASP A 185 16.16 -16.63 -15.43
N GLY A 186 14.98 -17.17 -15.72
CA GLY A 186 14.15 -17.80 -14.72
C GLY A 186 13.41 -16.80 -13.86
N GLU A 187 13.28 -15.58 -14.36
CA GLU A 187 12.61 -14.52 -13.63
C GLU A 187 11.36 -14.04 -14.35
N PHE A 188 10.28 -13.84 -13.61
CA PHE A 188 9.05 -13.32 -14.17
C PHE A 188 8.85 -11.87 -13.76
N LEU A 189 7.92 -11.19 -14.43
CA LEU A 189 7.61 -9.81 -14.12
C LEU A 189 6.25 -9.72 -13.45
N ARG A 190 6.06 -8.71 -12.61
CA ARG A 190 4.88 -8.60 -11.76
C ARG A 190 4.06 -7.36 -12.08
N SER A 192 1.86 -4.64 -13.32
CA SER A 192 0.80 -4.43 -14.27
C SER A 192 0.88 -2.99 -14.77
N CYS A 193 1.40 -2.80 -15.97
CA CYS A 193 1.61 -1.45 -16.49
C CYS A 193 1.28 -1.33 -17.98
N GLY A 194 0.93 -0.12 -18.39
CA GLY A 194 0.52 0.17 -19.74
C GLY A 194 -0.89 0.73 -19.77
N SER A 195 -1.39 1.02 -20.96
CA SER A 195 -2.74 1.53 -21.13
C SER A 195 -3.77 0.45 -20.77
N PRO A 196 -4.98 0.86 -20.37
CA PRO A 196 -6.07 -0.10 -20.17
C PRO A 196 -6.38 -0.92 -21.42
N ASN A 197 -6.23 -0.31 -22.60
CA ASN A 197 -6.26 -1.06 -23.84
C ASN A 197 -4.83 -1.45 -24.18
N TYR A 198 -4.64 -2.22 -25.25
CA TYR A 198 -3.31 -2.66 -25.68
C TYR A 198 -2.57 -3.54 -24.65
N ALA A 199 -3.21 -3.82 -23.52
CA ALA A 199 -2.59 -4.59 -22.45
C ALA A 199 -3.07 -6.04 -22.44
N ALA A 200 -2.12 -6.97 -22.46
CA ALA A 200 -2.41 -8.40 -22.46
C ALA A 200 -3.24 -8.82 -21.26
N PRO A 201 -4.16 -9.79 -21.45
CA PRO A 201 -5.04 -10.29 -20.39
C PRO A 201 -4.33 -10.60 -19.08
N GLU A 202 -3.16 -11.23 -19.15
CA GLU A 202 -2.43 -11.61 -17.94
C GLU A 202 -1.93 -10.41 -17.15
N VAL A 203 -1.73 -9.29 -17.85
CA VAL A 203 -1.25 -8.07 -17.21
C VAL A 203 -2.36 -7.40 -16.40
N ILE A 204 -3.55 -7.35 -16.97
CA ILE A 204 -4.69 -6.71 -16.30
C ILE A 204 -5.24 -7.57 -15.17
N SER A 205 -4.75 -8.80 -15.08
CA SER A 205 -5.16 -9.71 -14.01
C SER A 205 -4.16 -9.64 -12.85
N GLY A 206 -3.04 -8.98 -13.08
CA GLY A 206 -2.02 -8.83 -12.05
C GLY A 206 -1.14 -10.06 -11.93
N ARG A 207 -1.34 -11.01 -12.85
CA ARG A 207 -0.59 -12.27 -12.82
C ARG A 207 0.87 -12.08 -13.22
N LEU A 208 1.64 -13.15 -13.11
CA LEU A 208 3.04 -13.13 -13.53
C LEU A 208 3.13 -13.39 -15.03
N TYR A 209 4.07 -12.73 -15.69
CA TYR A 209 4.26 -12.91 -17.13
C TYR A 209 5.73 -12.97 -17.54
N ALA A 210 5.99 -13.60 -18.67
CA ALA A 210 7.35 -13.80 -19.15
C ALA A 210 7.99 -12.51 -19.61
N GLY A 211 7.27 -11.78 -20.46
CA GLY A 211 7.79 -10.54 -21.02
C GLY A 211 7.42 -10.36 -22.48
N PRO A 212 8.12 -11.08 -23.37
CA PRO A 212 7.95 -10.96 -24.82
C PRO A 212 6.51 -11.19 -25.31
N GLU A 213 5.79 -12.13 -24.69
CA GLU A 213 4.45 -12.47 -25.15
C GLU A 213 3.41 -11.39 -24.77
N VAL A 214 3.84 -10.40 -24.01
CA VAL A 214 2.99 -9.26 -23.68
C VAL A 214 3.02 -8.22 -24.81
N ASP A 215 4.21 -7.94 -25.32
CA ASP A 215 4.38 -6.99 -26.42
C ASP A 215 3.74 -7.48 -27.71
N ILE A 216 3.66 -8.80 -27.87
CA ILE A 216 3.01 -9.37 -29.03
C ILE A 216 1.52 -9.08 -28.96
N TRP A 217 0.98 -9.08 -27.74
CA TRP A 217 -0.43 -8.77 -27.55
C TRP A 217 -0.69 -7.29 -27.81
N SER A 218 0.31 -6.46 -27.55
CA SER A 218 0.21 -5.03 -27.85
C SER A 218 0.41 -4.76 -29.34
N CYS A 219 1.21 -5.60 -29.99
CA CYS A 219 1.42 -5.46 -31.43
C CYS A 219 0.22 -6.03 -32.20
N GLY A 220 -0.51 -6.93 -31.55
CA GLY A 220 -1.70 -7.50 -32.13
C GLY A 220 -2.77 -6.45 -32.30
N VAL A 221 -3.01 -5.68 -31.25
CA VAL A 221 -4.02 -4.64 -31.26
C VAL A 221 -3.57 -3.43 -32.09
N ILE A 222 -2.27 -3.15 -32.09
CA ILE A 222 -1.73 -2.07 -32.92
C ILE A 222 -1.95 -2.35 -34.40
N LEU A 223 -1.82 -3.63 -34.78
CA LEU A 223 -2.11 -4.03 -36.15
C LEU A 223 -3.61 -3.90 -36.42
N TYR A 224 -4.42 -4.22 -35.42
CA TYR A 224 -5.87 -4.10 -35.53
C TYR A 224 -6.26 -2.65 -35.76
N ALA A 225 -5.74 -1.76 -34.93
CA ALA A 225 -6.04 -0.33 -35.03
C ALA A 225 -5.49 0.27 -36.32
N LEU A 226 -4.43 -0.34 -36.83
CA LEU A 226 -3.81 0.13 -38.07
C LEU A 226 -4.69 -0.20 -39.26
N LEU A 227 -5.35 -1.35 -39.20
CA LEU A 227 -6.17 -1.83 -40.31
C LEU A 227 -7.64 -1.42 -40.19
N CYS A 228 -8.22 -1.64 -39.02
CA CYS A 228 -9.64 -1.39 -38.81
C CYS A 228 -9.95 0.06 -38.44
N GLY A 229 -8.98 0.75 -37.83
CA GLY A 229 -9.17 2.13 -37.46
C GLY A 229 -9.71 2.29 -36.05
N THR A 230 -10.25 1.21 -35.50
CA THR A 230 -10.75 1.21 -34.12
C THR A 230 -10.02 0.16 -33.28
N LEU A 231 -10.41 0.04 -32.01
CA LEU A 231 -9.80 -0.93 -31.11
C LEU A 231 -10.65 -2.19 -31.01
N PRO A 232 -10.00 -3.36 -30.94
CA PRO A 232 -10.71 -4.63 -30.86
C PRO A 232 -11.33 -4.83 -29.48
N PHE A 233 -10.79 -4.14 -28.48
CA PHE A 233 -11.32 -4.21 -27.12
C PHE A 233 -11.51 -2.81 -26.56
N ASP A 234 -12.74 -2.31 -26.67
CA ASP A 234 -13.05 -0.96 -26.22
C ASP A 234 -14.45 -0.89 -25.58
N ASP A 235 -14.50 -0.27 -24.40
CA ASP A 235 -15.77 -0.02 -23.73
C ASP A 235 -15.58 1.11 -22.73
N GLU A 236 -16.61 1.94 -22.58
CA GLU A 236 -16.55 3.08 -21.66
C GLU A 236 -16.34 2.61 -20.23
N HIS A 237 -17.05 1.55 -19.86
CA HIS A 237 -16.92 0.96 -18.52
C HIS A 237 -15.63 0.15 -18.42
N VAL A 238 -14.76 0.53 -17.49
CA VAL A 238 -13.45 -0.12 -17.34
C VAL A 238 -13.51 -1.60 -16.91
N PRO A 239 -14.32 -1.95 -15.89
CA PRO A 239 -14.44 -3.37 -15.56
C PRO A 239 -14.98 -4.20 -16.72
N THR A 240 -15.92 -3.64 -17.46
CA THR A 240 -16.47 -4.30 -18.64
C THR A 240 -15.39 -4.44 -19.71
N LEU A 241 -14.47 -3.49 -19.74
CA LEU A 241 -13.35 -3.53 -20.67
C LEU A 241 -12.41 -4.69 -20.32
N PHE A 242 -12.22 -4.91 -19.03
CA PHE A 242 -11.37 -6.00 -18.56
C PHE A 242 -12.03 -7.35 -18.83
N LYS A 243 -13.36 -7.36 -18.81
CA LYS A 243 -14.11 -8.58 -19.08
C LYS A 243 -13.94 -9.01 -20.54
N LYS A 244 -13.83 -8.03 -21.43
CA LYS A 244 -13.70 -8.32 -22.85
C LYS A 244 -12.30 -8.81 -23.21
N ILE A 245 -11.29 -8.20 -22.59
CA ILE A 245 -9.92 -8.59 -22.81
C ILE A 245 -9.65 -10.01 -22.33
N ARG A 246 -10.13 -10.33 -21.13
CA ARG A 246 -9.99 -11.67 -20.58
C ARG A 246 -10.69 -12.69 -21.47
N GLY A 247 -11.73 -12.25 -22.14
CA GLY A 247 -12.47 -13.09 -23.09
C GLY A 247 -11.69 -13.29 -24.37
N GLY A 248 -10.86 -12.31 -24.69
CA GLY A 248 -10.04 -12.34 -25.88
C GLY A 248 -10.94 -12.36 -27.10
N VAL A 249 -11.94 -11.50 -27.09
CA VAL A 249 -13.04 -11.57 -28.02
C VAL A 249 -13.23 -10.23 -28.75
N PHE A 250 -13.21 -10.30 -30.08
CA PHE A 250 -13.29 -9.10 -30.90
C PHE A 250 -13.83 -9.36 -32.30
N TYR A 251 -14.15 -8.27 -32.99
CA TYR A 251 -14.78 -8.30 -34.30
C TYR A 251 -13.78 -8.29 -35.44
N ILE A 252 -13.89 -9.27 -36.33
CA ILE A 252 -13.09 -9.26 -37.55
C ILE A 252 -13.91 -8.85 -38.77
N PRO A 253 -13.77 -7.60 -39.21
CA PRO A 253 -14.53 -7.05 -40.35
C PRO A 253 -14.37 -7.88 -41.63
N GLU A 254 -15.29 -7.68 -42.57
CA GLU A 254 -15.29 -8.47 -43.81
C GLU A 254 -14.37 -7.91 -44.89
N TYR A 255 -13.78 -6.76 -44.64
CA TYR A 255 -12.80 -6.21 -45.57
C TYR A 255 -11.39 -6.64 -45.18
N LEU A 256 -11.31 -7.45 -44.13
CA LEU A 256 -10.05 -8.06 -43.71
C LEU A 256 -9.97 -9.48 -44.24
N ASN A 257 -9.05 -9.70 -45.18
CA ASN A 257 -8.90 -10.98 -45.86
C ASN A 257 -8.65 -12.15 -44.90
N ARG A 258 -8.78 -13.37 -45.42
CA ARG A 258 -8.62 -14.57 -44.60
C ARG A 258 -7.21 -14.69 -44.04
N SER A 259 -6.22 -14.25 -44.81
CA SER A 259 -4.81 -14.36 -44.44
C SER A 259 -4.44 -13.53 -43.21
N VAL A 260 -4.74 -12.23 -43.26
CA VAL A 260 -4.40 -11.32 -42.17
C VAL A 260 -5.35 -11.48 -40.98
N ALA A 261 -6.47 -12.17 -41.20
CA ALA A 261 -7.41 -12.44 -40.13
C ALA A 261 -6.85 -13.49 -39.19
N THR A 262 -6.18 -14.48 -39.76
CA THR A 262 -5.58 -15.55 -38.97
C THR A 262 -4.39 -15.03 -38.15
N LEU A 263 -3.70 -14.03 -38.66
CA LEU A 263 -2.56 -13.44 -37.97
C LEU A 263 -3.02 -12.70 -36.71
N LEU A 264 -4.17 -12.05 -36.80
CA LEU A 264 -4.70 -11.27 -35.69
C LEU A 264 -5.25 -12.17 -34.57
N MET A 265 -5.87 -13.28 -34.95
CA MET A 265 -6.39 -14.23 -33.97
C MET A 265 -5.23 -14.93 -33.28
N HIS A 266 -4.14 -15.09 -34.01
CA HIS A 266 -2.93 -15.73 -33.46
C HIS A 266 -2.26 -14.81 -32.45
N MET A 267 -2.22 -13.51 -32.77
CA MET A 267 -1.51 -12.54 -31.93
C MET A 267 -2.30 -12.12 -30.69
N LEU A 268 -3.62 -12.25 -30.75
CA LEU A 268 -4.48 -11.79 -29.67
C LEU A 268 -5.08 -12.96 -28.91
N GLN A 269 -4.37 -14.07 -28.89
CA GLN A 269 -4.81 -15.25 -28.16
C GLN A 269 -4.61 -15.06 -26.67
N VAL A 270 -5.66 -15.33 -25.90
CA VAL A 270 -5.67 -15.12 -24.46
C VAL A 270 -4.56 -15.91 -23.75
N ASP A 271 -4.59 -17.23 -23.89
CA ASP A 271 -3.57 -18.10 -23.31
C ASP A 271 -2.21 -17.81 -23.94
N PRO A 272 -1.29 -17.25 -23.13
CA PRO A 272 0.02 -16.77 -23.62
C PRO A 272 0.86 -17.87 -24.25
N LEU A 273 0.53 -19.12 -23.97
CA LEU A 273 1.24 -20.25 -24.53
C LEU A 273 0.75 -20.57 -25.94
N LYS A 274 -0.47 -20.14 -26.25
CA LYS A 274 -1.04 -20.35 -27.56
C LYS A 274 -0.79 -19.14 -28.46
N ARG A 275 -0.47 -18.01 -27.84
CA ARG A 275 -0.20 -16.78 -28.56
C ARG A 275 1.05 -16.90 -29.41
N ALA A 276 1.01 -16.32 -30.60
CA ALA A 276 2.13 -16.37 -31.53
C ALA A 276 3.36 -15.67 -30.97
N THR A 277 4.54 -16.12 -31.41
CA THR A 277 5.78 -15.47 -31.07
C THR A 277 6.31 -14.76 -32.30
N ILE A 278 7.38 -13.98 -32.12
CA ILE A 278 7.95 -13.22 -33.22
C ILE A 278 8.39 -14.13 -34.37
N LYS A 279 8.80 -15.35 -34.02
CA LYS A 279 9.17 -16.34 -35.03
C LYS A 279 7.94 -16.84 -35.77
N ASP A 280 6.80 -16.88 -35.08
CA ASP A 280 5.54 -17.29 -35.69
C ASP A 280 5.08 -16.27 -36.73
N ILE A 281 5.20 -14.99 -36.38
CA ILE A 281 4.76 -13.91 -37.24
C ILE A 281 5.62 -13.82 -38.51
N ARG A 282 6.93 -13.99 -38.35
CA ARG A 282 7.85 -13.93 -39.49
C ARG A 282 7.64 -15.08 -40.47
N GLU A 283 7.03 -16.16 -40.02
CA GLU A 283 6.77 -17.31 -40.86
C GLU A 283 5.39 -17.23 -41.51
N HIS A 284 4.60 -16.23 -41.11
CA HIS A 284 3.26 -16.05 -41.65
C HIS A 284 3.33 -15.48 -43.07
N GLU A 285 2.47 -15.98 -43.95
CA GLU A 285 2.52 -15.60 -45.35
C GLU A 285 2.26 -14.12 -45.58
N TRP A 286 1.27 -13.57 -44.88
CA TRP A 286 0.89 -12.17 -45.05
C TRP A 286 2.03 -11.23 -44.64
N PHE A 287 2.84 -11.66 -43.68
CA PHE A 287 3.92 -10.83 -43.18
C PHE A 287 5.16 -10.90 -44.09
N LYS A 288 5.37 -12.05 -44.71
CA LYS A 288 6.55 -12.27 -45.55
C LYS A 288 6.52 -11.43 -46.83
N GLN A 289 5.32 -11.13 -47.32
CA GLN A 289 5.18 -10.42 -48.58
C GLN A 289 5.71 -8.99 -48.50
N ASP A 290 6.45 -8.58 -49.52
CA ASP A 290 7.06 -7.25 -49.59
C ASP A 290 7.88 -6.91 -48.36
N LEU A 291 8.52 -7.90 -47.77
CA LEU A 291 9.33 -7.71 -46.58
C LEU A 291 10.79 -7.45 -46.94
N PRO A 292 11.30 -6.26 -46.59
CA PRO A 292 12.71 -5.91 -46.78
C PRO A 292 13.62 -6.88 -46.04
N SER A 293 14.76 -7.20 -46.63
CA SER A 293 15.65 -8.21 -46.05
C SER A 293 16.65 -7.63 -45.05
N TYR A 294 16.53 -6.35 -44.74
CA TYR A 294 17.46 -5.72 -43.80
C TYR A 294 16.86 -5.60 -42.40
N LEU A 295 15.65 -6.13 -42.23
CA LEU A 295 14.90 -5.93 -40.99
C LEU A 295 15.10 -7.04 -39.95
N PHE A 296 15.55 -8.21 -40.39
CA PHE A 296 15.71 -9.32 -39.48
C PHE A 296 17.05 -10.05 -39.69
N PRO A 297 17.64 -10.56 -38.59
CA PRO A 297 18.98 -11.16 -38.56
C PRO A 297 19.22 -12.30 -39.56
N GLU A 298 18.26 -13.21 -39.69
CA GLU A 298 18.45 -14.38 -40.55
C GLU A 298 18.25 -14.07 -42.04
N ASP A 299 17.72 -12.88 -42.32
CA ASP A 299 17.46 -12.46 -43.69
C ASP A 299 18.78 -12.16 -44.43
N PRO A 300 18.78 -12.34 -45.77
CA PRO A 300 19.98 -12.20 -46.61
C PRO A 300 20.72 -10.86 -46.50
N SER A 301 19.98 -9.77 -46.33
CA SER A 301 20.59 -8.43 -46.37
C SER A 301 21.00 -7.89 -45.01
N TYR A 302 20.89 -8.72 -43.97
CA TYR A 302 21.20 -8.27 -42.62
C TYR A 302 22.71 -8.24 -42.35
N ASP A 303 23.37 -9.36 -42.60
CA ASP A 303 24.79 -9.51 -42.27
C ASP A 303 25.68 -8.53 -43.04
N ALA A 304 25.17 -8.01 -44.15
CA ALA A 304 25.93 -7.09 -44.98
C ALA A 304 25.48 -5.64 -44.83
N ASN A 305 24.60 -5.38 -43.87
CA ASN A 305 24.10 -4.03 -43.64
C ASN A 305 24.02 -3.61 -42.17
N VAL A 306 24.03 -4.60 -41.28
CA VAL A 306 23.91 -4.34 -39.85
C VAL A 306 25.11 -4.89 -39.07
N ILE A 307 25.70 -4.06 -38.23
CA ILE A 307 26.80 -4.48 -37.38
C ILE A 307 26.30 -5.39 -36.26
N ASP A 308 26.90 -6.57 -36.13
CA ASP A 308 26.49 -7.54 -35.11
C ASP A 308 27.22 -7.32 -33.79
N ASP A 309 27.29 -8.38 -32.97
CA ASP A 309 27.94 -8.32 -31.67
C ASP A 309 29.42 -8.68 -31.77
N GLU A 310 30.02 -8.34 -32.90
CA GLU A 310 31.41 -8.70 -33.16
C GLU A 310 32.38 -7.67 -32.60
N ALA A 311 31.87 -6.49 -32.29
CA ALA A 311 32.68 -5.42 -31.71
C ALA A 311 33.19 -5.81 -30.32
N VAL A 312 32.35 -6.51 -29.57
CA VAL A 312 32.72 -7.00 -28.25
C VAL A 312 33.69 -8.17 -28.36
N LYS A 313 33.58 -8.92 -29.45
CA LYS A 313 34.42 -10.10 -29.67
C LYS A 313 35.82 -9.70 -30.15
N GLU A 314 35.94 -8.48 -30.67
CA GLU A 314 37.21 -7.98 -31.20
C GLU A 314 38.09 -7.44 -30.08
N ALA A 340 40.35 -6.51 -38.97
CA ALA A 340 39.90 -6.21 -40.32
C ALA A 340 39.41 -7.46 -41.05
N VAL A 341 40.34 -8.38 -41.32
CA VAL A 341 40.03 -9.61 -42.04
C VAL A 341 39.27 -10.59 -41.15
N ALA A 342 39.54 -10.53 -39.85
CA ALA A 342 38.96 -11.46 -38.87
C ALA A 342 37.47 -11.25 -38.65
N TYR A 343 37.00 -10.03 -38.91
CA TYR A 343 35.58 -9.71 -38.73
C TYR A 343 34.69 -10.55 -39.63
N HIS A 344 34.90 -10.45 -40.94
CA HIS A 344 34.08 -11.17 -41.92
C HIS A 344 34.24 -12.68 -41.80
N LEU A 345 35.28 -13.13 -41.10
CA LEU A 345 35.48 -14.55 -40.82
C LEU A 345 34.52 -15.00 -39.71
N ILE A 346 34.35 -14.17 -38.70
CA ILE A 346 33.45 -14.51 -37.59
C ILE A 346 32.00 -14.58 -38.06
N ILE A 347 31.58 -13.58 -38.84
CA ILE A 347 30.23 -13.55 -39.40
C ILE A 347 30.00 -14.75 -40.33
N ASP A 348 31.00 -15.05 -41.16
CA ASP A 348 30.92 -16.22 -42.03
C ASP A 348 30.84 -17.51 -41.25
N ASN A 349 31.60 -17.59 -40.15
CA ASN A 349 31.57 -18.76 -39.28
C ASN A 349 30.21 -18.94 -38.62
N ARG A 350 29.63 -17.85 -38.13
CA ARG A 350 28.34 -17.91 -37.46
C ARG A 350 27.20 -18.19 -38.43
N ARG A 351 27.35 -17.75 -39.68
CA ARG A 351 26.34 -18.02 -40.70
C ARG A 351 26.31 -19.50 -41.07
N ILE A 352 27.50 -20.10 -41.14
CA ILE A 352 27.60 -21.54 -41.40
C ILE A 352 26.94 -22.32 -40.28
N MET A 353 27.29 -21.97 -39.04
CA MET A 353 26.75 -22.63 -37.86
C MET A 353 25.24 -22.41 -37.71
N ASN A 354 24.77 -21.23 -38.10
CA ASN A 354 23.34 -20.94 -38.04
C ASN A 354 22.53 -21.74 -39.05
N GLN A 355 23.02 -21.82 -40.28
CA GLN A 355 22.31 -22.53 -41.35
C GLN A 355 22.36 -24.04 -41.20
N ALA A 356 22.93 -24.51 -40.09
CA ALA A 356 22.92 -25.93 -39.76
C ALA A 356 22.07 -26.15 -38.51
N SER A 357 20.77 -25.92 -38.64
CA SER A 357 19.85 -26.02 -37.52
C SER A 357 19.65 -27.47 -37.05
N GLU A 358 20.05 -28.42 -37.89
CA GLU A 358 19.93 -29.83 -37.56
C GLU A 358 21.08 -30.30 -36.67
N PHE A 359 22.08 -29.42 -36.53
CA PHE A 359 23.31 -29.76 -35.83
C PHE A 359 23.37 -29.13 -34.44
N TYR A 360 22.57 -28.09 -34.20
CA TYR A 360 22.60 -27.38 -32.93
C TYR A 360 21.28 -27.45 -32.17
N LEU A 361 20.20 -27.73 -32.89
CA LEU A 361 18.88 -27.79 -32.27
C LEU A 361 18.14 -29.06 -32.67
N ALA A 362 17.15 -29.44 -31.87
CA ALA A 362 16.36 -30.63 -32.16
C ALA A 362 15.08 -30.28 -32.91
N SER A 363 14.65 -31.17 -33.79
CA SER A 363 13.44 -30.95 -34.58
C SER A 363 12.17 -31.24 -33.77
N SER A 364 11.07 -31.49 -34.48
CA SER A 364 9.81 -31.83 -33.82
C SER A 364 8.88 -32.61 -34.75
N PRO A 365 8.19 -33.63 -34.21
CA PRO A 365 7.29 -34.47 -35.01
C PRO A 365 6.03 -33.72 -35.44
N LEU A 382 10.99 -39.92 -41.45
CA LEU A 382 12.18 -39.96 -42.28
C LEU A 382 13.17 -41.00 -41.79
N LYS A 383 14.46 -40.70 -41.95
CA LYS A 383 15.53 -41.60 -41.51
C LYS A 383 15.76 -41.50 -40.00
N PRO A 384 15.65 -42.63 -39.30
CA PRO A 384 15.90 -42.68 -37.86
C PRO A 384 17.40 -42.59 -37.54
N HIS A 385 17.75 -41.84 -36.51
CA HIS A 385 19.14 -41.66 -36.12
C HIS A 385 19.72 -43.00 -35.66
N PRO A 386 20.96 -43.29 -36.07
CA PRO A 386 21.64 -44.56 -35.71
C PRO A 386 21.68 -44.81 -34.20
N GLU A 387 21.83 -43.76 -33.42
CA GLU A 387 21.96 -43.89 -31.97
C GLU A 387 20.62 -43.81 -31.24
N ARG A 388 19.53 -43.93 -31.97
CA ARG A 388 18.20 -43.88 -31.38
C ARG A 388 17.91 -45.11 -30.53
N MET A 389 17.47 -44.88 -29.29
CA MET A 389 17.20 -45.95 -28.35
C MET A 389 15.80 -46.55 -28.52
N PRO A 390 15.73 -47.88 -28.57
CA PRO A 390 14.45 -48.60 -28.61
C PRO A 390 13.69 -48.34 -27.32
N PRO A 391 12.38 -48.63 -27.30
CA PRO A 391 11.62 -48.47 -26.06
C PRO A 391 11.95 -49.60 -25.09
N LEU A 392 11.96 -49.29 -23.79
CA LEU A 392 12.23 -50.28 -22.75
C LEU A 392 11.06 -51.26 -22.64
N ILE A 393 11.34 -52.55 -22.55
CA ILE A 393 10.25 -53.50 -22.37
C ILE A 393 9.97 -53.78 -20.90
N ALA A 394 8.70 -53.75 -20.55
CA ALA A 394 8.28 -53.98 -19.18
C ALA A 394 8.62 -55.39 -18.68
N ALA A 415 5.16 -52.72 -23.33
CA ALA A 415 5.99 -51.52 -23.29
C ALA A 415 5.63 -50.66 -22.09
N VAL A 416 6.65 -50.10 -21.44
CA VAL A 416 6.42 -49.19 -20.32
C VAL A 416 5.93 -47.83 -20.75
N LYS A 417 5.21 -47.19 -19.85
CA LYS A 417 4.71 -45.82 -20.03
C LYS A 417 5.80 -44.78 -19.76
N LYS A 418 5.96 -43.86 -20.69
CA LYS A 418 6.95 -42.78 -20.59
C LYS A 418 6.74 -41.94 -19.34
N ALA A 419 7.62 -42.09 -18.36
CA ALA A 419 7.54 -41.35 -17.11
C ALA A 419 7.46 -39.85 -17.36
N LYS A 420 6.53 -39.19 -16.68
CA LYS A 420 6.35 -37.76 -16.85
C LYS A 420 7.05 -36.95 -15.76
N TRP A 421 7.82 -35.97 -16.19
CA TRP A 421 8.49 -35.06 -15.28
C TRP A 421 7.49 -34.03 -14.76
N HIS A 422 7.71 -33.53 -13.55
CA HIS A 422 6.85 -32.49 -13.00
C HIS A 422 7.67 -31.38 -12.35
N LEU A 423 7.07 -30.20 -12.24
CA LEU A 423 7.76 -29.04 -11.66
C LEU A 423 7.76 -29.10 -10.14
N GLY A 424 8.96 -29.13 -9.57
CA GLY A 424 9.13 -29.13 -8.12
C GLY A 424 8.36 -30.22 -7.41
N ILE A 425 7.65 -29.84 -6.36
CA ILE A 425 6.88 -30.77 -5.57
C ILE A 425 5.52 -30.14 -5.23
N ARG A 426 4.50 -30.98 -5.10
CA ARG A 426 3.15 -30.46 -4.85
C ARG A 426 2.64 -30.75 -3.44
N SER A 427 1.52 -30.12 -3.10
CA SER A 427 0.88 -30.32 -1.81
C SER A 427 -0.59 -29.92 -1.88
N GLN A 428 -1.40 -30.44 -0.96
CA GLN A 428 -2.81 -30.10 -0.87
C GLN A 428 -3.17 -29.65 0.54
N SER A 429 -2.16 -29.33 1.33
CA SER A 429 -2.38 -28.85 2.69
C SER A 429 -2.49 -27.33 2.72
N LYS A 430 -2.65 -26.77 3.91
CA LYS A 430 -2.75 -25.32 4.07
C LYS A 430 -1.43 -24.64 3.69
N PRO A 431 -1.51 -23.45 3.09
CA PRO A 431 -0.33 -22.67 2.67
C PRO A 431 0.57 -22.31 3.85
N TYR A 432 -0.03 -22.05 5.01
CA TYR A 432 0.74 -21.75 6.21
C TYR A 432 1.42 -23.01 6.75
N ASP A 433 0.75 -24.15 6.63
CA ASP A 433 1.29 -25.42 7.10
C ASP A 433 2.50 -25.86 6.29
N ILE A 434 2.50 -25.53 5.00
CA ILE A 434 3.61 -25.87 4.11
C ILE A 434 4.85 -25.04 4.48
N MET A 435 4.66 -23.74 4.68
CA MET A 435 5.74 -22.86 5.10
C MET A 435 6.25 -23.24 6.49
N ALA A 436 5.33 -23.67 7.35
CA ALA A 436 5.70 -24.13 8.68
C ALA A 436 6.44 -25.46 8.58
N GLU A 437 6.18 -26.20 7.52
CA GLU A 437 6.82 -27.49 7.31
C GLU A 437 8.24 -27.35 6.74
N VAL A 438 8.43 -26.36 5.87
CA VAL A 438 9.74 -26.15 5.26
C VAL A 438 10.68 -25.36 6.18
N TYR A 439 10.11 -24.76 7.22
CA TYR A 439 10.92 -24.02 8.19
C TYR A 439 11.62 -24.98 9.15
N ARG A 440 10.91 -26.03 9.56
CA ARG A 440 11.48 -27.04 10.44
C ARG A 440 12.33 -28.02 9.64
N ALA A 441 12.19 -27.97 8.32
CA ALA A 441 12.95 -28.84 7.43
C ALA A 441 14.38 -28.32 7.26
N MET A 442 14.55 -27.02 7.44
CA MET A 442 15.86 -26.40 7.30
C MET A 442 16.64 -26.42 8.61
N LYS A 443 15.94 -26.68 9.71
CA LYS A 443 16.58 -26.80 11.01
C LYS A 443 17.42 -28.08 11.07
N GLN A 444 16.89 -29.15 10.50
CA GLN A 444 17.56 -30.45 10.53
C GLN A 444 18.72 -30.52 9.54
N LEU A 445 18.75 -29.58 8.60
CA LEU A 445 19.79 -29.57 7.57
C LEU A 445 20.70 -28.37 7.70
N ASP A 446 20.45 -27.55 8.72
CA ASP A 446 21.24 -26.36 9.01
C ASP A 446 21.36 -25.42 7.81
N PHE A 447 20.23 -24.88 7.39
CA PHE A 447 20.20 -23.91 6.30
C PHE A 447 20.12 -22.49 6.88
N GLU A 448 20.81 -21.56 6.23
CA GLU A 448 20.72 -20.16 6.61
C GLU A 448 19.89 -19.41 5.56
N TRP A 449 18.81 -18.77 6.00
CA TRP A 449 17.85 -18.20 5.07
C TRP A 449 17.35 -16.82 5.46
N LYS A 450 17.01 -16.02 4.45
CA LYS A 450 16.44 -14.70 4.65
C LYS A 450 15.05 -14.67 4.03
N VAL A 451 14.13 -13.95 4.67
CA VAL A 451 12.76 -13.87 4.18
C VAL A 451 12.53 -12.62 3.33
N VAL A 452 12.12 -12.84 2.08
CA VAL A 452 11.79 -11.75 1.17
C VAL A 452 10.28 -11.62 1.07
N ASN A 453 9.59 -12.75 1.22
CA ASN A 453 8.14 -12.79 1.19
C ASN A 453 7.66 -13.98 2.01
N ALA A 454 6.40 -13.95 2.42
CA ALA A 454 5.81 -15.05 3.19
C ALA A 454 5.78 -16.33 2.38
N TYR A 455 6.02 -16.22 1.08
CA TYR A 455 6.10 -17.38 0.21
C TYR A 455 7.34 -17.32 -0.68
N HIS A 456 8.37 -16.64 -0.21
CA HIS A 456 9.62 -16.52 -0.97
C HIS A 456 10.85 -16.54 -0.06
N LEU A 457 11.51 -17.69 0.03
CA LEU A 457 12.69 -17.85 0.88
C LEU A 457 13.98 -17.95 0.07
N ARG A 458 15.01 -17.25 0.54
CA ARG A 458 16.32 -17.29 -0.11
C ARG A 458 17.31 -18.03 0.79
N VAL A 459 17.31 -19.36 0.70
CA VAL A 459 18.11 -20.20 1.59
C VAL A 459 19.55 -20.38 1.11
N ARG A 460 20.41 -20.82 2.02
CA ARG A 460 21.83 -20.96 1.74
C ARG A 460 22.51 -21.97 2.65
N ARG A 461 23.28 -22.88 2.05
CA ARG A 461 24.06 -23.87 2.80
C ARG A 461 25.52 -23.83 2.38
N LYS A 462 26.40 -24.01 3.35
CA LYS A 462 27.83 -24.06 3.08
C LYS A 462 28.28 -25.50 2.82
N ASN A 463 28.82 -25.73 1.62
CA ASN A 463 29.33 -27.04 1.27
C ASN A 463 30.53 -27.40 2.14
N PRO A 464 30.43 -28.53 2.87
CA PRO A 464 31.44 -28.95 3.85
C PRO A 464 32.73 -29.46 3.21
N VAL A 465 32.64 -29.86 1.95
CA VAL A 465 33.78 -30.45 1.25
C VAL A 465 34.60 -29.42 0.49
N THR A 466 33.91 -28.52 -0.22
CA THR A 466 34.58 -27.53 -1.04
C THR A 466 34.77 -26.20 -0.31
N GLY A 467 33.87 -25.91 0.64
CA GLY A 467 33.93 -24.68 1.41
C GLY A 467 33.06 -23.61 0.81
N ASN A 468 32.71 -23.77 -0.46
CA ASN A 468 31.87 -22.82 -1.16
C ASN A 468 30.45 -22.83 -0.63
N TYR A 469 29.79 -21.68 -0.65
CA TYR A 469 28.40 -21.60 -0.22
C TYR A 469 27.48 -22.05 -1.35
N VAL A 470 26.34 -22.62 -0.99
CA VAL A 470 25.36 -23.05 -1.98
C VAL A 470 23.99 -22.47 -1.64
N LYS A 471 23.52 -21.54 -2.46
CA LYS A 471 22.26 -20.86 -2.21
C LYS A 471 21.23 -21.11 -3.32
N MET A 472 19.95 -21.13 -2.95
CA MET A 472 18.88 -21.30 -3.91
C MET A 472 17.62 -20.54 -3.49
N SER A 473 16.64 -20.47 -4.39
CA SER A 473 15.41 -19.73 -4.14
C SER A 473 14.19 -20.64 -3.97
N LEU A 474 13.29 -20.26 -3.09
CA LEU A 474 12.07 -21.02 -2.85
C LEU A 474 10.84 -20.14 -2.98
N GLN A 475 9.91 -20.55 -3.85
CA GLN A 475 8.68 -19.80 -4.06
C GLN A 475 7.49 -20.74 -4.11
N LEU A 476 6.50 -20.50 -3.25
CA LEU A 476 5.29 -21.31 -3.24
C LEU A 476 4.26 -20.71 -4.21
N TYR A 477 3.67 -21.56 -5.05
CA TYR A 477 2.68 -21.12 -6.01
C TYR A 477 1.32 -21.78 -5.74
N LEU A 478 0.29 -21.30 -6.42
CA LEU A 478 -1.04 -21.89 -6.29
C LEU A 478 -1.46 -22.51 -7.62
N VAL A 479 -1.73 -23.81 -7.60
CA VAL A 479 -2.10 -24.52 -8.82
C VAL A 479 -3.57 -24.94 -8.73
N ASP A 480 -4.26 -24.87 -9.86
CA ASP A 480 -5.66 -25.27 -9.96
C ASP A 480 -6.51 -24.57 -8.91
N ASN A 481 -7.11 -25.37 -8.02
CA ASN A 481 -7.97 -24.82 -6.98
C ASN A 481 -7.44 -25.11 -5.58
N ARG A 482 -7.51 -26.38 -5.17
CA ARG A 482 -7.08 -26.77 -3.84
C ARG A 482 -5.77 -27.56 -3.86
N SER A 483 -4.71 -26.92 -4.35
CA SER A 483 -3.39 -27.52 -4.40
C SER A 483 -2.30 -26.47 -4.55
N TYR A 484 -1.11 -26.76 -4.01
CA TYR A 484 0.00 -25.82 -4.06
C TYR A 484 1.29 -26.47 -4.56
N LEU A 485 2.23 -25.65 -5.01
CA LEU A 485 3.46 -26.13 -5.59
C LEU A 485 4.65 -25.30 -5.10
N LEU A 486 5.71 -25.97 -4.68
CA LEU A 486 6.92 -25.30 -4.23
C LEU A 486 7.96 -25.31 -5.34
N ASP A 487 8.52 -24.14 -5.64
CA ASP A 487 9.49 -24.03 -6.73
C ASP A 487 10.92 -23.92 -6.21
N PHE A 488 11.83 -24.66 -6.83
CA PHE A 488 13.24 -24.61 -6.49
C PHE A 488 14.00 -23.90 -7.60
N LYS A 489 14.66 -22.80 -7.27
CA LYS A 489 15.41 -22.02 -8.26
C LYS A 489 16.86 -21.81 -7.83
N SER A 490 17.79 -22.16 -8.71
CA SER A 490 19.21 -22.02 -8.41
C SER A 490 19.69 -20.58 -8.54
N ILE A 491 20.60 -20.18 -7.66
CA ILE A 491 21.13 -18.83 -7.65
C ILE A 491 22.63 -18.84 -7.96
N ASP A 492 23.06 -17.95 -8.84
CA ASP A 492 24.48 -17.82 -9.13
C ASP A 492 25.05 -16.61 -8.40
N LEU A 551 35.54 -25.86 -6.79
CA LEU A 551 36.24 -27.15 -6.81
C LEU A 551 35.31 -28.27 -7.26
N GLY A 552 34.08 -28.26 -6.76
CA GLY A 552 33.11 -29.27 -7.10
C GLY A 552 32.36 -28.94 -8.37
N SER A 553 31.03 -28.93 -8.29
CA SER A 553 30.20 -28.54 -9.42
C SER A 553 29.01 -27.71 -8.95
N HIS A 554 28.86 -26.53 -9.53
CA HIS A 554 27.79 -25.61 -9.14
C HIS A 554 26.42 -26.23 -9.35
N THR A 555 26.26 -26.99 -10.43
CA THR A 555 24.99 -27.65 -10.71
C THR A 555 24.72 -28.77 -9.71
N MET A 556 25.71 -29.63 -9.51
CA MET A 556 25.56 -30.76 -8.60
C MET A 556 25.30 -30.31 -7.16
N ASP A 557 25.87 -29.18 -6.78
CA ASP A 557 25.64 -28.62 -5.46
C ASP A 557 24.19 -28.18 -5.29
N PHE A 558 23.60 -27.68 -6.38
CA PHE A 558 22.21 -27.26 -6.38
C PHE A 558 21.28 -28.46 -6.29
N PHE A 559 21.61 -29.51 -7.04
CA PHE A 559 20.82 -30.74 -7.01
C PHE A 559 20.89 -31.42 -5.65
N GLU A 560 22.10 -31.60 -5.14
CA GLU A 560 22.30 -32.27 -3.86
C GLU A 560 21.71 -31.49 -2.69
N MET A 561 21.58 -30.18 -2.86
CA MET A 561 20.94 -29.35 -1.84
C MET A 561 19.43 -29.55 -1.88
N CYS A 562 18.90 -29.71 -3.09
CA CYS A 562 17.47 -29.94 -3.27
C CYS A 562 17.08 -31.35 -2.85
N ALA A 563 17.99 -32.28 -3.08
CA ALA A 563 17.73 -33.69 -2.79
C ALA A 563 17.51 -33.91 -1.29
N SER A 564 18.34 -33.28 -0.47
CA SER A 564 18.26 -33.44 0.97
C SER A 564 17.03 -32.77 1.56
N LEU A 565 16.61 -31.67 0.95
CA LEU A 565 15.45 -30.93 1.43
C LEU A 565 14.15 -31.62 1.06
N ILE A 566 14.10 -32.17 -0.16
CA ILE A 566 12.90 -32.87 -0.63
C ILE A 566 12.70 -34.15 0.18
N THR A 567 13.80 -34.84 0.46
CA THR A 567 13.75 -36.07 1.23
C THR A 567 13.21 -35.82 2.65
N THR A 568 13.79 -34.85 3.35
CA THR A 568 13.35 -34.53 4.70
C THR A 568 12.14 -33.60 4.70
N LEU A 569 11.16 -33.90 3.85
CA LEU A 569 9.97 -33.08 3.73
C LEU A 569 8.76 -33.95 3.43
N ALA A 570 8.28 -34.66 4.46
CA ALA A 570 7.13 -35.56 4.34
C ALA A 570 7.31 -36.59 3.23
N ARG B 94 29.32 23.75 -17.98
CA ARG B 94 28.85 23.43 -16.64
C ARG B 94 27.53 24.13 -16.31
N PRO B 95 26.42 23.64 -16.90
CA PRO B 95 25.10 24.27 -16.78
C PRO B 95 24.43 24.03 -15.42
N THR B 96 23.59 24.99 -15.01
CA THR B 96 22.87 24.92 -13.75
C THR B 96 21.46 25.47 -13.94
N VAL B 97 20.45 24.68 -13.59
CA VAL B 97 19.06 25.04 -13.88
C VAL B 97 18.34 25.74 -12.72
N PHE B 98 17.86 26.94 -12.97
CA PHE B 98 17.07 27.70 -12.00
C PHE B 98 15.61 27.80 -12.44
N ARG B 99 14.77 26.97 -11.86
CA ARG B 99 13.38 26.87 -12.31
C ARG B 99 12.40 27.31 -11.23
N TRP B 100 11.57 28.30 -11.57
CA TRP B 100 10.55 28.80 -10.66
C TRP B 100 9.21 28.12 -10.93
N THR B 101 8.88 27.13 -10.10
CA THR B 101 7.68 26.32 -10.30
C THR B 101 6.42 27.07 -9.91
N GLY B 102 6.56 28.05 -9.02
CA GLY B 102 5.43 28.81 -8.52
C GLY B 102 4.73 29.66 -9.58
N GLY B 103 3.68 30.37 -9.16
CA GLY B 103 2.93 31.21 -10.07
C GLY B 103 3.52 32.61 -10.18
N GLY B 104 2.90 33.43 -11.03
CA GLY B 104 3.35 34.81 -11.22
C GLY B 104 3.16 35.29 -12.64
N LYS B 105 3.43 36.58 -12.86
CA LYS B 105 3.34 37.15 -14.20
C LYS B 105 4.72 37.46 -14.77
N GLU B 106 5.64 37.89 -13.91
CA GLU B 106 7.01 38.17 -14.32
C GLU B 106 8.02 37.89 -13.21
N VAL B 107 8.93 36.95 -13.46
CA VAL B 107 9.86 36.47 -12.46
C VAL B 107 11.32 36.82 -12.80
N TYR B 108 12.04 37.34 -11.80
CA TYR B 108 13.45 37.70 -11.96
C TYR B 108 14.35 36.87 -11.06
N LEU B 109 15.57 36.57 -11.52
CA LEU B 109 16.53 35.80 -10.74
C LEU B 109 17.71 36.66 -10.29
N SER B 110 18.06 36.56 -9.00
CA SER B 110 19.15 37.34 -8.44
C SER B 110 20.01 36.50 -7.51
N GLY B 111 21.33 36.60 -7.66
CA GLY B 111 22.25 35.86 -6.83
C GLY B 111 23.61 36.52 -6.74
N SER B 112 24.59 35.80 -6.20
CA SER B 112 25.95 36.32 -6.09
C SER B 112 26.62 36.33 -7.46
N PHE B 113 26.07 35.56 -8.39
CA PHE B 113 26.58 35.51 -9.75
C PHE B 113 26.18 36.76 -10.53
N ASN B 114 25.07 37.35 -10.13
CA ASN B 114 24.51 38.51 -10.83
C ASN B 114 24.75 39.79 -10.05
N ASN B 115 25.51 39.66 -8.95
CA ASN B 115 25.67 40.73 -7.98
C ASN B 115 24.31 41.22 -7.47
N TRP B 116 23.42 40.26 -7.29
CA TRP B 116 22.04 40.52 -6.85
C TRP B 116 21.27 41.47 -7.75
N SER B 117 21.54 41.37 -9.05
CA SER B 117 20.79 42.10 -10.06
C SER B 117 19.67 41.21 -10.60
N LYS B 118 18.69 41.82 -11.27
CA LYS B 118 17.52 41.08 -11.72
C LYS B 118 17.63 40.55 -13.15
N LEU B 119 17.67 39.24 -13.29
CA LEU B 119 17.74 38.58 -14.59
C LEU B 119 16.36 38.10 -15.02
N PRO B 120 15.87 38.59 -16.16
CA PRO B 120 14.56 38.21 -16.72
C PRO B 120 14.47 36.72 -17.05
N LEU B 121 13.37 36.09 -16.67
CA LEU B 121 13.18 34.66 -16.92
C LEU B 121 12.15 34.41 -18.02
N THR B 122 12.49 33.52 -18.95
CA THR B 122 11.58 33.13 -20.01
C THR B 122 10.49 32.24 -19.43
N ARG B 123 9.30 32.27 -20.04
CA ARG B 123 8.17 31.52 -19.51
C ARG B 123 7.61 30.49 -20.51
N HIS B 125 4.45 27.46 -19.96
CA HIS B 125 3.06 27.57 -19.53
C HIS B 125 3.01 28.07 -18.08
N ASN B 126 3.78 27.43 -17.21
CA ASN B 126 3.77 27.73 -15.79
C ASN B 126 5.18 27.90 -15.24
N ASN B 127 6.17 27.44 -16.02
CA ASN B 127 7.56 27.47 -15.60
C ASN B 127 8.29 28.76 -15.97
N PHE B 128 9.04 29.28 -15.01
CA PHE B 128 9.96 30.39 -15.26
C PHE B 128 11.38 29.90 -15.01
N VAL B 129 12.08 29.60 -16.10
CA VAL B 129 13.39 28.94 -15.99
C VAL B 129 14.54 29.76 -16.59
N ALA B 130 15.73 29.55 -16.06
CA ALA B 130 16.94 30.16 -16.61
C ALA B 130 18.15 29.29 -16.33
N ILE B 131 18.91 29.02 -17.38
CA ILE B 131 19.99 28.06 -17.28
C ILE B 131 21.34 28.74 -17.45
N LEU B 132 22.06 28.84 -16.33
CA LEU B 132 23.31 29.60 -16.26
C LEU B 132 24.50 28.67 -16.23
N ASP B 133 25.70 29.25 -16.37
CA ASP B 133 26.92 28.48 -16.33
C ASP B 133 27.68 28.79 -15.04
N LEU B 134 27.51 27.94 -14.03
CA LEU B 134 28.11 28.17 -12.73
C LEU B 134 29.23 27.21 -12.41
N PRO B 135 30.30 27.71 -11.76
CA PRO B 135 31.45 26.91 -11.34
C PRO B 135 31.11 26.02 -10.15
N GLU B 136 32.09 25.31 -9.62
CA GLU B 136 31.89 24.43 -8.47
C GLU B 136 31.79 25.23 -7.17
N GLY B 137 31.08 24.66 -6.20
CA GLY B 137 30.94 25.29 -4.90
C GLY B 137 29.51 25.63 -4.53
N GLU B 138 29.35 26.54 -3.58
CA GLU B 138 28.02 26.98 -3.15
C GLU B 138 27.65 28.30 -3.80
N HIS B 139 26.35 28.53 -3.94
CA HIS B 139 25.85 29.77 -4.51
C HIS B 139 24.56 30.20 -3.81
N GLN B 140 24.40 31.50 -3.61
CA GLN B 140 23.21 32.04 -2.96
C GLN B 140 22.34 32.79 -3.96
N TYR B 141 21.17 32.23 -4.27
CA TYR B 141 20.26 32.84 -5.23
C TYR B 141 18.89 33.14 -4.61
N LYS B 142 18.18 34.12 -5.17
CA LYS B 142 16.85 34.49 -4.68
C LYS B 142 15.98 35.07 -5.79
N PHE B 143 14.71 34.65 -5.82
CA PHE B 143 13.77 35.08 -6.85
C PHE B 143 13.08 36.40 -6.54
N PHE B 144 12.47 37.00 -7.55
CA PHE B 144 11.72 38.24 -7.41
C PHE B 144 10.47 38.19 -8.28
N VAL B 145 9.33 37.88 -7.66
CA VAL B 145 8.09 37.66 -8.41
C VAL B 145 7.05 38.75 -8.17
N ASP B 146 6.75 39.51 -9.21
CA ASP B 146 5.69 40.52 -9.20
C ASP B 146 5.89 41.60 -8.13
N GLY B 147 7.14 41.99 -7.89
CA GLY B 147 7.43 43.06 -6.96
C GLY B 147 7.81 42.62 -5.55
N GLN B 148 7.92 41.31 -5.33
CA GLN B 148 8.24 40.80 -4.00
C GLN B 148 9.41 39.80 -4.02
N TRP B 149 10.27 39.90 -3.02
CA TRP B 149 11.39 38.96 -2.87
C TRP B 149 10.90 37.65 -2.24
N THR B 150 11.23 36.53 -2.88
CA THR B 150 10.80 35.23 -2.39
C THR B 150 11.81 34.14 -2.75
N HIS B 151 11.74 33.01 -2.03
CA HIS B 151 12.63 31.89 -2.27
C HIS B 151 11.83 30.61 -2.45
N ASP B 152 12.48 29.57 -2.97
CA ASP B 152 11.81 28.29 -3.18
C ASP B 152 11.82 27.46 -1.90
N PRO B 153 10.62 27.20 -1.34
CA PRO B 153 10.47 26.48 -0.07
C PRO B 153 11.07 25.08 -0.10
N SER B 154 11.12 24.47 -1.28
CA SER B 154 11.66 23.13 -1.42
C SER B 154 13.16 23.15 -1.68
N GLU B 155 13.80 24.26 -1.34
CA GLU B 155 15.25 24.40 -1.53
C GLU B 155 15.93 24.93 -0.27
N PRO B 156 17.18 24.47 -0.02
CA PRO B 156 17.95 24.90 1.14
C PRO B 156 18.12 26.41 1.20
N ILE B 157 17.86 26.99 2.36
CA ILE B 157 17.93 28.44 2.53
C ILE B 157 18.99 28.82 3.56
N VAL B 158 19.22 30.12 3.72
CA VAL B 158 20.18 30.61 4.70
C VAL B 158 19.84 32.06 5.12
N THR B 159 20.01 32.35 6.41
CA THR B 159 19.74 33.69 6.92
C THR B 159 21.05 34.45 7.15
N SER B 160 21.15 35.61 6.51
CA SER B 160 22.37 36.42 6.58
C SER B 160 22.36 37.37 7.78
N GLN B 161 21.79 36.91 8.89
CA GLN B 161 21.74 37.67 10.15
C GLN B 161 21.07 39.04 10.08
N LEU B 162 20.51 39.38 8.91
CA LEU B 162 19.81 40.64 8.73
C LEU B 162 18.36 40.41 8.32
N GLY B 163 17.89 39.17 8.48
CA GLY B 163 16.51 38.84 8.16
C GLY B 163 16.33 38.40 6.72
N THR B 164 17.36 38.64 5.90
CA THR B 164 17.31 38.26 4.49
C THR B 164 17.45 36.75 4.32
N VAL B 165 16.51 36.14 3.59
CA VAL B 165 16.54 34.70 3.36
C VAL B 165 16.58 34.36 1.87
N ASN B 166 17.72 33.83 1.44
CA ASN B 166 17.91 33.41 0.05
C ASN B 166 18.28 31.94 -0.04
N ASN B 167 18.09 31.36 -1.22
CA ASN B 167 18.33 29.93 -1.42
C ASN B 167 19.80 29.57 -1.55
N ILE B 168 20.12 28.30 -1.31
CA ILE B 168 21.47 27.77 -1.44
C ILE B 168 21.47 26.62 -2.42
N ILE B 169 22.39 26.64 -3.38
CA ILE B 169 22.56 25.53 -4.29
C ILE B 169 24.03 25.11 -4.36
N GLN B 170 24.28 23.81 -4.30
CA GLN B 170 25.64 23.29 -4.36
C GLN B 170 25.94 22.66 -5.71
N VAL B 171 26.81 23.32 -6.48
CA VAL B 171 27.27 22.79 -7.75
C VAL B 171 28.50 21.91 -7.52
N LYS B 172 28.29 20.60 -7.52
CA LYS B 172 29.38 19.66 -7.27
C LYS B 172 30.02 19.19 -8.57
N LYS B 173 31.21 18.61 -8.47
CA LYS B 173 31.94 18.15 -9.64
C LYS B 173 31.31 16.88 -10.21
N THR B 174 30.47 16.23 -9.40
CA THR B 174 29.83 14.99 -9.80
C THR B 174 28.43 15.22 -10.38
N ASP B 175 28.05 16.49 -10.51
CA ASP B 175 26.73 16.83 -11.03
C ASP B 175 26.73 17.03 -12.54
N PHE B 176 27.87 16.76 -13.17
CA PHE B 176 27.99 16.97 -14.61
C PHE B 176 28.25 15.67 -15.37
N GLU B 177 28.57 14.61 -14.64
CA GLU B 177 28.70 13.28 -15.22
C GLU B 177 27.46 12.49 -14.85
N VAL B 178 26.86 11.83 -15.83
CA VAL B 178 25.58 11.15 -15.63
C VAL B 178 25.67 9.96 -14.67
N PHE B 179 26.65 9.10 -14.91
CA PHE B 179 26.81 7.89 -14.10
C PHE B 179 27.40 8.19 -12.72
N ASP B 180 28.11 9.30 -12.60
CA ASP B 180 28.61 9.74 -11.31
C ASP B 180 27.50 10.42 -10.52
N ALA B 181 26.51 10.96 -11.24
CA ALA B 181 25.36 11.62 -10.61
C ALA B 181 24.31 10.60 -10.20
N LEU B 182 24.17 9.54 -10.99
CA LEU B 182 23.27 8.46 -10.65
C LEU B 182 23.81 7.66 -9.47
N MET B 183 25.13 7.70 -9.28
CA MET B 183 25.79 7.00 -8.18
C MET B 183 25.55 7.71 -6.85
N VAL B 184 25.64 9.03 -6.85
CA VAL B 184 25.42 9.82 -5.64
C VAL B 184 23.93 9.89 -5.30
N ASP B 185 23.09 9.74 -6.33
CA ASP B 185 21.64 9.74 -6.13
C ASP B 185 21.17 8.42 -5.53
N SER B 186 21.87 7.34 -5.84
CA SER B 186 21.51 6.03 -5.34
C SER B 186 21.92 5.85 -3.88
N GLN B 187 23.07 6.41 -3.52
CA GLN B 187 23.57 6.32 -2.15
C GLN B 187 22.85 7.30 -1.22
N LYS B 188 22.14 8.25 -1.81
CA LYS B 188 21.37 9.23 -1.04
C LYS B 188 19.88 8.97 -1.23
N CYS B 189 19.52 7.68 -1.30
CA CYS B 189 18.13 7.28 -1.48
C CYS B 189 17.88 5.91 -0.86
N TYR B 203 24.33 -11.78 6.68
CA TYR B 203 23.73 -13.10 6.85
C TYR B 203 22.54 -13.04 7.81
N HIS B 204 21.41 -13.61 7.42
CA HIS B 204 20.28 -13.72 8.34
C HIS B 204 19.89 -15.17 8.63
N GLN B 205 18.89 -15.33 9.50
CA GLN B 205 18.35 -16.65 9.82
C GLN B 205 16.89 -16.67 10.34
N GLU B 206 16.57 -17.73 11.09
CA GLU B 206 15.22 -18.06 11.60
C GLU B 206 14.18 -16.95 11.64
N PRO B 207 13.04 -17.19 11.01
CA PRO B 207 11.97 -16.18 10.91
C PRO B 207 10.55 -16.73 11.00
N TYR B 208 9.61 -15.81 11.13
CA TYR B 208 8.20 -16.12 11.26
C TYR B 208 7.39 -14.93 10.75
N VAL B 209 6.35 -15.20 9.96
CA VAL B 209 5.54 -14.13 9.39
C VAL B 209 4.58 -13.53 10.42
N PRO B 219 -0.26 -16.17 -2.11
CA PRO B 219 0.47 -17.04 -3.05
C PRO B 219 0.09 -16.75 -4.49
N PRO B 220 1.03 -16.24 -5.29
CA PRO B 220 0.78 -15.88 -6.69
C PRO B 220 0.43 -17.09 -7.54
N ILE B 221 -0.43 -16.91 -8.53
CA ILE B 221 -0.81 -17.99 -9.43
C ILE B 221 0.41 -18.49 -10.20
N LEU B 222 0.50 -19.80 -10.37
CA LEU B 222 1.62 -20.39 -11.09
C LEU B 222 1.56 -20.05 -12.58
N PRO B 223 2.63 -19.42 -13.10
CA PRO B 223 2.71 -19.05 -14.52
C PRO B 223 2.69 -20.28 -15.42
N PRO B 224 1.95 -20.22 -16.54
CA PRO B 224 1.83 -21.37 -17.44
C PRO B 224 3.11 -21.67 -18.21
N HIS B 225 4.09 -20.76 -18.15
CA HIS B 225 5.36 -20.97 -18.83
C HIS B 225 6.17 -22.11 -18.18
N LEU B 226 6.07 -22.24 -16.87
CA LEU B 226 6.82 -23.24 -16.13
C LEU B 226 6.23 -24.65 -16.23
N LEU B 227 5.11 -24.78 -16.93
CA LEU B 227 4.50 -26.09 -17.11
C LEU B 227 4.96 -26.75 -18.40
N GLN B 228 5.61 -25.96 -19.25
CA GLN B 228 6.17 -26.48 -20.49
C GLN B 228 7.43 -27.29 -20.21
N VAL B 229 7.25 -28.49 -19.68
CA VAL B 229 8.37 -29.36 -19.35
C VAL B 229 9.12 -29.75 -20.62
N ILE B 230 10.43 -29.50 -20.64
CA ILE B 230 11.22 -29.70 -21.85
C ILE B 230 11.58 -31.17 -22.07
N LEU B 231 11.64 -31.93 -20.98
CA LEU B 231 12.01 -33.34 -21.07
C LEU B 231 10.81 -34.23 -21.38
N ASN B 232 9.62 -33.62 -21.43
CA ASN B 232 8.39 -34.38 -21.68
C ASN B 232 7.92 -34.33 -23.13
N LYS B 233 8.64 -33.60 -23.98
CA LYS B 233 8.27 -33.51 -25.38
C LYS B 233 9.25 -34.27 -26.27
N ASP B 234 8.72 -34.89 -27.31
CA ASP B 234 9.54 -35.68 -28.23
C ASP B 234 10.34 -34.79 -29.17
N THR B 235 11.26 -35.39 -29.92
CA THR B 235 12.17 -34.63 -30.77
C THR B 235 12.18 -35.08 -32.23
N GLY B 236 11.63 -36.26 -32.49
CA GLY B 236 11.68 -36.83 -33.83
C GLY B 236 12.88 -37.75 -33.96
N ILE B 237 12.74 -38.80 -34.74
CA ILE B 237 13.75 -39.85 -34.81
C ILE B 237 14.97 -39.50 -35.65
N SER B 238 14.94 -38.35 -36.30
CA SER B 238 16.02 -37.97 -37.22
C SER B 238 17.25 -37.39 -36.53
N CYS B 239 17.04 -36.69 -35.41
CA CYS B 239 18.13 -35.98 -34.76
C CYS B 239 18.87 -36.79 -33.68
N ASP B 240 20.02 -36.28 -33.26
CA ASP B 240 20.78 -36.87 -32.16
C ASP B 240 19.93 -36.81 -30.89
N PRO B 241 19.66 -37.98 -30.29
CA PRO B 241 18.79 -38.09 -29.11
C PRO B 241 19.23 -37.22 -27.93
N ALA B 242 20.45 -36.69 -27.99
CA ALA B 242 20.97 -35.83 -26.94
C ALA B 242 20.48 -34.39 -27.11
N LEU B 243 19.89 -34.11 -28.26
CA LEU B 243 19.43 -32.75 -28.57
C LEU B 243 18.08 -32.42 -27.97
N LEU B 244 17.88 -31.15 -27.66
CA LEU B 244 16.60 -30.66 -27.14
C LEU B 244 16.22 -29.36 -27.83
N PRO B 245 14.91 -29.03 -27.81
CA PRO B 245 14.48 -27.75 -28.37
C PRO B 245 14.96 -26.58 -27.52
N GLU B 246 15.24 -25.44 -28.16
CA GLU B 246 15.74 -24.27 -27.46
C GLU B 246 14.74 -23.79 -26.41
N PRO B 247 15.16 -23.79 -25.14
CA PRO B 247 14.26 -23.55 -24.00
C PRO B 247 13.87 -22.09 -23.85
N ASN B 248 12.77 -21.85 -23.14
CA ASN B 248 12.34 -20.50 -22.80
C ASN B 248 13.29 -19.93 -21.76
N HIS B 249 13.67 -18.67 -21.92
CA HIS B 249 14.62 -18.02 -21.02
C HIS B 249 14.07 -17.90 -19.60
N VAL B 250 12.79 -18.19 -19.44
CA VAL B 250 12.13 -18.00 -18.15
C VAL B 250 12.05 -19.29 -17.33
N MET B 251 12.32 -20.42 -17.99
CA MET B 251 12.26 -21.72 -17.31
C MET B 251 13.64 -22.21 -16.89
N LEU B 252 14.67 -21.42 -17.17
CA LEU B 252 16.03 -21.78 -16.79
C LEU B 252 16.19 -21.77 -15.28
N ASN B 253 17.15 -22.54 -14.78
CA ASN B 253 17.48 -22.61 -13.36
C ASN B 253 16.38 -23.20 -12.48
N HIS B 254 15.27 -23.59 -13.08
CA HIS B 254 14.16 -24.15 -12.32
C HIS B 254 14.27 -25.67 -12.24
N LEU B 255 13.90 -26.22 -11.09
CA LEU B 255 14.08 -27.65 -10.82
C LEU B 255 12.84 -28.48 -11.18
N TYR B 256 13.02 -29.36 -12.15
CA TYR B 256 12.00 -30.36 -12.49
C TYR B 256 12.49 -31.72 -12.01
N ALA B 257 11.57 -32.56 -11.54
CA ALA B 257 11.94 -33.84 -10.95
C ALA B 257 10.99 -34.96 -11.36
N LEU B 258 11.33 -36.19 -10.94
CA LEU B 258 10.48 -37.35 -11.20
C LEU B 258 9.92 -37.91 -9.89
N SER B 259 8.88 -38.72 -10.00
CA SER B 259 8.33 -39.40 -8.84
C SER B 259 9.31 -40.45 -8.35
N ILE B 260 9.68 -40.39 -7.07
CA ILE B 260 10.69 -41.30 -6.52
C ILE B 260 10.29 -42.76 -6.68
N LYS B 261 11.18 -43.56 -7.25
CA LYS B 261 10.93 -44.98 -7.46
C LYS B 261 12.08 -45.85 -6.95
N ASP B 262 11.80 -46.61 -5.89
CA ASP B 262 12.79 -47.49 -5.28
C ASP B 262 14.03 -46.71 -4.81
N GLY B 263 13.82 -45.78 -3.89
CA GLY B 263 14.91 -45.11 -3.20
C GLY B 263 15.75 -44.12 -3.99
N VAL B 264 15.53 -44.04 -5.30
CA VAL B 264 16.33 -43.14 -6.13
C VAL B 264 15.52 -41.96 -6.69
N MET B 265 15.90 -40.75 -6.27
CA MET B 265 15.26 -39.53 -6.71
C MET B 265 16.01 -38.97 -7.93
N VAL B 266 15.26 -38.47 -8.90
CA VAL B 266 15.87 -37.91 -10.11
C VAL B 266 15.55 -36.43 -10.24
N LEU B 267 16.59 -35.61 -10.30
CA LEU B 267 16.42 -34.16 -10.41
C LEU B 267 16.92 -33.68 -11.77
N SER B 268 16.34 -32.59 -12.26
CA SER B 268 16.77 -32.00 -13.53
C SER B 268 16.62 -30.50 -13.55
N ALA B 269 17.51 -29.83 -14.28
CA ALA B 269 17.49 -28.39 -14.40
C ALA B 269 18.23 -27.94 -15.65
N THR B 270 17.66 -26.96 -16.34
CA THR B 270 18.29 -26.42 -17.54
C THR B 270 19.05 -25.15 -17.20
N HIS B 271 20.37 -25.20 -17.33
CA HIS B 271 21.21 -24.03 -17.07
C HIS B 271 21.86 -23.54 -18.36
N ARG B 272 22.27 -22.28 -18.37
CA ARG B 272 22.86 -21.68 -19.56
C ARG B 272 24.37 -21.48 -19.40
N TYR B 273 25.12 -21.87 -20.43
CA TYR B 273 26.56 -21.59 -20.49
C TYR B 273 26.82 -20.72 -21.70
N LYS B 274 27.09 -19.44 -21.46
CA LYS B 274 27.23 -18.44 -22.52
C LYS B 274 25.99 -18.40 -23.40
N LYS B 275 26.12 -18.82 -24.65
CA LYS B 275 24.99 -18.85 -25.57
C LYS B 275 24.57 -20.28 -25.90
N LYS B 276 24.84 -21.18 -24.97
CA LYS B 276 24.42 -22.57 -25.10
C LYS B 276 23.56 -22.96 -23.91
N TYR B 277 22.64 -23.89 -24.11
CA TYR B 277 21.78 -24.36 -23.03
C TYR B 277 22.02 -25.85 -22.76
N VAL B 278 22.16 -26.20 -21.49
CA VAL B 278 22.43 -27.56 -21.08
C VAL B 278 21.37 -28.07 -20.10
N THR B 279 20.83 -29.25 -20.36
CA THR B 279 19.81 -29.85 -19.50
C THR B 279 20.32 -31.10 -18.80
N THR B 280 20.81 -30.94 -17.56
CA THR B 280 21.40 -32.06 -16.81
C THR B 280 20.40 -32.88 -15.98
N LEU B 281 20.67 -34.17 -15.86
CA LEU B 281 19.83 -35.10 -15.11
C LEU B 281 20.67 -35.87 -14.09
N LEU B 282 20.31 -35.79 -12.82
CA LEU B 282 21.04 -36.48 -11.77
C LEU B 282 20.23 -37.60 -11.12
N TYR B 283 20.79 -38.81 -11.12
CA TYR B 283 20.14 -39.96 -10.49
C TYR B 283 20.74 -40.23 -9.12
N LYS B 284 20.24 -39.50 -8.12
CA LYS B 284 20.79 -39.59 -6.77
C LYS B 284 19.87 -40.35 -5.82
N PRO B 285 20.31 -41.56 -5.40
CA PRO B 285 19.55 -42.39 -4.45
C PRO B 285 19.56 -41.79 -3.05
N ILE B 286 18.41 -41.78 -2.39
CA ILE B 286 18.28 -41.21 -1.06
C ILE B 286 18.04 -42.30 -0.01
N ARG C 29 -60.95 -7.80 8.90
CA ARG C 29 -60.66 -7.36 10.25
C ARG C 29 -59.17 -7.28 10.50
N VAL C 30 -58.68 -6.07 10.78
CA VAL C 30 -57.24 -5.83 10.84
C VAL C 30 -56.61 -6.07 12.21
N LYS C 31 -55.66 -6.98 12.25
CA LYS C 31 -54.94 -7.30 13.47
C LYS C 31 -53.43 -7.30 13.19
N ILE C 32 -52.69 -6.59 14.02
CA ILE C 32 -51.23 -6.54 13.89
C ILE C 32 -50.54 -6.83 15.22
N GLY C 33 -50.18 -8.08 15.42
CA GLY C 33 -49.55 -8.51 16.66
C GLY C 33 -50.42 -8.25 17.87
N HIS C 34 -51.51 -9.03 17.99
CA HIS C 34 -52.45 -8.95 19.12
C HIS C 34 -53.22 -7.63 19.19
N TYR C 35 -52.81 -6.65 18.39
CA TYR C 35 -53.46 -5.34 18.40
C TYR C 35 -54.38 -5.13 17.21
N VAL C 36 -55.61 -4.69 17.47
CA VAL C 36 -56.58 -4.40 16.42
C VAL C 36 -56.58 -2.92 16.08
N LEU C 37 -56.41 -2.61 14.79
CA LEU C 37 -56.34 -1.22 14.35
C LEU C 37 -57.73 -0.61 14.17
N GLY C 38 -57.85 0.67 14.51
CA GLY C 38 -59.13 1.36 14.43
C GLY C 38 -59.07 2.67 13.66
N ASP C 39 -59.70 3.70 14.22
CA ASP C 39 -59.77 4.99 13.55
C ASP C 39 -58.42 5.69 13.55
N THR C 40 -58.19 6.51 12.53
CA THR C 40 -56.94 7.25 12.41
C THR C 40 -56.93 8.45 13.35
N LEU C 41 -55.89 8.54 14.17
CA LEU C 41 -55.73 9.66 15.11
C LEU C 41 -55.19 10.90 14.40
N GLY C 42 -54.62 10.70 13.23
CA GLY C 42 -54.06 11.79 12.46
C GLY C 42 -52.85 11.36 11.66
N VAL C 43 -52.49 12.16 10.67
CA VAL C 43 -51.32 11.89 9.86
C VAL C 43 -50.21 12.90 10.16
N GLY C 44 -49.05 12.40 10.56
CA GLY C 44 -47.95 13.26 10.97
C GLY C 44 -47.17 13.78 9.78
N THR C 45 -45.97 14.30 10.07
CA THR C 45 -45.10 14.80 9.03
C THR C 45 -44.62 13.65 8.14
N PHE C 46 -44.59 12.45 8.71
CA PHE C 46 -44.22 11.26 7.97
C PHE C 46 -44.97 10.04 8.51
N GLY C 47 -46.01 9.62 7.80
CA GLY C 47 -46.75 8.43 8.17
C GLY C 47 -48.10 8.72 8.78
N LYS C 48 -48.96 7.71 8.82
CA LYS C 48 -50.29 7.84 9.38
C LYS C 48 -50.39 7.10 10.72
N VAL C 49 -50.78 7.83 11.76
CA VAL C 49 -50.89 7.26 13.10
C VAL C 49 -52.35 6.91 13.41
N LYS C 50 -52.59 5.66 13.78
CA LYS C 50 -53.93 5.22 14.12
C LYS C 50 -53.97 4.42 15.41
N ILE C 51 -55.09 4.53 16.13
CA ILE C 51 -55.25 3.90 17.42
C ILE C 51 -55.35 2.37 17.29
N GLY C 52 -54.79 1.67 18.28
CA GLY C 52 -54.81 0.22 18.30
C GLY C 52 -55.21 -0.30 19.65
N GLU C 53 -56.15 -1.24 19.68
CA GLU C 53 -56.66 -1.78 20.93
C GLU C 53 -56.31 -3.26 21.04
N HIS C 54 -55.84 -3.67 22.23
CA HIS C 54 -55.45 -5.05 22.45
C HIS C 54 -56.64 -5.98 22.30
N GLN C 55 -56.44 -7.06 21.55
CA GLN C 55 -57.53 -7.97 21.21
C GLN C 55 -58.12 -8.66 22.44
N LEU C 56 -57.30 -8.86 23.47
CA LEU C 56 -57.71 -9.64 24.64
C LEU C 56 -58.03 -8.78 25.85
N THR C 57 -57.39 -7.61 25.96
CA THR C 57 -57.46 -6.83 27.18
C THR C 57 -58.09 -5.45 26.98
N GLY C 58 -57.79 -4.84 25.84
CA GLY C 58 -58.32 -3.53 25.52
C GLY C 58 -57.34 -2.40 25.74
N HIS C 59 -56.07 -2.77 25.90
CA HIS C 59 -55.00 -1.77 26.06
C HIS C 59 -54.85 -0.96 24.79
N LYS C 60 -54.92 0.36 24.92
CA LYS C 60 -54.84 1.23 23.75
C LYS C 60 -53.41 1.69 23.45
N VAL C 61 -53.04 1.58 22.18
CA VAL C 61 -51.73 2.02 21.72
C VAL C 61 -51.89 2.84 20.45
N ALA C 62 -50.89 3.65 20.12
CA ALA C 62 -50.88 4.38 18.87
C ALA C 62 -49.87 3.76 17.92
N VAL C 63 -50.33 3.36 16.74
CA VAL C 63 -49.47 2.69 15.77
C VAL C 63 -49.19 3.55 14.56
N LYS C 64 -48.00 4.16 14.51
CA LYS C 64 -47.59 4.92 13.33
C LYS C 64 -47.20 3.96 12.21
N ILE C 65 -47.76 4.17 11.03
CA ILE C 65 -47.49 3.28 9.91
C ILE C 65 -46.62 3.94 8.84
N LEU C 66 -45.50 3.31 8.52
CA LEU C 66 -44.57 3.84 7.54
C LEU C 66 -44.45 2.91 6.34
N ASN C 67 -44.79 3.43 5.16
CA ASN C 67 -44.76 2.64 3.93
C ASN C 67 -43.32 2.47 3.42
N ARG C 68 -42.93 1.24 3.15
CA ARG C 68 -41.57 0.97 2.67
C ARG C 68 -41.29 1.55 1.30
N GLN C 69 -42.34 1.81 0.52
CA GLN C 69 -42.14 2.33 -0.83
C GLN C 69 -41.86 3.83 -0.83
N LYS C 70 -42.43 4.55 0.14
CA LYS C 70 -42.17 5.96 0.29
C LYS C 70 -40.71 6.22 0.66
N ILE C 71 -40.16 5.34 1.49
CA ILE C 71 -38.85 5.56 2.10
C ILE C 71 -37.68 5.56 1.10
N ARG C 72 -37.70 4.63 0.15
CA ARG C 72 -36.59 4.51 -0.79
C ARG C 72 -36.45 5.68 -1.77
N SER C 73 -37.58 6.27 -2.15
CA SER C 73 -37.60 7.36 -3.12
C SER C 73 -37.17 8.69 -2.48
N LEU C 74 -37.35 8.80 -1.18
CA LEU C 74 -37.00 10.02 -0.44
C LEU C 74 -35.54 10.01 0.00
N ASP C 75 -34.88 8.85 -0.14
CA ASP C 75 -33.51 8.62 0.35
C ASP C 75 -33.41 8.80 1.87
N VAL C 76 -34.54 8.80 2.55
CA VAL C 76 -34.60 8.90 4.01
C VAL C 76 -34.47 7.52 4.65
N VAL C 77 -34.06 6.54 3.85
CA VAL C 77 -33.88 5.18 4.33
C VAL C 77 -32.92 5.14 5.50
N GLY C 78 -31.88 5.99 5.44
CA GLY C 78 -30.90 6.06 6.50
C GLY C 78 -31.34 6.95 7.65
N LYS C 79 -32.34 7.79 7.40
CA LYS C 79 -32.82 8.71 8.43
C LYS C 79 -33.88 8.08 9.32
N ILE C 80 -34.60 7.10 8.78
CA ILE C 80 -35.56 6.33 9.57
C ILE C 80 -34.81 5.39 10.52
N LYS C 81 -33.70 4.85 10.03
CA LYS C 81 -32.84 4.01 10.84
C LYS C 81 -32.30 4.78 12.04
N ARG C 82 -31.92 6.03 11.82
CA ARG C 82 -31.40 6.87 12.87
C ARG C 82 -32.46 7.22 13.91
N GLU C 83 -33.65 7.57 13.44
CA GLU C 83 -34.74 7.95 14.35
C GLU C 83 -35.21 6.79 15.20
N ILE C 84 -35.19 5.58 14.63
CA ILE C 84 -35.60 4.38 15.35
C ILE C 84 -34.58 3.98 16.42
N GLN C 85 -33.30 4.04 16.06
CA GLN C 85 -32.22 3.72 17.00
C GLN C 85 -32.17 4.69 18.17
N ASN C 86 -32.70 5.90 17.98
CA ASN C 86 -32.69 6.91 19.02
C ASN C 86 -33.96 6.92 19.86
N LEU C 87 -35.10 6.67 19.21
CA LEU C 87 -36.39 6.70 19.90
C LEU C 87 -36.56 5.49 20.84
N LYS C 88 -35.87 4.40 20.52
CA LYS C 88 -35.96 3.17 21.31
C LYS C 88 -35.08 3.24 22.55
N LEU C 89 -34.17 4.21 22.57
CA LEU C 89 -33.29 4.41 23.72
C LEU C 89 -33.78 5.57 24.59
N PHE C 90 -34.74 6.33 24.07
CA PHE C 90 -35.32 7.43 24.83
C PHE C 90 -36.21 6.91 25.96
N ARG C 91 -36.14 7.58 27.10
CA ARG C 91 -36.96 7.23 28.24
C ARG C 91 -37.21 8.46 29.11
N HIS C 92 -38.25 9.22 28.76
CA HIS C 92 -38.62 10.42 29.49
C HIS C 92 -40.11 10.35 29.83
N PRO C 93 -40.51 10.94 30.97
CA PRO C 93 -41.91 10.93 31.38
C PRO C 93 -42.78 11.87 30.53
N HIS C 94 -42.15 12.74 29.76
CA HIS C 94 -42.88 13.69 28.94
C HIS C 94 -42.53 13.57 27.46
N ILE C 95 -42.15 12.36 27.06
CA ILE C 95 -41.93 12.03 25.66
C ILE C 95 -42.63 10.71 25.38
N ILE C 96 -43.35 10.64 24.27
CA ILE C 96 -44.04 9.42 23.90
C ILE C 96 -43.08 8.25 23.74
N LYS C 97 -43.29 7.20 24.53
CA LYS C 97 -42.40 6.03 24.50
C LYS C 97 -42.72 5.13 23.31
N LEU C 98 -41.69 4.52 22.74
CA LEU C 98 -41.87 3.56 21.66
C LEU C 98 -41.78 2.14 22.21
N TYR C 99 -42.92 1.44 22.23
CA TYR C 99 -42.97 0.09 22.79
C TYR C 99 -42.24 -0.93 21.93
N GLN C 100 -42.64 -1.05 20.68
CA GLN C 100 -41.92 -1.90 19.73
C GLN C 100 -42.16 -1.44 18.30
N VAL C 101 -41.40 -2.02 17.37
CA VAL C 101 -41.57 -1.72 15.95
C VAL C 101 -41.69 -3.01 15.14
N ILE C 102 -42.85 -3.20 14.52
CA ILE C 102 -43.12 -4.40 13.77
C ILE C 102 -42.81 -4.20 12.30
N SER C 103 -42.07 -5.14 11.71
CA SER C 103 -41.71 -5.03 10.31
C SER C 103 -42.53 -5.96 9.42
N THR C 104 -43.01 -5.41 8.31
CA THR C 104 -43.72 -6.19 7.30
C THR C 104 -43.04 -5.98 5.95
N PRO C 105 -43.22 -6.93 5.01
CA PRO C 105 -42.59 -6.83 3.69
C PRO C 105 -42.96 -5.56 2.90
N THR C 106 -43.94 -4.79 3.37
CA THR C 106 -44.37 -3.61 2.64
C THR C 106 -44.46 -2.34 3.50
N ASP C 107 -44.56 -2.50 4.82
CA ASP C 107 -44.73 -1.37 5.73
C ASP C 107 -44.09 -1.61 7.11
N PHE C 108 -43.85 -0.54 7.85
CA PHE C 108 -43.33 -0.62 9.21
C PHE C 108 -44.39 -0.16 10.21
N PHE C 109 -44.57 -0.93 11.28
CA PHE C 109 -45.54 -0.57 12.31
C PHE C 109 -44.84 -0.16 13.60
N MET C 110 -44.91 1.12 13.93
CA MET C 110 -44.25 1.63 15.14
C MET C 110 -45.22 1.79 16.30
N VAL C 111 -45.54 0.69 16.97
CA VAL C 111 -46.46 0.71 18.11
C VAL C 111 -45.89 1.56 19.24
N MET C 112 -46.65 2.54 19.71
CA MET C 112 -46.17 3.41 20.79
C MET C 112 -47.23 3.76 21.84
N GLU C 113 -46.79 4.45 22.89
CA GLU C 113 -47.67 4.86 23.99
C GLU C 113 -48.87 5.66 23.51
N TYR C 114 -50.03 5.44 24.12
CA TYR C 114 -51.24 6.18 23.76
C TYR C 114 -51.71 7.09 24.88
N VAL C 115 -52.10 8.31 24.51
CA VAL C 115 -52.64 9.28 25.45
C VAL C 115 -54.02 9.76 25.00
N SER C 116 -54.90 10.00 25.97
CA SER C 116 -56.30 10.30 25.66
C SER C 116 -56.67 11.78 25.76
N GLY C 117 -55.72 12.60 26.22
CA GLY C 117 -55.98 14.00 26.44
C GLY C 117 -56.01 14.84 25.18
N GLY C 118 -55.53 14.28 24.08
CA GLY C 118 -55.51 14.99 22.82
C GLY C 118 -54.41 16.04 22.74
N GLU C 119 -54.42 16.82 21.67
CA GLU C 119 -53.42 17.87 21.46
C GLU C 119 -53.51 18.95 22.53
N LEU C 120 -52.39 19.64 22.78
CA LEU C 120 -52.41 20.79 23.67
C LEU C 120 -53.04 21.97 22.95
N PHE C 121 -52.87 21.99 21.63
CA PHE C 121 -53.44 23.03 20.78
C PHE C 121 -54.95 23.13 20.97
N ASP C 122 -55.59 21.98 21.20
CA ASP C 122 -57.03 21.93 21.40
C ASP C 122 -57.44 22.28 22.83
N TYR C 123 -56.48 22.23 23.74
CA TYR C 123 -56.73 22.58 25.13
C TYR C 123 -56.66 24.09 25.32
N ILE C 124 -55.81 24.74 24.52
CA ILE C 124 -55.68 26.19 24.55
C ILE C 124 -56.87 26.82 23.85
N CYS C 125 -57.56 26.04 23.03
CA CYS C 125 -58.75 26.51 22.34
C CYS C 125 -60.01 26.31 23.19
N LYS C 126 -60.07 25.20 23.90
CA LYS C 126 -61.21 24.93 24.79
C LYS C 126 -61.33 26.02 25.85
N HIS C 127 -60.25 26.20 26.61
CA HIS C 127 -60.16 27.33 27.53
C HIS C 127 -59.75 28.55 26.72
N GLY C 128 -59.88 29.73 27.29
CA GLY C 128 -59.43 30.93 26.62
C GLY C 128 -57.91 30.93 26.58
N ARG C 129 -57.32 31.16 27.74
CA ARG C 129 -55.89 31.06 27.90
C ARG C 129 -55.63 29.98 28.94
N VAL C 130 -54.39 29.87 29.38
CA VAL C 130 -54.05 28.91 30.42
C VAL C 130 -53.51 29.66 31.64
N GLU C 131 -54.00 29.31 32.82
CA GLU C 131 -53.58 29.96 34.04
C GLU C 131 -52.09 29.75 34.28
N GLU C 132 -51.39 30.83 34.63
CA GLU C 132 -49.95 30.79 34.79
C GLU C 132 -49.51 29.78 35.84
N MET C 133 -50.43 29.41 36.73
CA MET C 133 -50.15 28.38 37.71
C MET C 133 -50.03 27.03 37.00
N GLU C 134 -50.86 26.82 35.98
CA GLU C 134 -50.84 25.60 35.21
C GLU C 134 -49.97 25.72 33.97
N ALA C 135 -49.92 26.93 33.40
CA ALA C 135 -49.10 27.18 32.22
C ALA C 135 -47.62 27.01 32.52
N ARG C 136 -47.24 27.35 33.74
CA ARG C 136 -45.86 27.17 34.20
C ARG C 136 -45.53 25.69 34.22
N ARG C 137 -46.42 24.90 34.81
CA ARG C 137 -46.20 23.47 34.98
C ARG C 137 -46.04 22.75 33.64
N LEU C 138 -46.92 23.07 32.69
CA LEU C 138 -46.86 22.44 31.38
C LEU C 138 -45.60 22.88 30.63
N PHE C 139 -45.20 24.13 30.81
CA PHE C 139 -44.01 24.64 30.14
C PHE C 139 -42.76 23.96 30.69
N GLN C 140 -42.73 23.70 31.99
CA GLN C 140 -41.60 23.06 32.64
C GLN C 140 -41.39 21.63 32.14
N GLN C 141 -42.48 20.89 32.04
CA GLN C 141 -42.43 19.52 31.55
C GLN C 141 -41.96 19.47 30.10
N ILE C 142 -42.48 20.39 29.29
CA ILE C 142 -42.10 20.45 27.88
C ILE C 142 -40.61 20.74 27.72
N LEU C 143 -40.13 21.77 28.41
CA LEU C 143 -38.72 22.13 28.33
C LEU C 143 -37.85 21.02 28.88
N SER C 144 -38.37 20.27 29.84
CA SER C 144 -37.68 19.09 30.35
C SER C 144 -37.45 18.10 29.22
N ALA C 145 -38.51 17.81 28.46
CA ALA C 145 -38.43 16.90 27.33
C ALA C 145 -37.46 17.42 26.28
N VAL C 146 -37.48 18.72 26.03
CA VAL C 146 -36.58 19.33 25.08
C VAL C 146 -35.14 19.13 25.53
N ASP C 147 -34.88 19.41 26.81
CA ASP C 147 -33.54 19.29 27.38
C ASP C 147 -33.00 17.87 27.19
N TYR C 148 -33.85 16.89 27.47
CA TYR C 148 -33.49 15.48 27.33
C TYR C 148 -33.03 15.15 25.92
N CYS C 149 -33.67 15.77 24.92
CA CYS C 149 -33.34 15.52 23.53
C CYS C 149 -32.00 16.15 23.15
N HIS C 150 -31.78 17.38 23.63
CA HIS C 150 -30.55 18.08 23.31
C HIS C 150 -29.35 17.38 23.97
N ARG C 151 -29.59 16.74 25.11
CA ARG C 151 -28.54 16.02 25.80
C ARG C 151 -28.18 14.72 25.09
N HIS C 152 -29.08 14.25 24.24
CA HIS C 152 -28.81 13.05 23.45
C HIS C 152 -28.50 13.41 22.01
N MET C 153 -28.15 14.68 21.79
CA MET C 153 -27.80 15.20 20.47
C MET C 153 -28.93 15.03 19.46
N VAL C 154 -30.16 15.14 19.94
CA VAL C 154 -31.32 15.12 19.07
C VAL C 154 -32.06 16.45 19.18
N VAL C 155 -32.35 17.06 18.04
CA VAL C 155 -33.07 18.32 18.03
C VAL C 155 -34.40 18.19 17.29
N HIS C 156 -35.49 18.34 18.03
CA HIS C 156 -36.83 18.23 17.48
C HIS C 156 -37.25 19.57 16.87
N ARG C 157 -37.24 19.65 15.56
CA ARG C 157 -37.43 20.93 14.88
C ARG C 157 -38.89 21.25 14.53
N ASP C 158 -39.82 20.48 15.07
CA ASP C 158 -41.24 20.68 14.80
C ASP C 158 -42.02 20.85 16.11
N LEU C 159 -41.50 21.68 17.01
CA LEU C 159 -42.11 21.90 18.32
C LEU C 159 -43.30 22.86 18.23
N LYS C 160 -44.49 22.35 18.55
CA LYS C 160 -45.73 23.11 18.42
C LYS C 160 -46.84 22.49 19.28
N PRO C 161 -47.83 23.30 19.69
CA PRO C 161 -48.95 22.80 20.51
C PRO C 161 -49.76 21.70 19.83
N GLU C 162 -49.55 21.50 18.54
CA GLU C 162 -50.17 20.40 17.83
C GLU C 162 -49.39 19.11 18.06
N ASN C 163 -48.10 19.25 18.39
CA ASN C 163 -47.25 18.09 18.63
C ASN C 163 -47.05 17.78 20.12
N VAL C 164 -47.62 18.61 20.98
CA VAL C 164 -47.57 18.37 22.42
C VAL C 164 -48.85 17.72 22.90
N LEU C 165 -48.79 16.43 23.18
CA LEU C 165 -49.98 15.68 23.58
C LEU C 165 -50.22 15.72 25.09
N LEU C 166 -51.45 15.42 25.48
CA LEU C 166 -51.85 15.42 26.88
C LEU C 166 -52.36 14.04 27.30
N ASP C 167 -52.25 13.74 28.59
CA ASP C 167 -52.75 12.48 29.11
C ASP C 167 -53.91 12.72 30.07
N ALA C 168 -54.34 11.67 30.78
CA ALA C 168 -55.45 11.78 31.71
C ALA C 168 -55.15 12.71 32.87
N HIS C 169 -53.86 12.88 33.16
CA HIS C 169 -53.44 13.71 34.30
C HIS C 169 -52.80 15.02 33.87
N MET C 170 -53.15 15.48 32.66
CA MET C 170 -52.66 16.76 32.14
C MET C 170 -51.14 16.90 32.11
N ASN C 171 -50.46 15.87 31.61
CA ASN C 171 -49.01 15.89 31.49
C ASN C 171 -48.58 16.05 30.04
N ALA C 172 -47.46 16.75 29.83
CA ALA C 172 -46.97 17.01 28.48
C ALA C 172 -46.37 15.75 27.85
N LYS C 173 -46.60 15.57 26.55
CA LYS C 173 -46.09 14.42 25.82
C LYS C 173 -45.63 14.81 24.42
N ILE C 174 -44.37 15.22 24.29
CA ILE C 174 -43.78 15.58 23.01
C ILE C 174 -43.76 14.37 22.06
N ALA C 175 -44.16 14.58 20.80
CA ALA C 175 -44.18 13.50 19.84
C ALA C 175 -43.95 13.98 18.40
N ASP C 176 -44.12 13.06 17.45
CA ASP C 176 -43.98 13.36 16.02
C ASP C 176 -42.63 14.01 15.70
N PHE C 177 -41.56 13.25 15.84
CA PHE C 177 -40.24 13.78 15.54
C PHE C 177 -40.11 14.09 14.06
N GLY C 178 -39.94 13.07 13.24
CA GLY C 178 -39.94 13.23 11.80
C GLY C 178 -38.92 14.25 11.29
N LEU C 179 -39.19 15.52 11.58
CA LEU C 179 -38.29 16.61 11.19
C LEU C 179 -37.12 16.73 12.15
N SER C 180 -37.00 15.79 13.08
CA SER C 180 -35.88 15.77 14.01
C SER C 180 -34.59 15.40 13.28
N ASN C 181 -33.46 15.70 13.90
CA ASN C 181 -32.17 15.36 13.32
C ASN C 181 -31.10 15.26 14.41
N MET C 182 -29.96 14.66 14.06
CA MET C 182 -28.87 14.53 15.00
C MET C 182 -27.96 15.75 14.97
N MET C 183 -27.16 15.92 16.01
CA MET C 183 -26.20 17.02 16.06
C MET C 183 -24.78 16.48 16.15
N SER C 184 -23.97 16.75 15.14
CA SER C 184 -22.59 16.30 15.12
C SER C 184 -21.65 17.41 15.56
N ASP C 185 -20.51 17.04 16.11
CA ASP C 185 -19.52 18.01 16.54
C ASP C 185 -18.91 18.74 15.35
N GLY C 186 -19.20 20.04 15.26
CA GLY C 186 -18.68 20.87 14.19
C GLY C 186 -19.52 20.81 12.94
N GLU C 187 -20.81 20.51 13.10
CA GLU C 187 -21.71 20.42 11.96
C GLU C 187 -22.98 21.24 12.17
N PHE C 188 -23.30 22.08 11.20
CA PHE C 188 -24.54 22.86 11.24
C PHE C 188 -25.65 22.13 10.52
N LEU C 189 -26.86 22.64 10.65
CA LEU C 189 -28.01 22.09 9.95
C LEU C 189 -28.48 23.03 8.87
N ARG C 190 -29.09 22.49 7.81
CA ARG C 190 -29.41 23.26 6.63
C ARG C 190 -30.92 23.33 6.38
N SER C 192 -34.64 23.85 6.19
CA SER C 192 -35.63 24.80 6.68
C SER C 192 -36.98 24.10 6.84
N CYS C 193 -37.20 23.51 8.01
CA CYS C 193 -38.44 22.77 8.24
C CYS C 193 -39.23 23.30 9.44
N GLY C 194 -40.45 22.80 9.58
CA GLY C 194 -41.34 23.22 10.64
C GLY C 194 -42.53 23.99 10.09
N SER C 195 -43.43 24.40 10.99
CA SER C 195 -44.56 25.23 10.61
C SER C 195 -44.04 26.61 10.21
N PRO C 196 -44.82 27.35 9.38
CA PRO C 196 -44.46 28.74 9.10
C PRO C 196 -44.31 29.56 10.39
N ASN C 197 -45.22 29.35 11.33
CA ASN C 197 -45.08 29.91 12.66
C ASN C 197 -44.19 29.00 13.49
N TYR C 198 -43.91 29.39 14.73
CA TYR C 198 -43.07 28.59 15.64
C TYR C 198 -41.62 28.41 15.16
N ALA C 199 -41.31 28.89 13.97
CA ALA C 199 -39.99 28.66 13.38
C ALA C 199 -39.04 29.83 13.61
N ALA C 200 -37.81 29.51 13.99
CA ALA C 200 -36.78 30.51 14.25
C ALA C 200 -36.50 31.35 13.00
N PRO C 201 -36.10 32.62 13.20
CA PRO C 201 -35.73 33.55 12.12
C PRO C 201 -34.70 33.00 11.14
N GLU C 202 -33.77 32.19 11.64
CA GLU C 202 -32.70 31.65 10.80
C GLU C 202 -33.14 30.42 10.00
N VAL C 203 -34.33 29.89 10.33
CA VAL C 203 -34.88 28.75 9.62
C VAL C 203 -35.65 29.21 8.39
N ILE C 204 -36.48 30.23 8.58
CA ILE C 204 -37.28 30.78 7.50
C ILE C 204 -36.42 31.52 6.49
N SER C 205 -35.17 31.80 6.88
CA SER C 205 -34.24 32.49 6.01
C SER C 205 -33.34 31.51 5.25
N GLY C 206 -33.44 30.24 5.62
CA GLY C 206 -32.66 29.19 4.96
C GLY C 206 -31.18 29.27 5.29
N ARG C 207 -30.87 29.80 6.47
CA ARG C 207 -29.48 29.94 6.91
C ARG C 207 -29.03 28.72 7.70
N LEU C 208 -27.74 28.67 8.00
CA LEU C 208 -27.17 27.59 8.80
C LEU C 208 -27.37 27.87 10.29
N TYR C 209 -27.80 26.85 11.02
CA TYR C 209 -28.07 26.98 12.45
C TYR C 209 -27.52 25.79 13.23
N ALA C 210 -27.30 25.99 14.53
CA ALA C 210 -26.67 24.99 15.38
C ALA C 210 -27.60 23.82 15.71
N GLY C 211 -28.84 24.13 16.08
CA GLY C 211 -29.80 23.12 16.47
C GLY C 211 -30.65 23.52 17.66
N PRO C 212 -30.04 23.54 18.86
CA PRO C 212 -30.75 23.83 20.12
C PRO C 212 -31.43 25.19 20.17
N GLU C 213 -30.78 26.23 19.66
CA GLU C 213 -31.34 27.57 19.70
C GLU C 213 -32.63 27.71 18.90
N VAL C 214 -32.88 26.76 18.01
CA VAL C 214 -34.12 26.73 17.24
C VAL C 214 -35.28 26.18 18.08
N ASP C 215 -34.99 25.16 18.87
CA ASP C 215 -36.00 24.54 19.74
C ASP C 215 -36.44 25.47 20.87
N ILE C 216 -35.56 26.39 21.26
CA ILE C 216 -35.87 27.35 22.31
C ILE C 216 -36.82 28.42 21.77
N TRP C 217 -36.65 28.75 20.50
CA TRP C 217 -37.49 29.75 19.85
C TRP C 217 -38.91 29.23 19.70
N SER C 218 -39.04 27.97 19.32
CA SER C 218 -40.35 27.33 19.19
C SER C 218 -41.01 27.15 20.56
N CYS C 219 -40.20 27.11 21.61
CA CYS C 219 -40.72 27.01 22.97
C CYS C 219 -41.16 28.37 23.49
N GLY C 220 -40.52 29.42 22.99
CA GLY C 220 -40.90 30.77 23.34
C GLY C 220 -42.32 31.07 22.91
N VAL C 221 -42.63 30.76 21.65
CA VAL C 221 -43.96 30.97 21.12
C VAL C 221 -44.97 30.04 21.77
N ILE C 222 -44.55 28.81 22.06
CA ILE C 222 -45.39 27.86 22.78
C ILE C 222 -45.75 28.41 24.16
N LEU C 223 -44.79 29.08 24.80
CA LEU C 223 -45.06 29.72 26.09
C LEU C 223 -45.99 30.91 25.91
N TYR C 224 -45.82 31.63 24.80
CA TYR C 224 -46.66 32.78 24.48
C TYR C 224 -48.08 32.32 24.21
N ALA C 225 -48.21 31.31 23.36
CA ALA C 225 -49.51 30.77 22.97
C ALA C 225 -50.24 30.14 24.15
N LEU C 226 -49.47 29.68 25.13
CA LEU C 226 -50.02 29.06 26.32
C LEU C 226 -50.65 30.12 27.22
N LEU C 227 -49.94 31.24 27.35
CA LEU C 227 -50.38 32.32 28.23
C LEU C 227 -51.38 33.24 27.55
N CYS C 228 -51.05 33.67 26.33
CA CYS C 228 -51.86 34.65 25.62
C CYS C 228 -53.04 34.04 24.87
N GLY C 229 -52.87 32.80 24.41
CA GLY C 229 -53.90 32.12 23.65
C GLY C 229 -53.72 32.29 22.15
N THR C 230 -53.00 33.33 21.77
CA THR C 230 -52.75 33.63 20.36
C THR C 230 -51.27 33.50 20.01
N LEU C 231 -50.93 33.77 18.75
CA LEU C 231 -49.56 33.68 18.28
C LEU C 231 -48.91 35.06 18.20
N PRO C 232 -47.64 35.15 18.59
CA PRO C 232 -46.90 36.41 18.59
C PRO C 232 -46.61 36.90 17.18
N PHE C 233 -46.36 35.98 16.26
CA PHE C 233 -46.14 36.32 14.86
C PHE C 233 -47.21 35.64 14.01
N ASP C 234 -48.19 36.42 13.55
CA ASP C 234 -49.29 35.86 12.76
C ASP C 234 -49.78 36.85 11.71
N ASP C 235 -49.90 36.38 10.48
CA ASP C 235 -50.45 37.18 9.39
C ASP C 235 -50.92 36.25 8.27
N GLU C 236 -52.03 36.61 7.63
CA GLU C 236 -52.58 35.82 6.55
C GLU C 236 -51.59 35.76 5.37
N HIS C 237 -50.92 36.88 5.13
CA HIS C 237 -49.91 36.97 4.08
C HIS C 237 -48.60 36.36 4.57
N VAL C 238 -48.21 35.25 3.95
CA VAL C 238 -46.98 34.53 4.33
C VAL C 238 -45.69 35.36 4.21
N PRO C 239 -45.50 36.09 3.10
CA PRO C 239 -44.32 36.96 3.04
C PRO C 239 -44.29 38.00 4.16
N THR C 240 -45.46 38.52 4.53
CA THR C 240 -45.55 39.53 5.58
C THR C 240 -45.34 38.86 6.95
N LEU C 241 -45.63 37.57 7.02
CA LEU C 241 -45.42 36.82 8.26
C LEU C 241 -43.93 36.64 8.56
N PHE C 242 -43.17 36.27 7.53
CA PHE C 242 -41.73 36.11 7.67
C PHE C 242 -41.08 37.44 8.04
N LYS C 243 -41.64 38.52 7.52
CA LYS C 243 -41.17 39.88 7.81
C LYS C 243 -41.30 40.19 9.30
N LYS C 244 -42.38 39.72 9.90
CA LYS C 244 -42.62 39.94 11.32
C LYS C 244 -41.65 39.13 12.18
N ILE C 245 -41.42 37.89 11.78
CA ILE C 245 -40.52 37.01 12.52
C ILE C 245 -39.08 37.52 12.50
N ARG C 246 -38.58 37.86 11.31
CA ARG C 246 -37.23 38.41 11.17
C ARG C 246 -37.11 39.70 11.96
N GLY C 247 -38.18 40.48 11.99
CA GLY C 247 -38.21 41.74 12.73
C GLY C 247 -38.22 41.49 14.22
N GLY C 248 -38.85 40.39 14.62
CA GLY C 248 -38.87 39.98 16.02
C GLY C 248 -39.62 40.92 16.94
N VAL C 249 -40.62 41.60 16.39
CA VAL C 249 -41.43 42.51 17.19
C VAL C 249 -42.82 41.91 17.43
N PHE C 250 -43.17 41.73 18.70
CA PHE C 250 -44.47 41.19 19.07
C PHE C 250 -45.11 41.94 20.23
N TYR C 251 -46.44 41.93 20.27
CA TYR C 251 -47.18 42.66 21.31
C TYR C 251 -47.23 41.90 22.63
N ILE C 252 -46.77 42.55 23.70
CA ILE C 252 -46.81 41.96 25.03
C ILE C 252 -47.94 42.55 25.86
N PRO C 253 -48.99 41.76 26.12
CA PRO C 253 -50.15 42.18 26.92
C PRO C 253 -49.73 42.61 28.32
N GLU C 254 -50.55 43.45 28.96
CA GLU C 254 -50.21 43.96 30.28
C GLU C 254 -50.69 43.05 31.42
N TYR C 255 -51.44 42.00 31.08
CA TYR C 255 -51.82 41.02 32.09
C TYR C 255 -50.69 40.02 32.35
N LEU C 256 -49.64 40.12 31.55
CA LEU C 256 -48.41 39.37 31.79
C LEU C 256 -47.50 40.18 32.70
N ASN C 257 -47.08 39.57 33.81
CA ASN C 257 -46.23 40.26 34.77
C ASN C 257 -44.83 40.56 34.23
N ARG C 258 -44.11 41.45 34.91
CA ARG C 258 -42.79 41.88 34.46
C ARG C 258 -41.82 40.70 34.37
N SER C 259 -41.95 39.76 35.29
CA SER C 259 -41.05 38.61 35.37
C SER C 259 -41.12 37.73 34.12
N VAL C 260 -42.30 37.23 33.82
CA VAL C 260 -42.50 36.33 32.68
C VAL C 260 -42.32 37.07 31.34
N ALA C 261 -42.43 38.38 31.38
CA ALA C 261 -42.26 39.20 30.18
C ALA C 261 -40.82 39.19 29.71
N THR C 262 -39.89 39.29 30.65
CA THR C 262 -38.47 39.28 30.33
C THR C 262 -38.04 37.95 29.72
N LEU C 263 -38.62 36.86 30.24
CA LEU C 263 -38.30 35.52 29.77
C LEU C 263 -38.67 35.33 28.30
N LEU C 264 -39.84 35.85 27.91
CA LEU C 264 -40.32 35.72 26.54
C LEU C 264 -39.47 36.51 25.55
N MET C 265 -39.04 37.70 25.96
CA MET C 265 -38.20 38.55 25.13
C MET C 265 -36.82 37.94 25.00
N HIS C 266 -36.46 37.10 25.97
CA HIS C 266 -35.17 36.44 25.97
C HIS C 266 -35.20 35.20 25.09
N MET C 267 -36.31 34.49 25.12
CA MET C 267 -36.45 33.27 24.32
C MET C 267 -36.69 33.59 22.85
N LEU C 268 -37.32 34.73 22.59
CA LEU C 268 -37.69 35.11 21.22
C LEU C 268 -36.76 36.19 20.64
N GLN C 269 -35.51 36.19 21.09
CA GLN C 269 -34.52 37.10 20.55
C GLN C 269 -34.15 36.69 19.12
N VAL C 270 -34.05 37.68 18.24
CA VAL C 270 -33.79 37.42 16.82
C VAL C 270 -32.39 36.87 16.58
N ASP C 271 -31.39 37.51 17.15
CA ASP C 271 -30.02 37.04 17.05
C ASP C 271 -29.85 35.81 17.94
N PRO C 272 -29.55 34.65 17.34
CA PRO C 272 -29.45 33.39 18.08
C PRO C 272 -28.39 33.44 19.18
N LEU C 273 -27.38 34.28 19.00
CA LEU C 273 -26.31 34.41 20.00
C LEU C 273 -26.80 35.12 21.25
N LYS C 274 -27.81 35.97 21.11
CA LYS C 274 -28.37 36.67 22.26
C LYS C 274 -29.53 35.87 22.86
N ARG C 275 -30.01 34.89 22.12
CA ARG C 275 -31.16 34.10 22.54
C ARG C 275 -30.84 33.21 23.74
N ALA C 276 -31.83 33.00 24.60
CA ALA C 276 -31.65 32.24 25.82
C ALA C 276 -31.42 30.76 25.57
N THR C 277 -30.65 30.13 26.44
CA THR C 277 -30.42 28.69 26.41
C THR C 277 -31.26 28.06 27.51
N ILE C 278 -31.28 26.73 27.55
CA ILE C 278 -32.06 26.02 28.56
C ILE C 278 -31.53 26.29 29.96
N LYS C 279 -30.21 26.48 30.07
CA LYS C 279 -29.61 26.79 31.36
C LYS C 279 -30.02 28.19 31.80
N ASP C 280 -30.13 29.11 30.85
CA ASP C 280 -30.60 30.46 31.13
C ASP C 280 -32.01 30.44 31.70
N ILE C 281 -32.90 29.71 31.03
CA ILE C 281 -34.30 29.60 31.45
C ILE C 281 -34.42 28.95 32.82
N ARG C 282 -33.58 27.96 33.09
CA ARG C 282 -33.64 27.20 34.33
C ARG C 282 -33.24 28.05 35.54
N GLU C 283 -32.56 29.16 35.28
CA GLU C 283 -32.14 30.07 36.35
C GLU C 283 -33.11 31.24 36.48
N HIS C 284 -34.10 31.30 35.60
CA HIS C 284 -35.07 32.39 35.61
C HIS C 284 -36.03 32.24 36.79
N GLU C 285 -36.35 33.36 37.43
CA GLU C 285 -37.18 33.35 38.64
C GLU C 285 -38.58 32.82 38.41
N TRP C 286 -39.14 33.13 37.25
CA TRP C 286 -40.49 32.69 36.92
C TRP C 286 -40.53 31.19 36.65
N PHE C 287 -39.38 30.63 36.29
CA PHE C 287 -39.30 29.21 35.96
C PHE C 287 -38.97 28.36 37.19
N LYS C 288 -38.15 28.91 38.09
CA LYS C 288 -37.70 28.16 39.26
C LYS C 288 -38.80 27.96 40.30
N GLN C 289 -39.83 28.80 40.24
CA GLN C 289 -40.92 28.73 41.20
C GLN C 289 -41.80 27.50 40.95
N ASP C 290 -42.10 26.78 42.03
CA ASP C 290 -42.96 25.59 41.98
C ASP C 290 -42.43 24.53 41.01
N LEU C 291 -41.11 24.48 40.87
CA LEU C 291 -40.48 23.52 39.97
C LEU C 291 -40.17 22.21 40.68
N PRO C 292 -40.72 21.10 40.16
CA PRO C 292 -40.41 19.78 40.68
C PRO C 292 -38.93 19.47 40.50
N SER C 293 -38.34 18.70 41.42
CA SER C 293 -36.91 18.49 41.40
C SER C 293 -36.53 17.18 40.72
N TYR C 294 -37.48 16.57 40.01
CA TYR C 294 -37.21 15.32 39.31
C TYR C 294 -37.05 15.53 37.80
N LEU C 295 -37.13 16.79 37.38
CA LEU C 295 -37.19 17.11 35.95
C LEU C 295 -35.84 17.43 35.31
N PHE C 296 -34.88 17.88 36.12
CA PHE C 296 -33.59 18.31 35.58
C PHE C 296 -32.40 17.61 36.21
N PRO C 297 -31.38 17.28 35.40
CA PRO C 297 -30.20 16.47 35.75
C PRO C 297 -29.50 16.83 37.05
N GLU C 298 -29.27 18.11 37.32
CA GLU C 298 -28.53 18.50 38.52
C GLU C 298 -29.42 19.00 39.66
N ASP C 299 -30.69 18.60 39.62
CA ASP C 299 -31.63 18.92 40.69
C ASP C 299 -31.52 17.87 41.80
N PRO C 300 -31.81 18.26 43.05
CA PRO C 300 -31.67 17.39 44.23
C PRO C 300 -32.35 16.03 44.12
N SER C 301 -33.49 15.97 43.45
CA SER C 301 -34.26 14.73 43.36
C SER C 301 -34.04 13.98 42.05
N TYR C 302 -32.93 14.26 41.37
CA TYR C 302 -32.63 13.60 40.11
C TYR C 302 -31.68 12.44 40.30
N ASP C 303 -30.65 12.64 41.12
CA ASP C 303 -29.64 11.63 41.35
C ASP C 303 -30.19 10.40 42.09
N ALA C 304 -31.42 10.51 42.58
CA ALA C 304 -32.03 9.41 43.32
C ALA C 304 -33.31 8.89 42.69
N ASN C 305 -33.76 9.52 41.60
CA ASN C 305 -35.02 9.14 40.96
C ASN C 305 -34.90 8.76 39.49
N VAL C 306 -33.75 9.03 38.88
CA VAL C 306 -33.55 8.76 37.47
C VAL C 306 -32.23 8.02 37.21
N ILE C 307 -32.30 6.91 36.48
CA ILE C 307 -31.11 6.17 36.09
C ILE C 307 -30.34 6.95 35.03
N ASP C 308 -29.07 7.24 35.31
CA ASP C 308 -28.27 8.11 34.45
C ASP C 308 -27.44 7.36 33.42
N ASP C 309 -26.27 7.92 33.10
CA ASP C 309 -25.40 7.38 32.06
C ASP C 309 -24.34 6.42 32.62
N GLU C 310 -24.43 6.13 33.92
CA GLU C 310 -23.52 5.19 34.54
C GLU C 310 -24.11 3.78 34.49
N ALA C 311 -25.27 3.66 33.86
CA ALA C 311 -25.95 2.37 33.73
C ALA C 311 -25.23 1.47 32.72
N VAL C 312 -24.73 2.06 31.64
CA VAL C 312 -24.06 1.31 30.59
C VAL C 312 -22.63 0.95 30.98
N LYS C 313 -22.01 1.78 31.82
CA LYS C 313 -20.62 1.57 32.22
C LYS C 313 -20.47 0.46 33.25
N GLU C 314 -21.49 0.27 34.08
CA GLU C 314 -21.46 -0.75 35.12
C GLU C 314 -22.05 -2.08 34.64
N VAL C 341 -23.56 -1.82 45.51
CA VAL C 341 -22.73 -0.75 46.05
C VAL C 341 -22.01 -0.02 44.91
N ALA C 342 -21.83 -0.73 43.79
CA ALA C 342 -21.10 -0.19 42.65
C ALA C 342 -21.84 0.96 41.99
N TYR C 343 -23.16 0.86 41.90
CA TYR C 343 -23.96 1.90 41.26
C TYR C 343 -23.89 3.20 42.05
N HIS C 344 -24.23 3.13 43.33
CA HIS C 344 -24.17 4.31 44.18
C HIS C 344 -22.76 4.91 44.26
N LEU C 345 -21.73 4.08 44.26
CA LEU C 345 -20.35 4.57 44.34
C LEU C 345 -19.97 5.42 43.13
N ILE C 346 -20.33 4.96 41.94
CA ILE C 346 -20.00 5.65 40.69
C ILE C 346 -20.79 6.95 40.54
N ILE C 347 -22.05 6.90 40.94
CA ILE C 347 -22.93 8.06 40.90
C ILE C 347 -22.45 9.12 41.88
N ASP C 348 -22.06 8.69 43.07
CA ASP C 348 -21.54 9.60 44.08
C ASP C 348 -20.23 10.26 43.64
N ASN C 349 -19.41 9.52 42.90
CA ASN C 349 -18.16 10.08 42.38
C ASN C 349 -18.39 11.23 41.42
N ARG C 350 -19.47 11.15 40.64
CA ARG C 350 -19.78 12.19 39.68
C ARG C 350 -20.32 13.46 40.34
N ARG C 351 -21.18 13.29 41.34
CA ARG C 351 -21.78 14.45 42.01
C ARG C 351 -20.74 15.28 42.75
N ILE C 352 -19.68 14.64 43.21
CA ILE C 352 -18.59 15.35 43.86
C ILE C 352 -17.81 16.14 42.83
N MET C 353 -17.56 15.52 41.68
CA MET C 353 -16.85 16.17 40.59
C MET C 353 -17.70 17.25 39.93
N ASN C 354 -19.02 17.04 39.93
CA ASN C 354 -19.95 17.99 39.33
C ASN C 354 -20.10 19.28 40.14
N GLN C 355 -20.20 19.13 41.46
CA GLN C 355 -20.40 20.27 42.35
C GLN C 355 -19.11 21.03 42.60
N ALA C 356 -18.05 20.64 41.89
CA ALA C 356 -16.80 21.38 41.93
C ALA C 356 -16.62 22.10 40.60
N SER C 357 -17.48 23.09 40.35
CA SER C 357 -17.53 23.78 39.07
C SER C 357 -16.28 24.61 38.79
N GLU C 358 -15.53 24.92 39.84
CA GLU C 358 -14.33 25.75 39.72
C GLU C 358 -13.08 24.91 39.53
N PHE C 359 -13.26 23.59 39.47
CA PHE C 359 -12.14 22.67 39.32
C PHE C 359 -12.12 22.06 37.93
N TYR C 360 -13.25 22.10 37.24
CA TYR C 360 -13.38 21.54 35.90
C TYR C 360 -13.76 22.59 34.85
N LEU C 361 -14.24 23.74 35.32
CA LEU C 361 -14.71 24.78 34.42
C LEU C 361 -14.27 26.18 34.84
N ALA C 362 -13.89 27.00 33.87
CA ALA C 362 -13.46 28.37 34.16
C ALA C 362 -14.64 29.25 34.53
N SER C 363 -14.37 30.33 35.25
CA SER C 363 -15.41 31.29 35.62
C SER C 363 -15.53 32.39 34.58
N SER C 364 -16.05 33.54 35.00
CA SER C 364 -16.22 34.67 34.09
C SER C 364 -16.37 35.98 34.87
N PRO C 365 -15.73 37.06 34.38
CA PRO C 365 -15.80 38.38 35.03
C PRO C 365 -17.14 39.07 34.81
N LEU C 382 -12.03 38.97 43.12
CA LEU C 382 -11.74 38.24 44.34
C LEU C 382 -10.24 37.99 44.49
N LYS C 383 -9.89 36.81 44.99
CA LYS C 383 -8.48 36.43 45.15
C LYS C 383 -7.88 35.96 43.83
N PRO C 384 -6.77 36.60 43.41
CA PRO C 384 -6.06 36.22 42.18
C PRO C 384 -5.34 34.89 42.32
N HIS C 385 -5.45 34.04 41.30
CA HIS C 385 -4.81 32.72 41.31
C HIS C 385 -3.29 32.87 41.33
N PRO C 386 -2.61 32.04 42.15
CA PRO C 386 -1.16 32.11 42.32
C PRO C 386 -0.37 32.06 41.02
N GLU C 387 -0.84 31.28 40.05
CA GLU C 387 -0.11 31.11 38.80
C GLU C 387 -0.57 32.07 37.70
N ARG C 388 -1.31 33.10 38.08
CA ARG C 388 -1.75 34.11 37.10
C ARG C 388 -0.56 34.92 36.59
N MET C 389 -0.43 34.98 35.27
CA MET C 389 0.69 35.67 34.64
C MET C 389 0.47 37.17 34.51
N PRO C 390 1.54 37.96 34.76
CA PRO C 390 1.52 39.39 34.52
C PRO C 390 1.57 39.65 33.02
N PRO C 391 1.02 40.78 32.56
CA PRO C 391 1.00 41.13 31.14
C PRO C 391 2.40 41.30 30.58
N LEU C 392 2.62 40.79 29.37
CA LEU C 392 3.92 40.95 28.72
C LEU C 392 4.17 42.42 28.45
N ILE C 393 5.32 42.92 28.92
CA ILE C 393 5.63 44.34 28.84
C ILE C 393 5.84 44.79 27.39
N ALA C 394 5.88 46.11 27.19
CA ALA C 394 6.02 46.71 25.87
C ALA C 394 7.28 46.23 25.15
N ASP C 395 7.12 45.96 23.85
CA ASP C 395 8.16 45.38 23.00
C ASP C 395 8.90 44.21 23.64
N ALA C 415 2.27 47.97 29.10
CA ALA C 415 1.87 46.64 28.67
C ALA C 415 1.36 46.66 27.24
N VAL C 416 1.57 45.55 26.53
CA VAL C 416 1.13 45.44 25.13
C VAL C 416 -0.34 45.05 25.03
N LYS C 417 -0.98 45.46 23.94
CA LYS C 417 -2.37 45.10 23.68
C LYS C 417 -2.48 43.65 23.25
N LYS C 418 -3.39 42.91 23.89
CA LYS C 418 -3.56 41.48 23.60
C LYS C 418 -4.02 41.23 22.17
N ALA C 419 -3.39 40.27 21.51
CA ALA C 419 -3.74 39.92 20.14
C ALA C 419 -5.10 39.22 20.10
N LYS C 420 -5.80 39.37 18.98
CA LYS C 420 -7.12 38.75 18.82
C LYS C 420 -7.06 37.60 17.83
N TRP C 421 -7.72 36.50 18.17
CA TRP C 421 -7.80 35.34 17.29
C TRP C 421 -8.95 35.48 16.31
N HIS C 422 -8.75 35.00 15.08
CA HIS C 422 -9.79 35.04 14.07
C HIS C 422 -10.06 33.66 13.47
N LEU C 423 -11.19 33.54 12.79
CA LEU C 423 -11.60 32.26 12.22
C LEU C 423 -11.02 32.01 10.83
N GLY C 424 -10.20 30.97 10.73
CA GLY C 424 -9.63 30.57 9.45
C GLY C 424 -8.83 31.66 8.77
N ILE C 425 -9.17 31.95 7.52
CA ILE C 425 -8.50 32.99 6.76
C ILE C 425 -9.50 33.74 5.89
N ARG C 426 -9.23 35.00 5.58
CA ARG C 426 -10.17 35.83 4.82
C ARG C 426 -9.60 36.32 3.50
N SER C 427 -10.49 36.91 2.69
CA SER C 427 -10.13 37.54 1.44
C SER C 427 -11.30 38.39 0.94
N GLN C 428 -11.03 39.27 -0.01
CA GLN C 428 -12.07 40.17 -0.52
C GLN C 428 -12.19 40.08 -2.04
N SER C 429 -11.59 39.04 -2.62
CA SER C 429 -11.63 38.84 -4.06
C SER C 429 -12.86 38.05 -4.48
N LYS C 430 -12.93 37.70 -5.75
CA LYS C 430 -14.05 36.93 -6.29
C LYS C 430 -14.03 35.51 -5.74
N PRO C 431 -15.22 34.97 -5.44
CA PRO C 431 -15.36 33.59 -4.93
C PRO C 431 -14.74 32.57 -5.86
N TYR C 432 -14.88 32.78 -7.17
CA TYR C 432 -14.27 31.89 -8.15
C TYR C 432 -12.75 31.97 -8.09
N ASP C 433 -12.23 33.18 -7.88
CA ASP C 433 -10.80 33.39 -7.77
C ASP C 433 -10.23 32.67 -6.55
N ILE C 434 -10.98 32.66 -5.47
CA ILE C 434 -10.55 31.99 -4.24
C ILE C 434 -10.44 30.48 -4.42
N MET C 435 -11.46 29.88 -5.02
CA MET C 435 -11.44 28.45 -5.27
C MET C 435 -10.40 28.06 -6.32
N ALA C 436 -10.18 28.94 -7.29
CA ALA C 436 -9.16 28.70 -8.31
C ALA C 436 -7.76 28.83 -7.71
N GLU C 437 -7.65 29.59 -6.62
CA GLU C 437 -6.37 29.81 -5.95
C GLU C 437 -6.03 28.65 -5.01
N VAL C 438 -7.04 28.13 -4.33
CA VAL C 438 -6.81 27.01 -3.41
C VAL C 438 -6.60 25.70 -4.17
N TYR C 439 -7.04 25.65 -5.43
CA TYR C 439 -6.87 24.46 -6.25
C TYR C 439 -5.42 24.29 -6.68
N ARG C 440 -4.80 25.40 -7.10
CA ARG C 440 -3.39 25.37 -7.50
C ARG C 440 -2.50 25.23 -6.28
N ALA C 441 -3.04 25.60 -5.12
CA ALA C 441 -2.29 25.53 -3.87
C ALA C 441 -2.11 24.08 -3.43
N MET C 442 -3.05 23.22 -3.82
CA MET C 442 -3.01 21.82 -3.45
C MET C 442 -2.13 21.02 -4.41
N LYS C 443 -1.87 21.59 -5.58
CA LYS C 443 -0.98 20.95 -6.55
C LYS C 443 0.46 20.95 -6.05
N GLN C 444 0.87 22.06 -5.44
CA GLN C 444 2.24 22.21 -4.96
C GLN C 444 2.48 21.43 -3.67
N LEU C 445 1.40 20.96 -3.04
CA LEU C 445 1.50 20.21 -1.79
C LEU C 445 1.06 18.76 -1.96
N ASP C 446 0.64 18.41 -3.18
CA ASP C 446 0.16 17.07 -3.50
C ASP C 446 -0.99 16.61 -2.61
N PHE C 447 -2.12 17.31 -2.71
CA PHE C 447 -3.31 16.94 -1.95
C PHE C 447 -4.29 16.16 -2.82
N GLU C 448 -4.83 15.07 -2.27
CA GLU C 448 -5.88 14.32 -2.94
C GLU C 448 -7.22 14.69 -2.30
N TRP C 449 -8.22 14.96 -3.14
CA TRP C 449 -9.50 15.46 -2.62
C TRP C 449 -10.70 15.17 -3.50
N LYS C 450 -11.87 15.19 -2.87
CA LYS C 450 -13.13 14.97 -3.56
C LYS C 450 -14.02 16.22 -3.42
N VAL C 451 -14.77 16.53 -4.46
CA VAL C 451 -15.64 17.70 -4.43
C VAL C 451 -17.07 17.35 -4.02
N VAL C 452 -17.53 17.97 -2.93
CA VAL C 452 -18.88 17.75 -2.43
C VAL C 452 -19.77 18.92 -2.84
N ASN C 453 -19.16 20.09 -2.97
CA ASN C 453 -19.88 21.31 -3.31
C ASN C 453 -18.92 22.29 -3.97
N ALA C 454 -19.46 23.34 -4.59
CA ALA C 454 -18.65 24.36 -5.23
C ALA C 454 -17.86 25.18 -4.21
N TYR C 455 -18.19 25.03 -2.93
CA TYR C 455 -17.49 25.72 -1.86
C TYR C 455 -17.23 24.80 -0.67
N HIS C 456 -17.13 23.50 -0.93
CA HIS C 456 -16.89 22.51 0.12
C HIS C 456 -15.97 21.40 -0.38
N LEU C 457 -14.70 21.48 -0.02
CA LEU C 457 -13.72 20.48 -0.44
C LEU C 457 -13.29 19.57 0.70
N ARG C 458 -13.23 18.27 0.43
CA ARG C 458 -12.78 17.30 1.41
C ARG C 458 -11.39 16.78 1.03
N VAL C 459 -10.35 17.48 1.50
CA VAL C 459 -8.98 17.16 1.09
C VAL C 459 -8.32 16.10 1.96
N ARG C 460 -7.19 15.58 1.50
CA ARG C 460 -6.49 14.49 2.18
C ARG C 460 -5.02 14.39 1.76
N ARG C 461 -4.13 14.32 2.74
CA ARG C 461 -2.70 14.18 2.49
C ARG C 461 -2.14 13.01 3.30
N LYS C 462 -1.24 12.24 2.69
CA LYS C 462 -0.62 11.12 3.37
C LYS C 462 0.67 11.54 4.08
N ASN C 463 0.70 11.35 5.39
CA ASN C 463 1.88 11.70 6.18
C ASN C 463 3.08 10.82 5.81
N PRO C 464 4.15 11.44 5.29
CA PRO C 464 5.32 10.72 4.79
C PRO C 464 6.10 10.01 5.89
N VAL C 465 5.95 10.47 7.13
CA VAL C 465 6.72 9.94 8.24
C VAL C 465 6.03 8.77 8.93
N THR C 466 4.74 8.93 9.22
CA THR C 466 3.99 7.90 9.93
C THR C 466 3.25 6.94 9.00
N GLY C 467 2.90 7.43 7.82
CA GLY C 467 2.19 6.61 6.84
C GLY C 467 0.68 6.79 6.90
N ASN C 468 0.20 7.43 7.96
CA ASN C 468 -1.21 7.67 8.14
C ASN C 468 -1.75 8.74 7.19
N TYR C 469 -3.06 8.73 6.97
CA TYR C 469 -3.68 9.71 6.09
C TYR C 469 -4.31 10.85 6.88
N VAL C 470 -3.94 12.07 6.54
CA VAL C 470 -4.47 13.25 7.23
C VAL C 470 -5.46 13.98 6.32
N LYS C 471 -6.73 13.99 6.74
CA LYS C 471 -7.78 14.62 5.94
C LYS C 471 -8.49 15.72 6.72
N MET C 472 -8.97 16.74 6.01
CA MET C 472 -9.69 17.84 6.63
C MET C 472 -10.79 18.37 5.72
N SER C 473 -11.58 19.30 6.24
CA SER C 473 -12.71 19.85 5.49
C SER C 473 -12.58 21.35 5.22
N LEU C 474 -12.69 21.73 3.96
CA LEU C 474 -12.65 23.14 3.56
C LEU C 474 -14.04 23.63 3.17
N GLN C 475 -14.37 24.86 3.57
CA GLN C 475 -15.67 25.43 3.28
C GLN C 475 -15.62 26.95 3.22
N LEU C 476 -15.90 27.51 2.04
CA LEU C 476 -15.90 28.96 1.87
C LEU C 476 -17.23 29.57 2.28
N TYR C 477 -17.19 30.58 3.13
CA TYR C 477 -18.40 31.24 3.60
C TYR C 477 -18.46 32.69 3.12
N LEU C 478 -19.55 33.37 3.48
CA LEU C 478 -19.73 34.77 3.11
C LEU C 478 -19.87 35.63 4.36
N VAL C 479 -19.01 36.63 4.48
CA VAL C 479 -19.07 37.55 5.61
C VAL C 479 -19.39 38.96 5.13
N ASP C 480 -20.23 39.67 5.89
CA ASP C 480 -20.65 41.03 5.55
C ASP C 480 -21.23 41.12 4.13
N ASN C 481 -20.63 41.98 3.31
CA ASN C 481 -21.05 42.13 1.93
C ASN C 481 -19.95 41.79 0.94
N ARG C 482 -18.84 42.52 1.02
CA ARG C 482 -17.70 42.28 0.13
C ARG C 482 -16.57 41.59 0.88
N SER C 483 -16.91 40.55 1.65
CA SER C 483 -15.91 39.79 2.40
C SER C 483 -16.20 38.29 2.33
N TYR C 484 -15.14 37.49 2.32
CA TYR C 484 -15.28 36.04 2.33
C TYR C 484 -14.39 35.41 3.38
N LEU C 485 -14.64 34.14 3.68
CA LEU C 485 -13.88 33.44 4.71
C LEU C 485 -13.72 31.96 4.37
N LEU C 486 -12.48 31.48 4.43
CA LEU C 486 -12.21 30.06 4.20
C LEU C 486 -12.06 29.34 5.53
N ASP C 487 -12.94 28.37 5.77
CA ASP C 487 -12.96 27.65 7.03
C ASP C 487 -12.17 26.34 6.95
N PHE C 488 -11.58 25.94 8.08
CA PHE C 488 -10.82 24.70 8.16
C PHE C 488 -11.39 23.79 9.24
N LYS C 489 -11.71 22.56 8.87
CA LYS C 489 -12.28 21.60 9.80
C LYS C 489 -11.55 20.25 9.74
N SER C 490 -11.21 19.70 10.90
CA SER C 490 -10.52 18.41 10.96
C SER C 490 -11.51 17.25 10.85
N ILE C 491 -11.04 16.13 10.30
CA ILE C 491 -11.87 14.95 10.10
C ILE C 491 -11.24 13.72 10.74
N ASP C 492 -12.06 12.90 11.40
CA ASP C 492 -11.57 11.69 12.04
C ASP C 492 -11.76 10.47 11.14
N LEU C 551 0.95 6.97 14.87
CA LEU C 551 2.24 7.05 15.56
C LEU C 551 2.50 8.46 16.07
N GLY C 552 2.01 9.45 15.32
CA GLY C 552 2.20 10.85 15.69
C GLY C 552 1.05 11.39 16.53
N SER C 553 0.45 12.46 16.05
CA SER C 553 -0.71 13.07 16.72
C SER C 553 -1.65 13.65 15.69
N HIS C 554 -2.93 13.30 15.80
CA HIS C 554 -3.92 13.74 14.82
C HIS C 554 -4.10 15.26 14.86
N THR C 555 -4.13 15.82 16.07
CA THR C 555 -4.29 17.26 16.23
C THR C 555 -3.13 18.03 15.61
N MET C 556 -1.91 17.51 15.82
CA MET C 556 -0.73 18.14 15.23
C MET C 556 -0.72 17.98 13.71
N ASP C 557 -1.17 16.82 13.23
CA ASP C 557 -1.25 16.55 11.80
C ASP C 557 -2.19 17.52 11.11
N PHE C 558 -3.29 17.85 11.79
CA PHE C 558 -4.26 18.81 11.26
C PHE C 558 -3.67 20.20 11.22
N PHE C 559 -2.89 20.55 12.23
CA PHE C 559 -2.27 21.87 12.30
C PHE C 559 -1.17 22.06 11.26
N GLU C 560 -0.31 21.06 11.11
CA GLU C 560 0.79 21.14 10.15
C GLU C 560 0.30 21.13 8.70
N MET C 561 -0.83 20.47 8.45
CA MET C 561 -1.39 20.41 7.11
C MET C 561 -2.06 21.73 6.76
N CYS C 562 -2.70 22.36 7.75
CA CYS C 562 -3.32 23.66 7.54
C CYS C 562 -2.27 24.73 7.29
N ALA C 563 -1.21 24.70 8.10
CA ALA C 563 -0.14 25.68 8.01
C ALA C 563 0.57 25.66 6.67
N SER C 564 0.71 24.47 6.10
CA SER C 564 1.37 24.32 4.79
C SER C 564 0.49 24.89 3.67
N LEU C 565 -0.83 24.77 3.84
CA LEU C 565 -1.77 25.30 2.86
C LEU C 565 -1.94 26.80 3.03
N ILE C 566 -1.96 27.26 4.27
CA ILE C 566 -2.10 28.68 4.56
C ILE C 566 -0.90 29.48 4.05
N THR C 567 0.31 28.95 4.26
CA THR C 567 1.53 29.62 3.80
C THR C 567 1.56 29.78 2.28
N THR C 568 1.25 28.69 1.58
CA THR C 568 1.25 28.71 0.12
C THR C 568 -0.10 29.19 -0.43
N LEU C 569 -0.62 30.26 0.14
CA LEU C 569 -1.91 30.81 -0.27
C LEU C 569 -1.93 32.33 -0.12
N ALA C 570 -1.13 33.01 -0.94
CA ALA C 570 -1.00 34.47 -0.88
C ALA C 570 -0.59 34.97 0.51
N ARG D 94 -45.10 -13.59 11.32
CA ARG D 94 -44.55 -13.25 10.01
C ARG D 94 -45.62 -12.64 9.10
N PRO D 95 -46.08 -11.43 9.44
CA PRO D 95 -47.20 -10.81 8.73
C PRO D 95 -46.84 -10.35 7.32
N THR D 96 -47.86 -10.07 6.50
CA THR D 96 -47.68 -9.59 5.14
C THR D 96 -48.88 -8.72 4.76
N VAL D 97 -48.62 -7.50 4.29
CA VAL D 97 -49.68 -6.54 4.02
C VAL D 97 -50.10 -6.47 2.55
N PHE D 98 -51.37 -6.80 2.29
CA PHE D 98 -51.93 -6.67 0.95
C PHE D 98 -52.88 -5.48 0.91
N ARG D 99 -52.44 -4.38 0.29
CA ARG D 99 -53.24 -3.17 0.24
C ARG D 99 -53.71 -2.87 -1.18
N TRP D 100 -55.00 -2.57 -1.30
CA TRP D 100 -55.55 -2.15 -2.58
C TRP D 100 -55.78 -0.65 -2.59
N THR D 101 -55.12 0.03 -3.52
CA THR D 101 -55.15 1.49 -3.58
C THR D 101 -56.17 2.01 -4.60
N GLY D 102 -56.63 1.13 -5.48
CA GLY D 102 -57.61 1.51 -6.48
C GLY D 102 -58.99 1.76 -5.89
N GLY D 103 -59.95 2.11 -6.75
CA GLY D 103 -61.30 2.37 -6.31
C GLY D 103 -62.10 1.08 -6.14
N GLY D 104 -63.35 1.22 -5.73
CA GLY D 104 -64.22 0.07 -5.58
C GLY D 104 -65.14 0.14 -4.38
N LYS D 105 -66.29 -0.53 -4.48
CA LYS D 105 -67.24 -0.60 -3.37
C LYS D 105 -66.89 -1.78 -2.48
N GLU D 106 -66.25 -2.79 -3.08
CA GLU D 106 -65.84 -3.99 -2.35
C GLU D 106 -64.72 -4.72 -3.09
N VAL D 107 -63.69 -5.09 -2.36
CA VAL D 107 -62.52 -5.72 -2.96
C VAL D 107 -62.20 -7.05 -2.28
N TYR D 108 -62.02 -8.10 -3.07
CA TYR D 108 -61.66 -9.40 -2.55
C TYR D 108 -60.19 -9.71 -2.87
N LEU D 109 -59.65 -10.71 -2.19
CA LEU D 109 -58.28 -11.15 -2.44
C LEU D 109 -58.24 -12.66 -2.63
N SER D 110 -57.69 -13.09 -3.76
CA SER D 110 -57.54 -14.51 -4.06
C SER D 110 -56.09 -14.84 -4.41
N GLY D 111 -55.61 -15.97 -3.91
CA GLY D 111 -54.24 -16.40 -4.18
C GLY D 111 -54.04 -17.88 -3.93
N SER D 112 -52.79 -18.30 -3.91
CA SER D 112 -52.47 -19.71 -3.63
C SER D 112 -52.83 -20.06 -2.19
N PHE D 113 -52.72 -19.08 -1.31
CA PHE D 113 -53.03 -19.27 0.11
C PHE D 113 -54.51 -19.59 0.35
N ASN D 114 -55.38 -18.92 -0.40
CA ASN D 114 -56.82 -19.10 -0.26
C ASN D 114 -57.35 -20.19 -1.18
N ASN D 115 -56.44 -20.86 -1.88
CA ASN D 115 -56.79 -21.80 -2.95
C ASN D 115 -57.65 -21.08 -4.00
N TRP D 116 -57.32 -19.80 -4.21
CA TRP D 116 -58.05 -18.92 -5.12
C TRP D 116 -59.51 -18.72 -4.74
N SER D 117 -59.78 -18.74 -3.44
CA SER D 117 -61.07 -18.34 -2.91
C SER D 117 -60.99 -16.86 -2.60
N LYS D 118 -62.13 -16.21 -2.40
CA LYS D 118 -62.14 -14.76 -2.24
C LYS D 118 -62.25 -14.31 -0.79
N LEU D 119 -61.25 -13.57 -0.33
CA LEU D 119 -61.20 -13.07 1.04
C LEU D 119 -61.66 -11.63 1.10
N PRO D 120 -62.73 -11.36 1.87
CA PRO D 120 -63.24 -9.98 2.04
C PRO D 120 -62.23 -9.06 2.69
N LEU D 121 -62.01 -7.89 2.07
CA LEU D 121 -61.09 -6.90 2.61
C LEU D 121 -61.84 -5.81 3.36
N THR D 122 -61.25 -5.35 4.45
CA THR D 122 -61.84 -4.27 5.24
C THR D 122 -61.48 -2.93 4.62
N ARG D 123 -62.37 -1.96 4.73
CA ARG D 123 -62.18 -0.66 4.08
C ARG D 123 -61.91 0.46 5.08
N HIS D 125 -60.79 4.62 4.15
CA HIS D 125 -61.38 5.69 3.34
C HIS D 125 -61.27 5.34 1.86
N ASN D 126 -60.08 4.94 1.45
CA ASN D 126 -59.82 4.55 0.06
C ASN D 126 -58.97 3.28 0.01
N ASN D 127 -58.55 2.82 1.18
CA ASN D 127 -57.70 1.64 1.28
C ASN D 127 -58.45 0.37 1.63
N PHE D 128 -58.23 -0.68 0.84
CA PHE D 128 -58.72 -2.01 1.16
C PHE D 128 -57.53 -2.88 1.54
N VAL D 129 -57.40 -3.20 2.82
CA VAL D 129 -56.21 -3.89 3.31
C VAL D 129 -56.53 -5.20 4.03
N ALA D 130 -55.56 -6.11 4.03
CA ALA D 130 -55.69 -7.40 4.69
C ALA D 130 -54.30 -7.97 4.99
N ILE D 131 -54.01 -8.16 6.28
CA ILE D 131 -52.71 -8.68 6.70
C ILE D 131 -52.77 -10.18 6.97
N LEU D 132 -51.98 -10.94 6.22
CA LEU D 132 -51.97 -12.39 6.34
C LEU D 132 -50.64 -12.88 6.91
N ASP D 133 -50.60 -14.15 7.30
CA ASP D 133 -49.37 -14.76 7.80
C ASP D 133 -48.81 -15.70 6.74
N LEU D 134 -47.83 -15.21 5.97
CA LEU D 134 -47.27 -15.99 4.87
C LEU D 134 -45.83 -16.42 5.14
N PRO D 135 -45.51 -17.67 4.76
CA PRO D 135 -44.14 -18.21 4.89
C PRO D 135 -43.20 -17.56 3.89
N GLU D 136 -41.92 -17.95 3.95
CA GLU D 136 -40.93 -17.42 3.03
C GLU D 136 -41.06 -18.06 1.65
N GLY D 137 -40.94 -17.24 0.62
CA GLY D 137 -41.04 -17.74 -0.75
C GLY D 137 -41.82 -16.82 -1.66
N GLU D 138 -42.29 -17.36 -2.78
CA GLU D 138 -43.04 -16.59 -3.76
C GLU D 138 -44.50 -17.03 -3.79
N HIS D 139 -45.41 -16.06 -3.70
CA HIS D 139 -46.84 -16.34 -3.68
C HIS D 139 -47.57 -15.56 -4.77
N GLN D 140 -48.46 -16.24 -5.48
CA GLN D 140 -49.23 -15.60 -6.54
C GLN D 140 -50.59 -15.16 -6.02
N TYR D 141 -50.89 -13.87 -6.16
CA TYR D 141 -52.17 -13.34 -5.71
C TYR D 141 -52.77 -12.41 -6.76
N LYS D 142 -54.03 -12.03 -6.54
CA LYS D 142 -54.78 -11.24 -7.51
C LYS D 142 -56.05 -10.70 -6.85
N PHE D 143 -56.41 -9.47 -7.18
CA PHE D 143 -57.58 -8.83 -6.57
C PHE D 143 -58.86 -9.04 -7.37
N PHE D 144 -59.99 -8.84 -6.72
CA PHE D 144 -61.29 -8.89 -7.39
C PHE D 144 -62.11 -7.68 -6.96
N VAL D 145 -62.31 -6.75 -7.90
CA VAL D 145 -62.99 -5.50 -7.57
C VAL D 145 -64.28 -5.32 -8.37
N ASP D 146 -65.38 -5.27 -7.65
CA ASP D 146 -66.70 -4.96 -8.20
C ASP D 146 -67.19 -5.89 -9.33
N GLY D 147 -66.49 -6.98 -9.58
CA GLY D 147 -66.95 -7.96 -10.54
C GLY D 147 -65.91 -8.44 -11.53
N GLN D 148 -64.80 -7.74 -11.63
CA GLN D 148 -63.78 -8.08 -12.61
C GLN D 148 -62.44 -8.45 -11.96
N TRP D 149 -61.88 -9.58 -12.37
CA TRP D 149 -60.56 -10.00 -11.90
C TRP D 149 -59.53 -8.95 -12.31
N THR D 150 -58.87 -8.35 -11.33
CA THR D 150 -57.88 -7.31 -11.60
C THR D 150 -56.65 -7.43 -10.73
N HIS D 151 -55.52 -6.95 -11.24
CA HIS D 151 -54.26 -7.01 -10.50
C HIS D 151 -53.71 -5.61 -10.31
N ASP D 152 -52.76 -5.47 -9.38
CA ASP D 152 -52.11 -4.19 -9.14
C ASP D 152 -51.03 -3.96 -10.18
N PRO D 153 -51.15 -2.88 -10.97
CA PRO D 153 -50.22 -2.57 -12.06
C PRO D 153 -48.78 -2.38 -11.59
N SER D 154 -48.60 -1.78 -10.43
CA SER D 154 -47.25 -1.50 -9.92
C SER D 154 -46.48 -2.76 -9.56
N GLU D 155 -47.15 -3.71 -8.91
CA GLU D 155 -46.53 -4.96 -8.49
C GLU D 155 -46.06 -5.82 -9.67
N PRO D 156 -44.90 -6.47 -9.51
CA PRO D 156 -44.34 -7.39 -10.51
C PRO D 156 -45.33 -8.49 -10.87
N ILE D 157 -45.31 -8.90 -12.13
CA ILE D 157 -46.28 -9.88 -12.63
C ILE D 157 -45.59 -11.14 -13.16
N VAL D 158 -46.40 -12.11 -13.57
CA VAL D 158 -45.90 -13.35 -14.17
C VAL D 158 -46.96 -13.97 -15.08
N THR D 159 -46.51 -14.62 -16.14
CA THR D 159 -47.44 -15.27 -17.06
C THR D 159 -47.34 -16.79 -16.93
N SER D 160 -48.47 -17.43 -16.64
CA SER D 160 -48.50 -18.88 -16.39
C SER D 160 -48.61 -19.70 -17.67
N GLN D 161 -47.98 -19.21 -18.75
CA GLN D 161 -47.95 -19.92 -20.03
C GLN D 161 -49.33 -20.15 -20.65
N LEU D 162 -50.31 -19.35 -20.25
CA LEU D 162 -51.66 -19.48 -20.80
C LEU D 162 -52.37 -18.12 -20.91
N GLY D 163 -51.64 -17.05 -20.64
CA GLY D 163 -52.18 -15.71 -20.74
C GLY D 163 -52.60 -15.11 -19.41
N THR D 164 -52.81 -15.96 -18.41
CA THR D 164 -53.21 -15.50 -17.09
C THR D 164 -52.09 -14.72 -16.40
N VAL D 165 -52.38 -13.46 -16.07
CA VAL D 165 -51.37 -12.59 -15.46
C VAL D 165 -51.72 -12.19 -14.03
N ASN D 166 -50.89 -12.63 -13.08
CA ASN D 166 -51.11 -12.34 -11.68
C ASN D 166 -49.90 -11.71 -11.03
N ASN D 167 -50.14 -10.98 -9.94
CA ASN D 167 -49.05 -10.35 -9.19
C ASN D 167 -48.17 -11.35 -8.44
N ILE D 168 -46.91 -10.96 -8.24
CA ILE D 168 -45.96 -11.83 -7.54
C ILE D 168 -45.31 -11.07 -6.40
N ILE D 169 -45.48 -11.57 -5.18
CA ILE D 169 -44.80 -11.03 -4.02
C ILE D 169 -43.79 -12.04 -3.49
N GLN D 170 -42.59 -11.58 -3.17
CA GLN D 170 -41.54 -12.45 -2.70
C GLN D 170 -41.25 -12.17 -1.23
N VAL D 171 -41.80 -13.01 -0.37
CA VAL D 171 -41.60 -12.88 1.07
C VAL D 171 -40.23 -13.40 1.46
N LYS D 172 -39.27 -12.49 1.55
CA LYS D 172 -37.91 -12.85 1.94
C LYS D 172 -37.80 -13.01 3.45
N LYS D 173 -36.71 -13.62 3.89
CA LYS D 173 -36.48 -13.84 5.31
C LYS D 173 -35.99 -12.56 5.98
N THR D 174 -35.45 -11.65 5.18
CA THR D 174 -34.89 -10.40 5.69
C THR D 174 -35.92 -9.27 5.69
N ASP D 175 -37.17 -9.62 5.46
CA ASP D 175 -38.25 -8.62 5.46
C ASP D 175 -38.84 -8.44 6.85
N PHE D 176 -38.54 -9.38 7.75
CA PHE D 176 -39.14 -9.37 9.09
C PHE D 176 -38.21 -8.80 10.15
N GLU D 177 -37.03 -8.35 9.74
CA GLU D 177 -36.12 -7.67 10.63
C GLU D 177 -35.97 -6.22 10.17
N VAL D 178 -36.10 -5.29 11.10
CA VAL D 178 -36.13 -3.86 10.77
C VAL D 178 -34.86 -3.38 10.08
N PHE D 179 -33.71 -3.67 10.66
CA PHE D 179 -32.45 -3.18 10.12
C PHE D 179 -31.99 -3.96 8.90
N ASP D 180 -32.31 -5.26 8.86
CA ASP D 180 -31.97 -6.09 7.71
C ASP D 180 -32.84 -5.73 6.51
N ALA D 181 -33.97 -5.07 6.78
CA ALA D 181 -34.85 -4.58 5.73
C ALA D 181 -34.40 -3.20 5.26
N LEU D 182 -33.80 -2.45 6.18
CA LEU D 182 -33.26 -1.13 5.87
C LEU D 182 -31.94 -1.25 5.14
N MET D 183 -31.21 -2.33 5.44
CA MET D 183 -29.97 -2.62 4.73
C MET D 183 -30.25 -2.94 3.27
N VAL D 184 -31.27 -3.75 3.02
CA VAL D 184 -31.66 -4.10 1.67
C VAL D 184 -32.38 -2.92 0.99
N ASP D 185 -32.78 -1.94 1.80
CA ASP D 185 -33.38 -0.71 1.27
C ASP D 185 -32.34 0.40 1.12
N SER D 186 -31.17 0.22 1.73
CA SER D 186 -30.07 1.17 1.56
C SER D 186 -29.05 0.68 0.54
N GLN D 187 -28.99 -0.65 0.35
CA GLN D 187 -28.14 -1.25 -0.67
C GLN D 187 -28.85 -1.26 -2.02
N LYS D 188 -30.15 -1.01 -2.00
CA LYS D 188 -30.94 -0.94 -3.23
C LYS D 188 -31.09 0.52 -3.64
N CYS D 189 -30.98 1.41 -2.66
CA CYS D 189 -31.08 2.84 -2.89
C CYS D 189 -29.82 3.37 -3.58
N GLN D 205 -13.85 9.96 -6.29
CA GLN D 205 -12.84 9.74 -5.25
C GLN D 205 -11.45 10.09 -5.73
N GLU D 206 -10.73 10.86 -4.91
CA GLU D 206 -9.37 11.30 -5.23
C GLU D 206 -9.28 12.03 -6.56
N PRO D 207 -10.28 12.87 -6.84
CA PRO D 207 -10.31 13.62 -8.08
C PRO D 207 -9.36 14.80 -8.08
N TYR D 208 -8.93 15.19 -9.28
CA TYR D 208 -8.06 16.34 -9.47
C TYR D 208 -8.83 17.67 -9.47
N VAL D 209 -9.97 17.69 -10.19
CA VAL D 209 -10.85 18.86 -10.34
C VAL D 209 -10.22 19.98 -11.17
N CYS D 210 -10.95 20.69 -12.07
CA CYS D 210 -12.41 20.78 -12.26
C CYS D 210 -13.25 21.56 -11.23
N LYS D 211 -14.28 22.26 -11.70
CA LYS D 211 -15.09 23.12 -10.84
C LYS D 211 -16.36 23.62 -11.54
N PRO D 212 -16.80 22.86 -12.54
CA PRO D 212 -17.90 23.23 -13.44
C PRO D 212 -19.11 23.83 -12.74
N PRO D 219 -22.71 31.15 -2.57
CA PRO D 219 -21.94 30.70 -1.41
C PRO D 219 -22.69 30.92 -0.10
N PRO D 220 -22.64 29.94 0.82
CA PRO D 220 -23.34 30.01 2.11
C PRO D 220 -22.85 31.18 2.96
N ILE D 221 -23.74 31.74 3.77
CA ILE D 221 -23.37 32.81 4.69
C ILE D 221 -22.70 32.22 5.92
N LEU D 222 -21.69 32.92 6.45
CA LEU D 222 -21.00 32.43 7.63
C LEU D 222 -21.91 32.41 8.85
N PRO D 223 -22.05 31.23 9.47
CA PRO D 223 -22.80 31.07 10.72
C PRO D 223 -22.13 31.82 11.87
N PRO D 224 -22.90 32.63 12.60
CA PRO D 224 -22.37 33.52 13.64
C PRO D 224 -21.77 32.79 14.84
N HIS D 225 -21.96 31.47 14.92
CA HIS D 225 -21.42 30.70 16.03
C HIS D 225 -19.89 30.54 15.98
N LEU D 226 -19.35 30.51 14.77
CA LEU D 226 -17.92 30.32 14.59
C LEU D 226 -17.14 31.61 14.85
N LEU D 227 -17.85 32.68 15.15
CA LEU D 227 -17.24 33.97 15.44
C LEU D 227 -16.99 34.16 16.92
N GLN D 228 -17.55 33.26 17.73
CA GLN D 228 -17.33 33.27 19.17
C GLN D 228 -15.98 32.65 19.50
N VAL D 229 -14.91 33.38 19.26
CA VAL D 229 -13.57 32.88 19.57
C VAL D 229 -13.44 32.63 21.06
N ILE D 230 -13.13 31.39 21.43
CA ILE D 230 -13.03 31.00 22.83
C ILE D 230 -11.78 31.58 23.48
N LEU D 231 -10.76 31.85 22.67
CA LEU D 231 -9.48 32.31 23.19
C LEU D 231 -9.41 33.83 23.36
N ASN D 232 -10.51 34.52 23.12
CA ASN D 232 -10.50 35.97 23.22
C ASN D 232 -11.29 36.49 24.42
N LYS D 233 -12.01 35.59 25.09
CA LYS D 233 -12.81 35.95 26.24
C LYS D 233 -12.06 35.69 27.55
N ASP D 234 -12.23 36.59 28.50
CA ASP D 234 -11.56 36.48 29.80
C ASP D 234 -12.23 35.43 30.68
N THR D 235 -11.52 35.00 31.72
CA THR D 235 -12.02 33.95 32.59
C THR D 235 -12.09 34.40 34.04
N GLY D 236 -11.73 35.66 34.30
CA GLY D 236 -11.74 36.18 35.65
C GLY D 236 -10.56 35.68 36.46
N ILE D 237 -9.87 36.59 37.14
CA ILE D 237 -8.66 36.25 37.89
C ILE D 237 -8.94 35.53 39.20
N SER D 238 -9.68 34.44 39.14
CA SER D 238 -10.01 33.69 40.34
C SER D 238 -9.64 32.23 40.18
N CYS D 239 -9.70 31.74 38.94
CA CYS D 239 -9.48 30.33 38.65
C CYS D 239 -8.15 30.08 37.94
N ASP D 240 -7.85 28.80 37.70
CA ASP D 240 -6.63 28.40 37.03
C ASP D 240 -6.58 28.95 35.61
N PRO D 241 -5.44 29.56 35.23
CA PRO D 241 -5.19 30.12 33.90
C PRO D 241 -5.42 29.14 32.76
N ALA D 242 -5.25 27.85 33.03
CA ALA D 242 -5.40 26.83 31.99
C ALA D 242 -6.86 26.48 31.70
N LEU D 243 -7.76 26.95 32.56
CA LEU D 243 -9.18 26.66 32.41
C LEU D 243 -9.86 27.53 31.36
N LEU D 244 -10.87 26.97 30.70
CA LEU D 244 -11.65 27.68 29.69
C LEU D 244 -13.14 27.38 29.86
N PRO D 245 -14.01 28.25 29.31
CA PRO D 245 -15.45 27.98 29.30
C PRO D 245 -15.79 26.84 28.36
N GLU D 246 -16.87 26.11 28.66
CA GLU D 246 -17.26 24.97 27.84
C GLU D 246 -17.63 25.42 26.43
N PRO D 247 -16.98 24.84 25.42
CA PRO D 247 -17.16 25.29 24.04
C PRO D 247 -18.43 24.73 23.44
N ASN D 248 -18.99 25.45 22.47
CA ASN D 248 -20.15 24.96 21.72
C ASN D 248 -19.72 23.77 20.86
N HIS D 249 -20.63 22.81 20.68
CA HIS D 249 -20.31 21.60 19.95
C HIS D 249 -20.05 21.85 18.47
N VAL D 250 -20.46 23.02 17.99
CA VAL D 250 -20.39 23.32 16.56
C VAL D 250 -19.14 24.12 16.19
N MET D 251 -18.40 24.57 17.19
CA MET D 251 -17.15 25.30 16.95
C MET D 251 -15.96 24.34 17.02
N LEU D 252 -16.25 23.07 17.32
CA LEU D 252 -15.21 22.06 17.45
C LEU D 252 -14.58 21.73 16.10
N ASN D 253 -13.29 21.41 16.13
CA ASN D 253 -12.52 21.02 14.95
C ASN D 253 -12.24 22.15 13.97
N HIS D 254 -12.61 23.37 14.33
CA HIS D 254 -12.40 24.53 13.47
C HIS D 254 -11.12 25.28 13.83
N LEU D 255 -10.35 25.64 12.81
CA LEU D 255 -9.07 26.29 13.01
C LEU D 255 -9.20 27.79 13.27
N TYR D 256 -8.48 28.26 14.29
CA TYR D 256 -8.40 29.68 14.59
C TYR D 256 -6.93 30.10 14.58
N ALA D 257 -6.65 31.31 14.10
CA ALA D 257 -5.28 31.75 13.95
C ALA D 257 -5.05 33.20 14.38
N LEU D 258 -3.77 33.56 14.53
CA LEU D 258 -3.37 34.92 14.85
C LEU D 258 -2.64 35.55 13.69
N SER D 259 -2.52 36.88 13.71
CA SER D 259 -1.75 37.59 12.70
C SER D 259 -0.26 37.35 12.93
N ILE D 260 0.43 36.89 11.91
CA ILE D 260 1.84 36.53 12.02
C ILE D 260 2.73 37.71 12.39
N LYS D 261 3.53 37.53 13.44
CA LYS D 261 4.45 38.58 13.89
C LYS D 261 5.87 38.05 14.04
N ASP D 262 6.78 38.60 13.24
CA ASP D 262 8.19 38.21 13.24
C ASP D 262 8.41 36.75 12.82
N GLY D 263 7.68 36.33 11.79
CA GLY D 263 7.91 35.04 11.15
C GLY D 263 7.38 33.81 11.87
N VAL D 264 6.65 34.01 12.96
CA VAL D 264 6.08 32.87 13.68
C VAL D 264 4.54 32.82 13.57
N MET D 265 4.05 31.69 13.07
CA MET D 265 2.61 31.49 12.91
C MET D 265 2.02 30.69 14.06
N VAL D 266 0.94 31.20 14.64
CA VAL D 266 0.31 30.54 15.78
C VAL D 266 -1.08 30.02 15.42
N LEU D 267 -1.26 28.70 15.53
CA LEU D 267 -2.54 28.08 15.22
C LEU D 267 -3.24 27.56 16.47
N SER D 268 -4.56 27.38 16.37
CA SER D 268 -5.33 26.84 17.49
C SER D 268 -6.69 26.26 17.09
N ALA D 269 -7.12 25.25 17.83
CA ALA D 269 -8.41 24.60 17.59
C ALA D 269 -8.89 23.90 18.85
N THR D 270 -10.19 23.67 18.97
CA THR D 270 -10.76 23.00 20.14
C THR D 270 -11.29 21.61 19.77
N HIS D 271 -10.60 20.58 20.24
CA HIS D 271 -11.04 19.20 20.00
C HIS D 271 -11.64 18.56 21.25
N ARG D 272 -12.23 17.39 21.07
CA ARG D 272 -12.91 16.71 22.17
C ARG D 272 -12.41 15.28 22.39
N TYR D 273 -12.02 14.98 23.63
CA TYR D 273 -11.65 13.63 24.03
C TYR D 273 -12.60 13.11 25.09
N LYS D 274 -13.29 12.02 24.78
CA LYS D 274 -14.34 11.48 25.63
C LYS D 274 -15.38 12.55 25.93
N LYS D 275 -15.41 13.03 27.16
CA LYS D 275 -16.33 14.08 27.56
C LYS D 275 -15.59 15.32 28.05
N LYS D 276 -14.41 15.56 27.48
CA LYS D 276 -13.60 16.72 27.82
C LYS D 276 -13.28 17.54 26.57
N TYR D 277 -12.74 18.74 26.75
CA TYR D 277 -12.44 19.62 25.63
C TYR D 277 -11.07 20.26 25.79
N VAL D 278 -10.20 20.07 24.80
CA VAL D 278 -8.86 20.62 24.86
C VAL D 278 -8.55 21.58 23.71
N THR D 279 -8.33 22.85 24.05
CA THR D 279 -7.96 23.85 23.07
C THR D 279 -6.45 23.93 22.95
N THR D 280 -5.90 23.38 21.87
CA THR D 280 -4.45 23.35 21.70
C THR D 280 -3.94 24.51 20.84
N LEU D 281 -2.88 25.14 21.30
CA LEU D 281 -2.24 26.22 20.55
C LEU D 281 -0.90 25.72 20.02
N LEU D 282 -0.58 26.07 18.79
CA LEU D 282 0.68 25.63 18.20
C LEU D 282 1.49 26.82 17.68
N TYR D 283 2.55 27.18 18.41
CA TYR D 283 3.48 28.19 17.96
C TYR D 283 4.50 27.56 17.02
N LYS D 284 4.44 27.94 15.75
CA LYS D 284 5.27 27.32 14.73
C LYS D 284 5.85 28.37 13.79
N PRO D 285 7.19 28.49 13.77
CA PRO D 285 7.87 29.48 12.94
C PRO D 285 7.89 29.07 11.48
N ILE D 286 7.76 30.05 10.59
CA ILE D 286 7.75 29.78 9.15
C ILE D 286 8.83 30.59 8.44
N SER E 27 47.34 -31.27 -42.88
CA SER E 27 48.01 -30.00 -43.18
C SER E 27 47.12 -28.82 -42.82
N VAL E 28 46.16 -28.53 -43.70
CA VAL E 28 45.28 -27.39 -43.50
C VAL E 28 44.25 -27.67 -42.41
N TYR E 29 43.79 -28.91 -42.34
CA TYR E 29 42.81 -29.32 -41.35
C TYR E 29 43.39 -29.23 -39.95
N THR E 30 44.68 -29.50 -39.84
CA THR E 30 45.39 -29.42 -38.57
C THR E 30 45.32 -28.00 -38.00
N SER E 31 45.61 -27.01 -38.85
CA SER E 31 45.50 -25.61 -38.45
C SER E 31 44.07 -25.24 -38.09
N PHE E 32 43.11 -25.78 -38.85
CA PHE E 32 41.69 -25.55 -38.62
C PHE E 32 41.29 -25.98 -37.21
N MET E 33 41.61 -27.21 -36.86
CA MET E 33 41.23 -27.78 -35.57
C MET E 33 42.08 -27.24 -34.44
N LYS E 34 43.09 -26.44 -34.78
CA LYS E 34 43.88 -25.76 -33.76
C LYS E 34 43.30 -24.39 -33.45
N SER E 35 42.40 -23.93 -34.33
CA SER E 35 41.79 -22.61 -34.19
C SER E 35 40.52 -22.64 -33.34
N HIS E 36 39.56 -23.48 -33.73
CA HIS E 36 38.28 -23.58 -33.04
C HIS E 36 38.39 -24.34 -31.72
N ARG E 37 37.66 -23.85 -30.74
CA ARG E 37 37.58 -24.45 -29.43
C ARG E 37 36.50 -25.54 -29.45
N CYS E 38 36.37 -26.32 -28.38
CA CYS E 38 35.40 -27.42 -28.36
C CYS E 38 34.00 -26.86 -28.15
N TYR E 39 33.95 -25.62 -27.71
CA TYR E 39 32.71 -24.89 -27.51
C TYR E 39 31.82 -24.85 -28.76
N ASP E 40 32.47 -24.86 -29.94
CA ASP E 40 31.78 -24.77 -31.22
C ASP E 40 31.02 -26.03 -31.59
N LEU E 41 31.34 -27.12 -30.92
CA LEU E 41 30.70 -28.39 -31.26
C LEU E 41 29.48 -28.57 -30.39
N ILE E 42 29.54 -28.02 -29.18
CA ILE E 42 28.43 -28.14 -28.24
C ILE E 42 27.13 -27.59 -28.82
N PRO E 43 26.10 -28.42 -28.90
CA PRO E 43 24.82 -27.99 -29.45
C PRO E 43 24.14 -26.93 -28.59
N THR E 44 23.26 -26.15 -29.21
CA THR E 44 22.58 -25.04 -28.55
C THR E 44 21.77 -25.48 -27.35
N SER E 45 21.00 -26.55 -27.52
CA SER E 45 20.28 -27.16 -26.41
C SER E 45 20.45 -28.68 -26.42
N SER E 46 21.03 -29.21 -25.35
CA SER E 46 21.34 -30.63 -25.28
C SER E 46 20.94 -31.28 -23.96
N LYS E 47 20.80 -32.60 -23.99
CA LYS E 47 20.45 -33.39 -22.81
C LYS E 47 21.67 -34.17 -22.31
N LEU E 48 21.84 -34.21 -21.00
CA LEU E 48 23.00 -34.86 -20.39
C LEU E 48 22.60 -35.67 -19.16
N VAL E 49 22.68 -36.98 -19.24
CA VAL E 49 22.33 -37.85 -18.12
C VAL E 49 23.53 -38.06 -17.22
N VAL E 50 23.33 -37.99 -15.91
CA VAL E 50 24.42 -38.20 -14.96
C VAL E 50 24.03 -39.17 -13.85
N PHE E 51 24.88 -40.16 -13.61
CA PHE E 51 24.63 -41.19 -12.62
C PHE E 51 25.45 -40.98 -11.35
N ASP E 52 24.82 -41.13 -10.20
CA ASP E 52 25.56 -41.20 -8.95
C ASP E 52 26.20 -42.57 -8.87
N THR E 53 27.38 -42.64 -8.26
CA THR E 53 28.13 -43.89 -8.21
C THR E 53 27.43 -44.97 -7.38
N SER E 54 26.60 -44.55 -6.43
CA SER E 54 25.93 -45.49 -5.55
C SER E 54 24.60 -45.97 -6.13
N LEU E 55 24.42 -45.76 -7.43
CA LEU E 55 23.23 -46.24 -8.12
C LEU E 55 23.44 -47.69 -8.55
N GLN E 56 22.41 -48.51 -8.40
CA GLN E 56 22.49 -49.90 -8.82
C GLN E 56 22.82 -49.98 -10.32
N VAL E 57 23.73 -50.87 -10.67
CA VAL E 57 24.26 -50.93 -12.03
C VAL E 57 23.21 -51.36 -13.06
N LYS E 58 22.15 -52.01 -12.59
CA LYS E 58 21.08 -52.43 -13.49
C LYS E 58 20.19 -51.25 -13.83
N LYS E 59 19.90 -50.43 -12.84
CA LYS E 59 19.05 -49.26 -13.03
C LYS E 59 19.69 -48.26 -13.98
N ALA E 60 21.00 -48.06 -13.85
CA ALA E 60 21.71 -47.10 -14.69
C ALA E 60 21.76 -47.56 -16.14
N PHE E 61 21.73 -48.87 -16.37
CA PHE E 61 21.72 -49.40 -17.72
C PHE E 61 20.35 -49.19 -18.37
N PHE E 62 19.29 -49.41 -17.59
CA PHE E 62 17.94 -49.17 -18.08
C PHE E 62 17.72 -47.67 -18.37
N ALA E 63 18.35 -46.82 -17.58
CA ALA E 63 18.24 -45.39 -17.76
C ALA E 63 18.85 -44.91 -19.07
N LEU E 64 19.82 -45.67 -19.59
CA LEU E 64 20.45 -45.35 -20.85
C LEU E 64 19.52 -45.66 -22.01
N VAL E 65 18.53 -46.51 -21.76
CA VAL E 65 17.58 -46.88 -22.80
C VAL E 65 16.38 -45.94 -22.80
N THR E 66 15.90 -45.60 -21.61
CA THR E 66 14.75 -44.72 -21.49
C THR E 66 15.10 -43.26 -21.79
N ASN E 67 16.27 -42.82 -21.36
CA ASN E 67 16.70 -41.45 -21.60
C ASN E 67 17.31 -41.23 -22.98
N GLY E 68 17.45 -42.31 -23.74
CA GLY E 68 17.85 -42.22 -25.13
C GLY E 68 19.32 -41.94 -25.41
N VAL E 69 20.10 -41.79 -24.34
CA VAL E 69 21.52 -41.47 -24.49
C VAL E 69 22.37 -42.74 -24.47
N ARG E 70 23.60 -42.63 -24.98
CA ARG E 70 24.49 -43.77 -25.19
C ARG E 70 25.45 -43.97 -24.01
N ALA E 71 25.81 -42.86 -23.36
CA ALA E 71 26.70 -42.91 -22.20
C ALA E 71 26.44 -41.75 -21.23
N ALA E 72 26.88 -41.90 -19.99
CA ALA E 72 26.60 -40.93 -18.95
C ALA E 72 27.74 -40.79 -17.95
N PRO E 73 28.09 -39.55 -17.58
CA PRO E 73 29.10 -39.27 -16.56
C PRO E 73 28.75 -39.88 -15.20
N LEU E 74 29.77 -40.13 -14.39
CA LEU E 74 29.59 -40.71 -13.07
C LEU E 74 29.96 -39.69 -12.01
N TRP E 75 29.10 -39.52 -11.02
CA TRP E 75 29.30 -38.51 -9.99
C TRP E 75 29.48 -39.15 -8.62
N ASP E 76 30.71 -39.09 -8.10
CA ASP E 76 31.00 -39.64 -6.80
C ASP E 76 30.52 -38.68 -5.71
N SER E 77 29.42 -39.05 -5.05
CA SER E 77 28.78 -38.16 -4.08
C SER E 77 29.67 -37.85 -2.88
N LYS E 78 30.50 -38.81 -2.49
CA LYS E 78 31.37 -38.62 -1.34
C LYS E 78 32.54 -37.69 -1.65
N LYS E 79 33.19 -37.91 -2.79
CA LYS E 79 34.36 -37.11 -3.14
C LYS E 79 33.99 -35.80 -3.84
N GLN E 80 32.72 -35.64 -4.17
CA GLN E 80 32.20 -34.44 -4.84
C GLN E 80 32.97 -34.12 -6.12
N SER E 81 33.00 -35.07 -7.05
CA SER E 81 33.67 -34.89 -8.32
C SER E 81 33.33 -36.00 -9.30
N PHE E 82 33.40 -35.69 -10.60
CA PHE E 82 33.17 -36.70 -11.62
C PHE E 82 34.35 -37.67 -11.64
N VAL E 83 34.05 -38.96 -11.73
CA VAL E 83 35.10 -39.97 -11.69
C VAL E 83 35.32 -40.68 -13.03
N GLY E 84 34.28 -40.72 -13.85
CA GLY E 84 34.37 -41.41 -15.14
C GLY E 84 33.05 -41.53 -15.87
N MET E 85 33.01 -42.41 -16.85
CA MET E 85 31.83 -42.59 -17.72
C MET E 85 31.28 -44.00 -17.67
N LEU E 86 29.96 -44.14 -17.78
CA LEU E 86 29.34 -45.45 -17.88
C LEU E 86 28.82 -45.69 -19.28
N THR E 87 29.48 -46.56 -20.03
CA THR E 87 29.15 -46.79 -21.44
C THR E 87 28.55 -48.16 -21.68
N ILE E 88 28.20 -48.43 -22.95
CA ILE E 88 27.66 -49.73 -23.34
C ILE E 88 28.72 -50.82 -23.20
N THR E 89 29.98 -50.42 -23.30
CA THR E 89 31.09 -51.35 -23.11
C THR E 89 31.04 -51.97 -21.72
N ASP E 90 30.67 -51.17 -20.73
CA ASP E 90 30.54 -51.65 -19.36
C ASP E 90 29.39 -52.64 -19.22
N PHE E 91 28.43 -52.54 -20.12
CA PHE E 91 27.31 -53.49 -20.14
C PHE E 91 27.70 -54.74 -20.91
N ILE E 92 28.77 -54.64 -21.69
CA ILE E 92 29.33 -55.80 -22.39
C ILE E 92 30.30 -56.53 -21.47
N ASN E 93 31.05 -55.75 -20.69
CA ASN E 93 31.98 -56.31 -19.72
C ASN E 93 31.27 -57.08 -18.61
N ILE E 94 30.19 -56.51 -18.09
CA ILE E 94 29.43 -57.15 -17.02
C ILE E 94 28.81 -58.45 -17.50
N LEU E 95 28.19 -58.42 -18.67
CA LEU E 95 27.55 -59.62 -19.20
C LEU E 95 28.56 -60.74 -19.43
N HIS E 96 29.65 -60.43 -20.12
CA HIS E 96 30.62 -61.46 -20.46
C HIS E 96 31.29 -62.02 -19.23
N ARG E 97 31.58 -61.17 -18.25
CA ARG E 97 32.25 -61.62 -17.03
C ARG E 97 31.40 -62.58 -16.22
N TYR E 98 30.21 -62.13 -15.82
CA TYR E 98 29.32 -63.00 -15.05
C TYR E 98 28.11 -63.43 -15.86
N TYR E 99 28.27 -64.46 -16.67
CA TYR E 99 27.12 -65.08 -17.29
C TYR E 99 27.25 -66.59 -17.19
N LYS E 100 26.47 -67.19 -16.30
CA LYS E 100 26.55 -68.63 -16.10
C LYS E 100 25.76 -69.36 -17.17
N SER E 101 24.47 -69.07 -17.26
CA SER E 101 23.60 -69.75 -18.23
C SER E 101 22.29 -69.02 -18.40
N ALA E 102 21.39 -69.63 -19.18
CA ALA E 102 20.06 -69.08 -19.38
C ALA E 102 19.09 -69.62 -18.33
N LEU E 103 19.59 -70.51 -17.48
CA LEU E 103 18.77 -71.13 -16.44
C LEU E 103 18.94 -70.42 -15.10
N VAL E 104 20.09 -69.79 -14.94
CA VAL E 104 20.41 -69.07 -13.71
C VAL E 104 20.57 -67.57 -14.01
N GLN E 105 19.96 -66.74 -13.17
CA GLN E 105 20.05 -65.30 -13.38
C GLN E 105 21.45 -64.80 -13.06
N ILE E 106 21.72 -63.55 -13.42
CA ILE E 106 23.00 -62.92 -13.18
C ILE E 106 22.95 -62.14 -11.89
N TYR E 107 23.35 -62.78 -10.79
CA TYR E 107 23.20 -62.20 -9.45
C TYR E 107 23.85 -60.82 -9.29
N GLU E 108 25.06 -60.67 -9.83
CA GLU E 108 25.80 -59.42 -9.70
C GLU E 108 25.14 -58.27 -10.43
N LEU E 109 24.73 -58.51 -11.68
CA LEU E 109 24.06 -57.50 -12.50
C LEU E 109 22.78 -57.01 -11.82
N GLU E 110 22.19 -57.85 -10.99
CA GLU E 110 20.97 -57.51 -10.27
C GLU E 110 21.25 -56.88 -8.91
N GLU E 111 22.50 -56.92 -8.47
CA GLU E 111 22.84 -56.47 -7.11
C GLU E 111 23.96 -55.44 -7.04
N HIS E 112 24.88 -55.48 -8.00
CA HIS E 112 26.00 -54.56 -8.04
C HIS E 112 25.57 -53.11 -8.21
N LYS E 113 26.32 -52.21 -7.58
CA LYS E 113 26.17 -50.78 -7.83
C LYS E 113 27.30 -50.36 -8.77
N ILE E 114 27.19 -49.17 -9.34
CA ILE E 114 28.23 -48.66 -10.23
C ILE E 114 29.55 -48.55 -9.48
N GLU E 115 29.45 -48.17 -8.22
CA GLU E 115 30.63 -48.01 -7.36
C GLU E 115 31.34 -49.34 -7.13
N THR E 116 30.59 -50.38 -6.82
CA THR E 116 31.18 -51.69 -6.53
C THR E 116 31.78 -52.36 -7.77
N TRP E 117 31.13 -52.17 -8.92
CA TRP E 117 31.64 -52.81 -10.14
C TRP E 117 32.87 -52.08 -10.67
N ARG E 118 33.05 -50.83 -10.26
CA ARG E 118 34.27 -50.11 -10.61
C ARG E 118 35.45 -50.58 -9.75
N GLU E 119 35.16 -51.43 -8.77
CA GLU E 119 36.18 -52.03 -7.94
C GLU E 119 36.64 -53.35 -8.55
N VAL E 120 35.83 -53.90 -9.45
CA VAL E 120 36.08 -55.21 -10.03
C VAL E 120 36.97 -55.17 -11.26
N TYR E 121 36.66 -54.32 -12.23
CA TYR E 121 37.56 -54.20 -13.37
C TYR E 121 38.71 -53.23 -13.08
N LEU E 122 38.39 -52.07 -12.52
CA LEU E 122 39.42 -51.10 -12.13
C LEU E 122 39.91 -51.44 -10.75
N GLN E 123 40.26 -52.72 -10.53
CA GLN E 123 40.80 -53.15 -9.25
C GLN E 123 42.08 -52.39 -9.00
N ASP E 124 42.81 -52.16 -10.09
CA ASP E 124 44.19 -51.77 -10.05
C ASP E 124 44.50 -50.72 -11.13
N SER E 125 43.73 -50.74 -12.22
CA SER E 125 43.86 -49.79 -13.34
C SER E 125 43.87 -48.32 -12.90
N PHE E 126 42.93 -47.94 -12.06
CA PHE E 126 42.82 -46.57 -11.59
C PHE E 126 42.79 -45.54 -12.72
N LYS E 127 42.00 -45.80 -13.76
CA LYS E 127 41.91 -44.90 -14.91
C LYS E 127 41.40 -43.55 -14.45
N PRO E 128 42.15 -42.48 -14.74
CA PRO E 128 41.80 -41.11 -14.37
C PRO E 128 40.65 -40.58 -15.22
N LEU E 129 39.95 -39.57 -14.71
CA LEU E 129 38.89 -38.93 -15.48
C LEU E 129 39.49 -38.21 -16.68
N VAL E 130 39.37 -38.82 -17.85
CA VAL E 130 39.83 -38.19 -19.07
C VAL E 130 38.75 -37.25 -19.58
N CYS E 131 38.98 -35.95 -19.42
CA CYS E 131 38.02 -34.95 -19.87
C CYS E 131 38.71 -33.82 -20.59
N ILE E 132 37.96 -32.78 -20.94
CA ILE E 132 38.51 -31.64 -21.66
C ILE E 132 37.70 -30.37 -21.42
N SER E 133 38.37 -29.22 -21.48
CA SER E 133 37.69 -27.94 -21.31
C SER E 133 37.10 -27.45 -22.62
N PRO E 134 35.92 -26.80 -22.56
CA PRO E 134 35.28 -26.28 -23.77
C PRO E 134 36.13 -25.22 -24.47
N ASN E 135 37.05 -24.61 -23.73
CA ASN E 135 37.95 -23.61 -24.29
C ASN E 135 39.14 -24.24 -25.01
N ALA E 136 39.43 -25.50 -24.71
CA ALA E 136 40.55 -26.21 -25.33
C ALA E 136 40.30 -26.40 -26.82
N SER E 137 41.38 -26.43 -27.60
CA SER E 137 41.27 -26.48 -29.05
C SER E 137 40.62 -27.78 -29.54
N LEU E 138 40.14 -27.75 -30.78
CA LEU E 138 39.51 -28.93 -31.37
C LEU E 138 40.57 -29.97 -31.72
N PHE E 139 41.80 -29.51 -31.87
CA PHE E 139 42.92 -30.42 -32.09
C PHE E 139 43.11 -31.29 -30.86
N ASP E 140 43.11 -30.64 -29.69
CA ASP E 140 43.32 -31.32 -28.41
C ASP E 140 42.24 -32.37 -28.12
N ALA E 141 41.05 -32.16 -28.67
CA ALA E 141 39.95 -33.08 -28.47
C ALA E 141 40.18 -34.37 -29.24
N VAL E 142 40.73 -34.25 -30.44
CA VAL E 142 41.03 -35.42 -31.28
C VAL E 142 42.26 -36.17 -30.74
N SER E 143 43.21 -35.41 -30.22
CA SER E 143 44.38 -36.01 -29.59
C SER E 143 43.95 -36.80 -28.36
N SER E 144 43.14 -36.16 -27.52
CA SER E 144 42.69 -36.78 -26.27
C SER E 144 41.89 -38.07 -26.53
N LEU E 145 41.26 -38.15 -27.70
CA LEU E 145 40.46 -39.32 -28.07
C LEU E 145 41.30 -40.48 -28.56
N ILE E 146 42.49 -40.17 -29.08
CA ILE E 146 43.36 -41.19 -29.67
C ILE E 146 44.33 -41.75 -28.64
N ARG E 147 45.03 -40.86 -27.95
CA ARG E 147 45.98 -41.25 -26.91
C ARG E 147 45.35 -42.21 -25.91
N ASN E 148 44.26 -41.77 -25.30
CA ASN E 148 43.60 -42.56 -24.26
C ASN E 148 42.73 -43.69 -24.83
N LYS E 149 42.71 -43.79 -26.16
CA LYS E 149 41.92 -44.80 -26.88
C LYS E 149 40.47 -44.90 -26.41
N ILE E 150 39.80 -43.75 -26.37
CA ILE E 150 38.40 -43.65 -25.99
C ILE E 150 37.56 -43.17 -27.17
N HIS E 151 36.25 -43.26 -27.04
CA HIS E 151 35.34 -42.83 -28.10
C HIS E 151 34.50 -41.62 -27.70
N ARG E 152 34.37 -41.41 -26.40
CA ARG E 152 33.55 -40.31 -25.91
C ARG E 152 34.24 -39.55 -24.79
N LEU E 153 34.52 -38.28 -25.05
CA LEU E 153 35.25 -37.43 -24.13
C LEU E 153 34.31 -36.40 -23.51
N PRO E 154 34.22 -36.38 -22.17
CA PRO E 154 33.39 -35.42 -21.45
C PRO E 154 33.99 -34.01 -21.46
N VAL E 155 33.23 -33.04 -21.97
CA VAL E 155 33.64 -31.65 -21.96
C VAL E 155 33.17 -30.98 -20.67
N ILE E 156 34.11 -30.64 -19.80
CA ILE E 156 33.78 -30.10 -18.50
C ILE E 156 34.26 -28.66 -18.32
N ASP E 157 33.36 -27.78 -17.90
CA ASP E 157 33.70 -26.40 -17.64
C ASP E 157 34.53 -26.28 -16.38
N PRO E 158 35.80 -25.90 -16.53
CA PRO E 158 36.73 -25.79 -15.40
C PRO E 158 36.37 -24.63 -14.47
N GLU E 159 35.40 -23.83 -14.88
CA GLU E 159 35.02 -22.65 -14.11
C GLU E 159 33.92 -22.98 -13.10
N SER E 160 32.93 -23.75 -13.55
CA SER E 160 31.80 -24.08 -12.71
C SER E 160 31.86 -25.54 -12.26
N GLY E 161 32.67 -26.33 -12.96
CA GLY E 161 32.85 -27.73 -12.64
C GLY E 161 31.75 -28.60 -13.23
N ASN E 162 30.88 -27.99 -14.02
CA ASN E 162 29.77 -28.69 -14.64
C ASN E 162 30.19 -29.40 -15.92
N THR E 163 29.55 -30.53 -16.21
CA THR E 163 29.75 -31.23 -17.47
C THR E 163 28.79 -30.66 -18.49
N LEU E 164 29.29 -30.32 -19.68
CA LEU E 164 28.47 -29.67 -20.68
C LEU E 164 27.99 -30.64 -21.77
N TYR E 165 28.94 -31.34 -22.39
CA TYR E 165 28.62 -32.20 -23.53
C TYR E 165 29.62 -33.33 -23.69
N ILE E 166 29.15 -34.47 -24.17
CA ILE E 166 29.98 -35.65 -24.36
C ILE E 166 30.41 -35.76 -25.82
N LEU E 167 31.66 -35.38 -26.07
CA LEU E 167 32.19 -35.27 -27.42
C LEU E 167 32.43 -36.63 -28.05
N THR E 168 32.11 -36.76 -29.32
CA THR E 168 32.34 -38.01 -30.04
C THR E 168 33.12 -37.79 -31.32
N HIS E 169 33.55 -38.87 -31.95
CA HIS E 169 34.26 -38.80 -33.22
C HIS E 169 33.32 -38.35 -34.32
N LYS E 170 32.09 -38.87 -34.31
CA LYS E 170 31.07 -38.48 -35.28
C LYS E 170 30.86 -36.97 -35.25
N ARG E 171 30.68 -36.46 -34.04
CA ARG E 171 30.43 -35.04 -33.81
C ARG E 171 31.53 -34.16 -34.37
N ILE E 172 32.78 -34.59 -34.23
CA ILE E 172 33.90 -33.80 -34.72
C ILE E 172 34.02 -33.83 -36.24
N LEU E 173 33.90 -35.02 -36.83
CA LEU E 173 34.03 -35.14 -38.28
C LEU E 173 32.86 -34.49 -39.02
N LYS E 174 31.65 -34.60 -38.46
CA LYS E 174 30.50 -33.95 -39.06
C LYS E 174 30.65 -32.43 -38.98
N PHE E 175 31.41 -31.97 -38.01
CA PHE E 175 31.69 -30.55 -37.83
C PHE E 175 32.66 -30.05 -38.89
N LEU E 176 33.71 -30.82 -39.15
CA LEU E 176 34.68 -30.50 -40.19
C LEU E 176 34.01 -30.53 -41.55
N LYS E 177 33.00 -31.39 -41.67
CA LYS E 177 32.24 -31.52 -42.92
C LYS E 177 31.60 -30.20 -43.30
N LEU E 178 31.25 -29.41 -42.29
CA LEU E 178 30.61 -28.12 -42.49
C LEU E 178 31.56 -27.03 -42.98
N PHE E 179 32.85 -27.36 -43.10
CA PHE E 179 33.84 -26.37 -43.53
C PHE E 179 34.81 -26.90 -44.58
N ILE E 180 34.38 -27.87 -45.36
CA ILE E 180 35.23 -28.43 -46.41
C ILE E 180 35.19 -27.57 -47.66
N THR E 181 34.30 -26.57 -47.65
CA THR E 181 34.19 -25.64 -48.77
C THR E 181 34.67 -24.26 -48.34
N GLU E 182 34.85 -24.07 -47.03
CA GLU E 182 35.35 -22.82 -46.49
C GLU E 182 36.86 -22.84 -46.39
N PHE E 183 37.36 -23.92 -45.82
CA PHE E 183 38.79 -24.17 -45.78
C PHE E 183 39.09 -25.24 -46.82
N PRO E 184 39.43 -24.82 -48.05
CA PRO E 184 39.25 -25.63 -49.27
C PRO E 184 39.59 -27.15 -49.23
N LYS E 185 40.58 -27.58 -50.00
CA LYS E 185 40.97 -28.99 -50.04
C LYS E 185 42.44 -29.09 -50.44
N PRO E 186 43.22 -29.93 -49.73
CA PRO E 186 44.61 -30.18 -50.14
C PRO E 186 44.63 -31.09 -51.38
N GLU E 187 45.21 -32.28 -51.26
CA GLU E 187 45.29 -33.18 -52.40
C GLU E 187 44.96 -34.62 -52.06
N PHE E 188 45.17 -34.99 -50.79
CA PHE E 188 44.92 -36.37 -50.37
C PHE E 188 43.45 -36.76 -50.38
N MET E 189 42.58 -35.75 -50.38
CA MET E 189 41.15 -36.00 -50.46
C MET E 189 40.75 -36.66 -51.78
N SER E 190 41.55 -36.39 -52.82
CA SER E 190 41.29 -36.93 -54.14
C SER E 190 41.98 -38.28 -54.33
N LYS E 191 42.84 -38.64 -53.38
CA LYS E 191 43.59 -39.89 -53.48
C LYS E 191 42.75 -41.07 -53.00
N SER E 192 43.00 -42.23 -53.58
CA SER E 192 42.24 -43.44 -53.27
C SER E 192 42.63 -43.97 -51.89
N LEU E 193 41.74 -44.77 -51.31
CA LEU E 193 41.95 -45.34 -49.98
C LEU E 193 43.16 -46.27 -50.00
N GLU E 194 43.36 -46.94 -51.11
CA GLU E 194 44.47 -47.87 -51.25
C GLU E 194 45.81 -47.12 -51.22
N GLU E 195 45.82 -45.90 -51.73
CA GLU E 195 47.04 -45.10 -51.79
C GLU E 195 47.40 -44.49 -50.44
N LEU E 196 46.39 -44.09 -49.67
CA LEU E 196 46.61 -43.46 -48.38
C LEU E 196 46.90 -44.47 -47.29
N GLN E 197 46.48 -45.70 -47.50
CA GLN E 197 46.65 -46.79 -46.53
C GLN E 197 46.07 -46.43 -45.16
N ILE E 198 44.80 -46.05 -45.13
CA ILE E 198 44.14 -45.72 -43.88
C ILE E 198 43.23 -46.86 -43.43
N GLY E 199 43.37 -47.27 -42.19
CA GLY E 199 42.51 -48.31 -41.64
C GLY E 199 43.21 -49.64 -41.45
N THR E 200 42.52 -50.57 -40.78
CA THR E 200 43.09 -51.89 -40.53
C THR E 200 42.67 -52.90 -41.59
N TYR E 201 43.65 -53.61 -42.15
CA TYR E 201 43.42 -54.58 -43.19
C TYR E 201 44.04 -55.93 -42.84
N ALA E 202 44.38 -56.11 -41.57
CA ALA E 202 44.93 -57.37 -41.09
C ALA E 202 44.29 -57.79 -39.78
N ASN E 203 43.92 -59.07 -39.70
CA ASN E 203 43.29 -59.64 -38.51
C ASN E 203 42.00 -58.93 -38.12
N ILE E 204 41.00 -58.99 -39.01
CA ILE E 204 39.71 -58.36 -38.80
C ILE E 204 38.80 -59.26 -37.99
N ALA E 205 38.43 -58.81 -36.79
CA ALA E 205 37.57 -59.60 -35.91
C ALA E 205 36.14 -59.67 -36.41
N MET E 206 35.67 -60.87 -36.72
CA MET E 206 34.34 -61.05 -37.28
C MET E 206 33.57 -62.18 -36.59
N VAL E 207 32.26 -62.23 -36.81
CA VAL E 207 31.43 -63.28 -36.27
C VAL E 207 30.67 -63.98 -37.40
N ARG E 208 30.29 -65.23 -37.16
CA ARG E 208 29.51 -65.99 -38.12
C ARG E 208 28.06 -65.53 -38.04
N THR E 209 27.23 -65.99 -38.97
CA THR E 209 25.81 -65.66 -38.97
C THR E 209 25.08 -66.43 -37.87
N THR E 210 25.77 -67.39 -37.26
CA THR E 210 25.17 -68.23 -36.22
C THR E 210 25.92 -68.11 -34.90
N THR E 211 26.93 -67.24 -34.87
CA THR E 211 27.73 -67.03 -33.67
C THR E 211 26.86 -66.56 -32.51
N PRO E 212 26.98 -67.22 -31.36
CA PRO E 212 26.26 -66.84 -30.14
C PRO E 212 26.63 -65.45 -29.67
N VAL E 213 25.68 -64.77 -29.01
CA VAL E 213 25.89 -63.42 -28.51
C VAL E 213 27.02 -63.39 -27.46
N TYR E 214 27.09 -64.42 -26.63
CA TYR E 214 28.11 -64.51 -25.59
C TYR E 214 29.52 -64.59 -26.16
N VAL E 215 29.63 -65.23 -27.32
CA VAL E 215 30.91 -65.34 -28.00
C VAL E 215 31.27 -64.00 -28.63
N ALA E 216 30.26 -63.32 -29.16
CA ALA E 216 30.45 -62.01 -29.78
C ALA E 216 30.91 -60.99 -28.75
N LEU E 217 30.38 -61.08 -27.54
CA LEU E 217 30.80 -60.21 -26.44
C LEU E 217 32.25 -60.49 -26.08
N GLY E 218 32.64 -61.76 -26.15
CA GLY E 218 33.99 -62.16 -25.81
C GLY E 218 35.02 -61.50 -26.71
N ILE E 219 34.65 -61.30 -27.97
CA ILE E 219 35.53 -60.67 -28.95
C ILE E 219 35.68 -59.19 -28.67
N PHE E 220 34.58 -58.55 -28.28
CA PHE E 220 34.58 -57.14 -27.94
C PHE E 220 35.52 -56.82 -26.78
N VAL E 221 35.60 -57.73 -25.83
CA VAL E 221 36.45 -57.52 -24.65
C VAL E 221 37.91 -57.80 -24.97
N GLN E 222 38.15 -58.84 -25.76
CA GLN E 222 39.51 -59.27 -26.08
C GLN E 222 40.17 -58.36 -27.11
N HIS E 223 39.47 -58.06 -28.19
CA HIS E 223 40.05 -57.30 -29.30
C HIS E 223 39.80 -55.79 -29.22
N ARG E 224 38.89 -55.38 -28.34
CA ARG E 224 38.56 -53.98 -28.14
C ARG E 224 38.25 -53.24 -29.45
N VAL E 225 37.21 -53.70 -30.15
CA VAL E 225 36.75 -53.04 -31.37
C VAL E 225 35.30 -52.61 -31.21
N SER E 226 34.84 -51.71 -32.06
CA SER E 226 33.48 -51.17 -31.96
C SER E 226 32.41 -52.04 -32.62
N ALA E 227 32.78 -52.73 -33.70
CA ALA E 227 31.82 -53.56 -34.40
C ALA E 227 32.43 -54.82 -35.01
N LEU E 228 31.61 -55.85 -35.20
CA LEU E 228 32.04 -57.10 -35.78
C LEU E 228 31.18 -57.44 -36.99
N PRO E 229 31.78 -57.36 -38.20
CA PRO E 229 31.06 -57.69 -39.44
C PRO E 229 30.52 -59.12 -39.41
N VAL E 230 29.20 -59.24 -39.59
CA VAL E 230 28.55 -60.55 -39.58
C VAL E 230 28.63 -61.21 -40.95
N VAL E 231 29.21 -62.41 -41.01
CA VAL E 231 29.39 -63.11 -42.28
C VAL E 231 28.68 -64.47 -42.33
N ASP E 232 28.42 -64.93 -43.55
CA ASP E 232 27.78 -66.24 -43.74
C ASP E 232 28.81 -67.30 -44.11
N GLU E 233 28.34 -68.48 -44.51
CA GLU E 233 29.22 -69.57 -44.87
C GLU E 233 29.99 -69.28 -46.15
N LYS E 234 29.36 -68.54 -47.06
CA LYS E 234 29.99 -68.15 -48.30
C LYS E 234 31.13 -67.17 -48.05
N GLY E 235 30.99 -66.36 -47.01
CA GLY E 235 32.01 -65.41 -46.64
C GLY E 235 31.64 -63.96 -46.94
N ARG E 236 30.40 -63.75 -47.37
CA ARG E 236 29.91 -62.40 -47.65
C ARG E 236 29.32 -61.76 -46.40
N VAL E 237 29.41 -60.42 -46.33
CA VAL E 237 28.87 -59.69 -45.19
C VAL E 237 27.38 -59.48 -45.34
N VAL E 238 26.61 -60.12 -44.48
CA VAL E 238 25.15 -60.04 -44.54
C VAL E 238 24.62 -58.96 -43.61
N ASP E 239 25.40 -58.63 -42.58
CA ASP E 239 24.98 -57.67 -41.56
C ASP E 239 26.19 -57.23 -40.75
N ILE E 240 25.99 -56.31 -39.81
CA ILE E 240 27.06 -55.85 -38.93
C ILE E 240 26.56 -55.70 -37.49
N TYR E 241 27.36 -56.14 -36.53
CA TYR E 241 26.96 -56.11 -35.13
C TYR E 241 27.82 -55.16 -34.30
N SER E 242 27.32 -53.95 -34.07
CA SER E 242 28.05 -52.96 -33.30
C SER E 242 27.85 -53.11 -31.80
N LYS E 243 28.67 -52.40 -31.03
CA LYS E 243 28.54 -52.38 -29.59
C LYS E 243 27.19 -51.80 -29.19
N PHE E 244 26.70 -50.86 -30.00
CA PHE E 244 25.42 -50.23 -29.74
C PHE E 244 24.27 -51.21 -29.85
N ASP E 245 24.48 -52.31 -30.58
CA ASP E 245 23.43 -53.32 -30.75
C ASP E 245 23.30 -54.23 -29.54
N VAL E 246 24.03 -53.91 -28.48
CA VAL E 246 24.02 -54.72 -27.27
C VAL E 246 22.96 -54.24 -26.26
N ILE E 247 22.83 -52.92 -26.14
CA ILE E 247 21.84 -52.35 -25.21
C ILE E 247 20.41 -52.78 -25.52
N ASN E 248 20.20 -53.23 -26.75
CA ASN E 248 18.90 -53.77 -27.15
C ASN E 248 18.53 -55.00 -26.33
N LEU E 249 19.56 -55.69 -25.83
CA LEU E 249 19.35 -56.81 -24.92
C LEU E 249 18.77 -56.30 -23.62
N ALA E 250 19.25 -55.15 -23.17
CA ALA E 250 18.71 -54.52 -21.97
C ALA E 250 17.38 -53.83 -22.27
N ALA E 251 17.24 -53.34 -23.50
CA ALA E 251 16.02 -52.66 -23.92
C ALA E 251 14.84 -53.63 -23.96
N GLU E 252 15.07 -54.80 -24.53
CA GLU E 252 14.03 -55.82 -24.63
C GLU E 252 14.09 -56.80 -23.47
N LYS E 253 14.98 -56.52 -22.52
CA LYS E 253 15.19 -57.39 -21.36
C LYS E 253 15.45 -58.83 -21.78
N THR E 254 16.31 -59.01 -22.78
CA THR E 254 16.67 -60.33 -23.26
C THR E 254 18.16 -60.59 -23.01
N TYR E 255 18.68 -59.97 -21.96
CA TYR E 255 20.10 -60.06 -21.63
C TYR E 255 20.45 -61.33 -20.88
N ASN E 256 19.45 -62.07 -20.42
CA ASN E 256 19.71 -63.26 -19.63
C ASN E 256 19.84 -64.53 -20.47
N ASN E 257 19.73 -64.36 -21.79
CA ASN E 257 19.89 -65.48 -22.70
C ASN E 257 20.90 -65.18 -23.79
N LEU E 258 22.18 -65.25 -23.43
CA LEU E 258 23.25 -64.93 -24.37
C LEU E 258 23.64 -66.13 -25.23
N ASP E 259 22.81 -67.16 -25.21
CA ASP E 259 23.06 -68.36 -26.01
C ASP E 259 22.65 -68.15 -27.46
N VAL E 260 21.66 -67.28 -27.67
CA VAL E 260 21.11 -67.04 -29.01
C VAL E 260 22.13 -66.49 -30.00
N SER E 261 21.88 -66.75 -31.28
CA SER E 261 22.79 -66.32 -32.33
C SER E 261 22.84 -64.80 -32.46
N VAL E 262 23.87 -64.31 -33.14
CA VAL E 262 24.04 -62.87 -33.34
C VAL E 262 23.01 -62.38 -34.37
N THR E 263 22.45 -63.32 -35.13
CA THR E 263 21.40 -63.00 -36.08
C THR E 263 20.09 -62.73 -35.35
N LYS E 264 19.84 -63.50 -34.30
CA LYS E 264 18.64 -63.33 -33.48
C LYS E 264 18.65 -62.00 -32.74
N ALA E 265 19.84 -61.53 -32.38
CA ALA E 265 19.96 -60.26 -31.65
C ALA E 265 19.72 -59.08 -32.58
N LEU E 266 19.86 -59.32 -33.89
CA LEU E 266 19.65 -58.29 -34.90
C LEU E 266 18.36 -58.53 -35.66
N GLN E 267 17.41 -59.18 -35.01
CA GLN E 267 16.12 -59.45 -35.62
C GLN E 267 15.18 -58.25 -35.47
N HIS E 268 15.42 -57.46 -34.42
CA HIS E 268 14.54 -56.33 -34.10
C HIS E 268 14.63 -55.18 -35.10
N ARG E 269 15.59 -55.24 -36.00
CA ARG E 269 15.78 -54.19 -37.00
C ARG E 269 16.10 -54.76 -38.38
N SER E 270 15.97 -56.08 -38.51
CA SER E 270 16.32 -56.75 -39.76
C SER E 270 15.28 -56.48 -40.86
N HIS E 271 14.09 -56.04 -40.46
CA HIS E 271 13.02 -55.80 -41.40
C HIS E 271 13.06 -54.40 -42.00
N TYR E 272 14.10 -53.64 -41.67
CA TYR E 272 14.24 -52.27 -42.15
C TYR E 272 15.68 -51.88 -42.43
N PHE E 273 15.88 -51.14 -43.52
CA PHE E 273 17.20 -50.61 -43.92
C PHE E 273 18.24 -51.71 -44.08
N GLU E 274 19.27 -51.65 -43.26
CA GLU E 274 20.36 -52.62 -43.25
C GLU E 274 21.11 -52.80 -44.57
N GLY E 275 21.25 -51.70 -45.30
CA GLY E 275 22.19 -51.68 -46.40
C GLY E 275 23.56 -51.47 -45.79
N VAL E 276 24.25 -52.58 -45.52
CA VAL E 276 25.54 -52.54 -44.83
C VAL E 276 26.54 -51.60 -45.53
N LEU E 277 26.76 -50.45 -44.90
CA LEU E 277 27.62 -49.42 -45.46
C LEU E 277 29.02 -49.93 -45.74
N LYS E 278 29.38 -49.92 -47.03
CA LYS E 278 30.69 -50.41 -47.45
C LYS E 278 31.33 -49.46 -48.45
N CYS E 279 32.60 -49.69 -48.75
CA CYS E 279 33.29 -48.92 -49.77
C CYS E 279 34.36 -49.77 -50.43
N TYR E 280 35.07 -49.19 -51.38
CA TYR E 280 36.11 -49.93 -52.11
C TYR E 280 37.47 -49.26 -51.91
N LEU E 281 38.53 -49.96 -52.32
CA LEU E 281 39.89 -49.46 -52.14
C LEU E 281 40.22 -48.36 -53.13
N HIS E 282 39.52 -48.33 -54.26
CA HIS E 282 39.80 -47.35 -55.31
C HIS E 282 39.03 -46.04 -55.10
N GLU E 283 38.03 -46.06 -54.23
CA GLU E 283 37.24 -44.87 -53.95
C GLU E 283 38.05 -43.81 -53.21
N THR E 284 37.80 -42.55 -53.57
CA THR E 284 38.51 -41.42 -52.97
C THR E 284 38.20 -41.27 -51.49
N LEU E 285 39.09 -40.60 -50.76
CA LEU E 285 38.89 -40.35 -49.34
C LEU E 285 37.68 -39.45 -49.12
N GLU E 286 37.53 -38.45 -49.99
CA GLU E 286 36.42 -37.52 -49.88
C GLU E 286 35.08 -38.24 -50.04
N THR E 287 35.04 -39.21 -50.95
CA THR E 287 33.83 -40.00 -51.15
C THR E 287 33.54 -40.81 -49.89
N ILE E 288 34.60 -41.30 -49.25
CA ILE E 288 34.46 -42.08 -48.04
C ILE E 288 33.97 -41.24 -46.87
N ILE E 289 34.61 -40.10 -46.64
CA ILE E 289 34.21 -39.22 -45.54
C ILE E 289 32.77 -38.73 -45.70
N ASN E 290 32.39 -38.42 -46.95
CA ASN E 290 31.01 -38.07 -47.25
C ASN E 290 30.05 -39.21 -46.93
N ARG E 291 30.49 -40.44 -47.19
CA ARG E 291 29.68 -41.62 -46.93
C ARG E 291 29.44 -41.78 -45.43
N LEU E 292 30.47 -41.49 -44.64
CA LEU E 292 30.40 -41.63 -43.19
C LEU E 292 29.48 -40.60 -42.54
N VAL E 293 29.63 -39.34 -42.92
CA VAL E 293 28.87 -38.27 -42.29
C VAL E 293 27.40 -38.26 -42.72
N GLU E 294 27.11 -38.93 -43.82
CA GLU E 294 25.74 -39.00 -44.33
C GLU E 294 24.94 -40.07 -43.60
N ALA E 295 25.56 -41.23 -43.41
CA ALA E 295 24.91 -42.32 -42.69
C ALA E 295 25.04 -42.14 -41.19
N GLU E 296 25.96 -41.28 -40.78
CA GLU E 296 26.24 -41.01 -39.37
C GLU E 296 26.63 -42.27 -38.59
N VAL E 297 27.40 -43.14 -39.23
CA VAL E 297 27.95 -44.33 -38.59
C VAL E 297 29.43 -44.12 -38.28
N HIS E 298 30.02 -45.08 -37.58
CA HIS E 298 31.40 -44.93 -37.11
C HIS E 298 32.44 -45.62 -38.01
N ARG E 299 31.98 -46.54 -38.85
CA ARG E 299 32.91 -47.27 -39.72
C ARG E 299 32.27 -47.80 -41.00
N LEU E 300 33.11 -48.04 -42.00
CA LEU E 300 32.68 -48.69 -43.24
C LEU E 300 33.40 -50.02 -43.40
N VAL E 301 32.81 -50.92 -44.17
CA VAL E 301 33.43 -52.22 -44.41
C VAL E 301 34.11 -52.25 -45.77
N VAL E 302 35.43 -52.24 -45.77
CA VAL E 302 36.21 -52.23 -47.01
C VAL E 302 36.11 -53.57 -47.72
N VAL E 303 35.59 -53.55 -48.94
CA VAL E 303 35.48 -54.76 -49.75
C VAL E 303 36.03 -54.51 -51.14
N ASP E 304 36.33 -55.58 -51.86
CA ASP E 304 36.76 -55.46 -53.25
C ASP E 304 35.94 -56.38 -54.15
N GLU E 305 35.47 -55.84 -55.27
CA GLU E 305 34.67 -56.59 -56.25
C GLU E 305 33.42 -57.21 -55.63
N ASN E 306 33.61 -58.20 -54.77
CA ASN E 306 32.50 -58.86 -54.09
C ASN E 306 32.26 -58.33 -52.68
N ASP E 307 31.45 -59.06 -51.91
CA ASP E 307 31.10 -58.66 -50.55
C ASP E 307 32.10 -59.18 -49.53
N VAL E 308 33.13 -59.86 -50.00
CA VAL E 308 34.16 -60.40 -49.11
C VAL E 308 35.05 -59.28 -48.57
N VAL E 309 35.17 -59.23 -47.24
CA VAL E 309 35.95 -58.19 -46.57
C VAL E 309 37.40 -58.13 -47.02
N LYS E 310 38.03 -56.99 -46.78
CA LYS E 310 39.44 -56.79 -47.04
C LYS E 310 40.04 -55.86 -46.00
N GLY E 311 39.16 -55.25 -45.20
CA GLY E 311 39.58 -54.32 -44.18
C GLY E 311 38.44 -53.47 -43.64
N ILE E 312 38.76 -52.63 -42.67
CA ILE E 312 37.77 -51.75 -42.04
C ILE E 312 38.34 -50.35 -41.89
N VAL E 313 37.65 -49.37 -42.45
CA VAL E 313 38.03 -47.98 -42.24
C VAL E 313 37.09 -47.36 -41.21
N SER E 314 37.65 -46.89 -40.10
CA SER E 314 36.85 -46.32 -39.03
C SER E 314 37.06 -44.82 -38.95
N LEU E 315 36.25 -44.17 -38.11
CA LEU E 315 36.32 -42.73 -37.93
C LEU E 315 37.62 -42.32 -37.25
N SER E 316 38.03 -43.11 -36.26
CA SER E 316 39.26 -42.86 -35.52
C SER E 316 40.47 -42.99 -36.43
N ASP E 317 40.33 -43.79 -37.49
CA ASP E 317 41.35 -43.93 -38.51
C ASP E 317 41.45 -42.64 -39.30
N ILE E 318 40.29 -42.11 -39.66
CA ILE E 318 40.23 -40.92 -40.48
C ILE E 318 40.75 -39.71 -39.69
N LEU E 319 40.25 -39.56 -38.46
CA LEU E 319 40.69 -38.47 -37.61
C LEU E 319 42.19 -38.51 -37.32
N GLN E 320 42.73 -39.71 -37.05
CA GLN E 320 44.15 -39.86 -36.80
C GLN E 320 44.95 -39.48 -38.04
N ALA E 321 44.37 -39.73 -39.21
CA ALA E 321 45.02 -39.45 -40.47
C ALA E 321 45.07 -37.95 -40.76
N LEU E 322 44.11 -37.20 -40.21
CA LEU E 322 44.04 -35.76 -40.43
C LEU E 322 44.67 -34.98 -39.27
N VAL E 323 45.34 -35.71 -38.38
CA VAL E 323 46.04 -35.12 -37.24
C VAL E 323 47.55 -35.34 -37.35
N LEU E 324 47.94 -36.53 -37.81
CA LEU E 324 49.35 -36.86 -37.98
C LEU E 324 49.89 -36.40 -39.34
N THR E 325 49.58 -35.16 -39.70
CA THR E 325 50.07 -34.56 -40.93
C THR E 325 50.60 -33.14 -40.68
N SER F 27 -3.34 4.27 53.87
CA SER F 27 -4.34 3.24 54.06
C SER F 27 -5.37 3.26 52.94
N VAL F 28 -6.51 3.89 53.20
CA VAL F 28 -7.59 4.00 52.22
C VAL F 28 -7.29 5.05 51.17
N TYR F 29 -6.26 5.86 51.40
CA TYR F 29 -5.86 6.88 50.44
C TYR F 29 -5.13 6.27 49.26
N THR F 30 -4.38 5.20 49.52
CA THR F 30 -3.65 4.52 48.46
C THR F 30 -4.59 3.73 47.56
N SER F 31 -5.57 3.06 48.15
CA SER F 31 -6.55 2.29 47.38
C SER F 31 -7.48 3.23 46.60
N PHE F 32 -7.57 4.48 47.05
CA PHE F 32 -8.36 5.48 46.36
C PHE F 32 -7.75 5.80 45.00
N MET F 33 -6.48 6.19 45.02
CA MET F 33 -5.78 6.60 43.80
C MET F 33 -5.52 5.44 42.84
N LYS F 34 -5.72 4.22 43.30
CA LYS F 34 -5.58 3.07 42.43
C LYS F 34 -6.88 2.85 41.65
N SER F 35 -7.96 3.50 42.11
CA SER F 35 -9.26 3.39 41.46
C SER F 35 -9.43 4.42 40.34
N HIS F 36 -9.29 5.70 40.70
CA HIS F 36 -9.52 6.79 39.77
C HIS F 36 -8.44 6.89 38.68
N ARG F 37 -8.89 7.03 37.44
CA ARG F 37 -7.99 7.22 36.31
C ARG F 37 -7.46 8.66 36.31
N CYS F 38 -6.56 8.98 35.38
CA CYS F 38 -6.06 10.34 35.23
C CYS F 38 -7.12 11.21 34.58
N TYR F 39 -8.06 10.56 33.91
CA TYR F 39 -9.14 11.23 33.20
C TYR F 39 -10.00 12.07 34.14
N ASP F 40 -10.13 11.61 35.38
CA ASP F 40 -10.96 12.30 36.35
C ASP F 40 -10.32 13.61 36.83
N LEU F 41 -9.07 13.85 36.48
CA LEU F 41 -8.38 15.07 36.87
C LEU F 41 -8.44 16.14 35.78
N ILE F 42 -8.56 15.68 34.53
CA ILE F 42 -8.66 16.59 33.39
C ILE F 42 -9.91 17.44 33.50
N PRO F 43 -9.75 18.78 33.45
CA PRO F 43 -10.87 19.71 33.49
C PRO F 43 -11.71 19.62 32.23
N THR F 44 -13.00 19.95 32.34
CA THR F 44 -13.94 19.82 31.24
C THR F 44 -13.46 20.55 30.00
N SER F 45 -12.96 21.78 30.19
CA SER F 45 -12.34 22.52 29.10
C SER F 45 -11.05 23.17 29.57
N SER F 46 -9.99 22.97 28.81
CA SER F 46 -8.68 23.53 29.14
C SER F 46 -7.88 23.91 27.91
N LYS F 47 -6.79 24.64 28.13
CA LYS F 47 -5.97 25.18 27.06
C LYS F 47 -4.56 24.57 27.08
N LEU F 48 -4.10 24.10 25.93
CA LEU F 48 -2.83 23.38 25.87
C LEU F 48 -1.86 23.93 24.82
N VAL F 49 -0.95 24.79 25.25
CA VAL F 49 0.06 25.34 24.36
C VAL F 49 1.11 24.29 24.03
N VAL F 50 1.49 24.24 22.75
CA VAL F 50 2.49 23.27 22.28
C VAL F 50 3.49 23.99 21.37
N PHE F 51 4.77 23.69 21.55
CA PHE F 51 5.81 24.29 20.73
C PHE F 51 6.40 23.27 19.75
N ASP F 52 6.81 23.75 18.58
CA ASP F 52 7.57 22.92 17.66
C ASP F 52 9.03 23.01 18.06
N THR F 53 9.77 21.93 17.84
CA THR F 53 11.18 21.90 18.24
C THR F 53 12.02 22.90 17.46
N SER F 54 11.56 23.29 16.29
CA SER F 54 12.29 24.23 15.43
C SER F 54 11.99 25.69 15.78
N LEU F 55 11.12 25.90 16.76
CA LEU F 55 10.79 27.25 17.20
C LEU F 55 11.96 27.88 17.94
N GLN F 56 12.18 29.17 17.72
CA GLN F 56 13.20 29.91 18.44
C GLN F 56 12.86 29.93 19.92
N VAL F 57 13.82 29.55 20.76
CA VAL F 57 13.55 29.33 22.17
C VAL F 57 13.11 30.60 22.91
N LYS F 58 13.56 31.75 22.44
CA LYS F 58 13.17 33.02 23.06
C LYS F 58 11.69 33.26 22.89
N LYS F 59 11.18 33.03 21.68
CA LYS F 59 9.76 33.21 21.38
C LYS F 59 8.90 32.25 22.19
N ALA F 60 9.42 31.06 22.43
CA ALA F 60 8.71 30.04 23.19
C ALA F 60 8.51 30.49 24.62
N PHE F 61 9.52 31.16 25.18
CA PHE F 61 9.43 31.66 26.54
C PHE F 61 8.44 32.81 26.67
N PHE F 62 8.41 33.69 25.66
CA PHE F 62 7.44 34.77 25.66
C PHE F 62 6.04 34.21 25.52
N ALA F 63 5.90 33.18 24.69
CA ALA F 63 4.60 32.56 24.44
C ALA F 63 3.99 32.01 25.72
N LEU F 64 4.83 31.52 26.62
CA LEU F 64 4.38 31.00 27.90
C LEU F 64 3.78 32.13 28.74
N VAL F 65 4.35 33.32 28.60
CA VAL F 65 3.88 34.48 29.33
C VAL F 65 2.57 34.99 28.75
N THR F 66 2.50 35.09 27.42
CA THR F 66 1.31 35.60 26.75
C THR F 66 0.10 34.67 26.91
N ASN F 67 0.36 33.36 26.93
CA ASN F 67 -0.72 32.39 27.05
C ASN F 67 -1.10 32.03 28.48
N GLY F 68 -0.31 32.51 29.44
CA GLY F 68 -0.59 32.26 30.83
C GLY F 68 -0.30 30.83 31.23
N VAL F 69 0.41 30.12 30.35
CA VAL F 69 0.75 28.73 30.60
C VAL F 69 2.16 28.61 31.20
N ARG F 70 2.30 27.68 32.15
CA ARG F 70 3.54 27.53 32.89
C ARG F 70 4.55 26.67 32.15
N ALA F 71 4.04 25.77 31.30
CA ALA F 71 4.90 24.86 30.54
C ALA F 71 4.18 24.30 29.33
N ALA F 72 4.94 23.97 28.29
CA ALA F 72 4.36 23.48 27.04
C ALA F 72 5.09 22.28 26.48
N PRO F 73 4.33 21.26 26.02
CA PRO F 73 4.87 20.08 25.35
C PRO F 73 5.65 20.44 24.09
N LEU F 74 6.63 19.60 23.75
CA LEU F 74 7.47 19.86 22.58
C LEU F 74 7.20 18.83 21.48
N TRP F 75 6.99 19.32 20.27
CA TRP F 75 6.66 18.48 19.13
C TRP F 75 7.76 18.52 18.07
N ASP F 76 8.44 17.39 17.87
CA ASP F 76 9.45 17.29 16.84
C ASP F 76 8.78 16.91 15.53
N SER F 77 8.73 17.87 14.61
CA SER F 77 8.00 17.70 13.37
C SER F 77 8.59 16.63 12.47
N LYS F 78 9.91 16.45 12.54
CA LYS F 78 10.60 15.50 11.68
C LYS F 78 10.27 14.04 11.99
N LYS F 79 10.33 13.68 13.27
CA LYS F 79 10.06 12.30 13.67
C LYS F 79 8.60 12.09 14.07
N GLN F 80 7.84 13.18 14.07
CA GLN F 80 6.39 13.13 14.34
C GLN F 80 6.06 12.47 15.67
N SER F 81 6.61 13.01 16.76
CA SER F 81 6.35 12.49 18.10
C SER F 81 6.78 13.49 19.14
N PHE F 82 5.99 13.60 20.21
CA PHE F 82 6.34 14.49 21.32
C PHE F 82 7.66 14.04 21.95
N VAL F 83 8.54 14.98 22.23
CA VAL F 83 9.88 14.66 22.72
C VAL F 83 10.09 15.03 24.18
N GLY F 84 9.32 15.99 24.68
CA GLY F 84 9.47 16.41 26.05
C GLY F 84 8.67 17.64 26.43
N MET F 85 9.12 18.31 27.48
CA MET F 85 8.44 19.49 27.98
C MET F 85 9.40 20.67 28.06
N LEU F 86 8.87 21.87 27.86
CA LEU F 86 9.62 23.09 28.07
C LEU F 86 9.02 23.81 29.26
N THR F 87 9.82 24.00 30.30
CA THR F 87 9.32 24.64 31.51
C THR F 87 10.15 25.86 31.88
N ILE F 88 9.79 26.48 32.99
CA ILE F 88 10.51 27.66 33.47
C ILE F 88 11.91 27.27 33.92
N THR F 89 12.08 26.02 34.33
CA THR F 89 13.40 25.51 34.71
C THR F 89 14.37 25.65 33.55
N ASP F 90 13.88 25.38 32.33
CA ASP F 90 14.70 25.54 31.12
C ASP F 90 15.13 26.98 30.95
N PHE F 91 14.24 27.90 31.31
CA PHE F 91 14.54 29.32 31.22
C PHE F 91 15.60 29.73 32.24
N ILE F 92 15.62 29.02 33.37
CA ILE F 92 16.59 29.28 34.42
C ILE F 92 17.95 28.69 34.02
N ASN F 93 17.91 27.52 33.39
CA ASN F 93 19.13 26.89 32.89
C ASN F 93 19.81 27.73 31.82
N ILE F 94 19.04 28.24 30.88
CA ILE F 94 19.59 29.06 29.79
C ILE F 94 20.25 30.32 30.32
N LEU F 95 19.54 31.02 31.21
CA LEU F 95 20.05 32.25 31.81
C LEU F 95 21.35 32.01 32.56
N HIS F 96 21.35 31.01 33.44
CA HIS F 96 22.50 30.74 34.28
C HIS F 96 23.71 30.27 33.47
N ARG F 97 23.45 29.46 32.46
CA ARG F 97 24.53 28.93 31.63
C ARG F 97 25.19 30.00 30.80
N TYR F 98 24.39 30.85 30.13
CA TYR F 98 24.96 31.93 29.35
C TYR F 98 24.56 33.30 29.89
N TYR F 99 25.40 33.88 30.74
CA TYR F 99 25.18 35.25 31.17
C TYR F 99 26.51 35.90 31.54
N LYS F 100 27.06 36.67 30.62
CA LYS F 100 28.35 37.31 30.86
C LYS F 100 28.19 38.53 31.76
N SER F 101 27.29 39.44 31.37
CA SER F 101 27.05 40.66 32.14
C SER F 101 25.81 41.38 31.65
N ALA F 102 25.52 42.53 32.27
CA ALA F 102 24.40 43.35 31.84
C ALA F 102 24.81 44.24 30.68
N LEU F 103 26.09 44.20 30.32
CA LEU F 103 26.63 45.03 29.26
C LEU F 103 26.64 44.29 27.92
N VAL F 104 26.58 42.98 27.98
CA VAL F 104 26.57 42.17 26.77
C VAL F 104 25.30 41.31 26.73
N GLN F 105 24.62 41.32 25.60
CA GLN F 105 23.39 40.55 25.46
C GLN F 105 23.69 39.07 25.42
N ILE F 106 22.68 38.26 25.67
CA ILE F 106 22.83 36.81 25.66
C ILE F 106 22.52 36.28 24.26
N TYR F 107 23.56 36.21 23.43
CA TYR F 107 23.41 35.86 22.01
C TYR F 107 22.66 34.54 21.80
N GLU F 108 22.99 33.54 22.61
CA GLU F 108 22.38 32.23 22.46
C GLU F 108 20.89 32.23 22.78
N LEU F 109 20.51 32.96 23.81
CA LEU F 109 19.10 33.07 24.18
C LEU F 109 18.29 33.74 23.07
N GLU F 110 18.96 34.57 22.27
CA GLU F 110 18.32 35.27 21.17
C GLU F 110 18.33 34.44 19.89
N GLU F 111 19.30 33.53 19.78
CA GLU F 111 19.50 32.79 18.53
C GLU F 111 19.07 31.32 18.59
N HIS F 112 19.36 30.66 19.71
CA HIS F 112 19.07 29.23 19.84
C HIS F 112 17.62 28.87 19.53
N LYS F 113 17.44 27.64 19.07
CA LYS F 113 16.12 27.08 18.89
C LYS F 113 15.90 26.08 20.01
N ILE F 114 14.67 25.59 20.15
CA ILE F 114 14.37 24.58 21.15
C ILE F 114 15.14 23.30 20.83
N GLU F 115 15.23 22.96 19.55
CA GLU F 115 15.95 21.78 19.09
C GLU F 115 17.45 21.88 19.38
N THR F 116 18.02 23.06 19.15
CA THR F 116 19.46 23.26 19.33
C THR F 116 19.88 23.31 20.79
N TRP F 117 19.04 23.89 21.65
CA TRP F 117 19.38 23.98 23.05
C TRP F 117 19.31 22.62 23.73
N ARG F 118 18.40 21.76 23.27
CA ARG F 118 18.26 20.43 23.83
C ARG F 118 19.46 19.54 23.51
N GLU F 119 20.28 19.98 22.56
CA GLU F 119 21.53 19.29 22.27
C GLU F 119 22.57 19.62 23.33
N VAL F 120 22.65 20.90 23.70
CA VAL F 120 23.62 21.35 24.68
C VAL F 120 23.30 20.83 26.07
N TYR F 121 22.04 20.96 26.47
CA TYR F 121 21.61 20.53 27.80
C TYR F 121 21.08 19.10 27.81
N PRO F 128 14.61 10.92 27.56
CA PRO F 128 13.37 10.20 27.22
C PRO F 128 12.14 10.96 27.71
N LEU F 129 11.05 10.87 26.96
CA LEU F 129 9.80 11.53 27.34
C LEU F 129 9.05 10.73 28.40
N VAL F 130 8.71 11.39 29.50
CA VAL F 130 7.92 10.77 30.55
C VAL F 130 6.48 11.23 30.46
N CYS F 131 5.58 10.30 30.19
CA CYS F 131 4.16 10.64 30.05
C CYS F 131 3.28 9.57 30.67
N ILE F 132 1.97 9.70 30.49
CA ILE F 132 1.03 8.74 31.06
C ILE F 132 -0.27 8.70 30.25
N SER F 133 -0.93 7.55 30.25
CA SER F 133 -2.22 7.40 29.60
C SER F 133 -3.33 7.93 30.51
N PRO F 134 -4.37 8.53 29.93
CA PRO F 134 -5.52 9.01 30.70
C PRO F 134 -6.27 7.86 31.36
N ASN F 135 -6.14 6.67 30.79
CA ASN F 135 -6.79 5.49 31.35
C ASN F 135 -5.97 4.84 32.47
N ALA F 136 -4.75 5.33 32.65
CA ALA F 136 -3.89 4.83 33.73
C ALA F 136 -4.35 5.35 35.07
N SER F 137 -4.05 4.62 36.14
CA SER F 137 -4.52 4.98 37.47
C SER F 137 -3.86 6.24 38.01
N LEU F 138 -4.52 6.87 38.96
CA LEU F 138 -4.00 8.09 39.59
C LEU F 138 -2.82 7.76 40.50
N PHE F 139 -2.69 6.48 40.86
CA PHE F 139 -1.58 6.01 41.66
C PHE F 139 -0.31 5.91 40.83
N ASP F 140 -0.47 5.54 39.56
CA ASP F 140 0.66 5.46 38.64
C ASP F 140 1.17 6.86 38.32
N ALA F 141 0.28 7.84 38.45
CA ALA F 141 0.63 9.23 38.17
C ALA F 141 1.56 9.79 39.23
N VAL F 142 1.18 9.62 40.50
CA VAL F 142 1.98 10.10 41.61
C VAL F 142 3.33 9.38 41.64
N SER F 143 3.30 8.10 41.29
CA SER F 143 4.51 7.28 41.25
C SER F 143 5.47 7.78 40.18
N SER F 144 4.94 8.04 38.99
CA SER F 144 5.77 8.50 37.88
C SER F 144 6.33 9.90 38.12
N LEU F 145 5.63 10.68 38.93
CA LEU F 145 6.07 12.02 39.28
C LEU F 145 7.26 11.99 40.22
N ILE F 146 7.29 11.00 41.11
CA ILE F 146 8.36 10.88 42.09
C ILE F 146 9.57 10.15 41.52
N ARG F 147 9.33 9.05 40.82
CA ARG F 147 10.40 8.25 40.23
C ARG F 147 11.24 9.06 39.25
N ASN F 148 10.58 9.91 38.47
CA ASN F 148 11.27 10.72 37.47
C ASN F 148 11.65 12.10 38.01
N LYS F 149 11.30 12.36 39.26
CA LYS F 149 11.58 13.63 39.92
C LYS F 149 11.16 14.85 39.09
N ILE F 150 9.95 14.78 38.53
CA ILE F 150 9.40 15.86 37.72
C ILE F 150 8.16 16.42 38.40
N HIS F 151 7.78 17.64 38.04
CA HIS F 151 6.61 18.28 38.65
C HIS F 151 5.39 18.25 37.75
N ARG F 152 5.61 18.18 36.44
CA ARG F 152 4.53 18.24 35.47
C ARG F 152 4.60 17.09 34.46
N LEU F 153 3.53 16.31 34.40
CA LEU F 153 3.48 15.12 33.57
C LEU F 153 2.42 15.26 32.48
N PRO F 154 2.84 15.10 31.22
CA PRO F 154 1.95 15.21 30.04
C PRO F 154 1.05 13.99 29.90
N VAL F 155 -0.26 14.19 30.05
CA VAL F 155 -1.24 13.12 29.86
C VAL F 155 -1.53 12.94 28.38
N ILE F 156 -1.03 11.86 27.81
CA ILE F 156 -1.18 11.63 26.37
C ILE F 156 -2.05 10.41 26.05
N ASP F 157 -3.11 10.63 25.28
CA ASP F 157 -3.98 9.55 24.85
C ASP F 157 -3.27 8.64 23.85
N PRO F 158 -3.11 7.36 24.21
CA PRO F 158 -2.43 6.41 23.34
C PRO F 158 -3.26 6.08 22.09
N GLU F 159 -4.55 6.35 22.14
CA GLU F 159 -5.43 6.03 21.02
C GLU F 159 -5.26 7.01 19.85
N SER F 160 -5.27 8.30 20.15
CA SER F 160 -5.19 9.32 19.12
C SER F 160 -3.79 9.92 19.00
N GLY F 161 -2.98 9.71 20.03
CA GLY F 161 -1.62 10.25 20.04
C GLY F 161 -1.57 11.69 20.50
N ASN F 162 -2.74 12.28 20.73
CA ASN F 162 -2.82 13.68 21.14
C ASN F 162 -2.47 13.88 22.60
N THR F 163 -1.99 15.06 22.93
CA THR F 163 -1.75 15.46 24.30
C THR F 163 -3.02 16.10 24.84
N LEU F 164 -3.38 15.77 26.07
CA LEU F 164 -4.65 16.21 26.63
C LEU F 164 -4.48 17.27 27.71
N TYR F 165 -3.73 16.94 28.75
CA TYR F 165 -3.61 17.82 29.91
C TYR F 165 -2.27 17.64 30.59
N ILE F 166 -1.85 18.65 31.34
CA ILE F 166 -0.59 18.60 32.07
C ILE F 166 -0.83 18.40 33.56
N LEU F 167 -0.48 17.21 34.04
CA LEU F 167 -0.74 16.82 35.44
C LEU F 167 0.32 17.39 36.37
N THR F 168 -0.11 17.90 37.50
CA THR F 168 0.81 18.44 38.50
C THR F 168 0.50 17.92 39.89
N HIS F 169 1.28 18.33 40.87
CA HIS F 169 1.04 17.92 42.26
C HIS F 169 -0.15 18.67 42.85
N LYS F 170 -0.23 19.96 42.56
CA LYS F 170 -1.34 20.79 43.04
C LYS F 170 -2.67 20.26 42.54
N ARG F 171 -2.66 19.72 41.33
CA ARG F 171 -3.87 19.18 40.71
C ARG F 171 -4.30 17.88 41.39
N ILE F 172 -3.33 17.04 41.72
CA ILE F 172 -3.61 15.76 42.35
C ILE F 172 -4.10 15.91 43.79
N LEU F 173 -3.36 16.66 44.59
CA LEU F 173 -3.73 16.84 46.00
C LEU F 173 -5.06 17.56 46.16
N LYS F 174 -5.33 18.51 45.26
CA LYS F 174 -6.61 19.24 45.31
C LYS F 174 -7.76 18.30 44.95
N PHE F 175 -7.46 17.27 44.15
CA PHE F 175 -8.46 16.27 43.80
C PHE F 175 -8.82 15.40 45.00
N LEU F 176 -7.80 14.95 45.74
CA LEU F 176 -8.02 14.14 46.93
C LEU F 176 -8.76 14.93 48.00
N LYS F 177 -8.62 16.25 47.96
CA LYS F 177 -9.27 17.14 48.92
C LYS F 177 -10.77 17.08 48.76
N LEU F 178 -11.22 16.82 47.53
CA LEU F 178 -12.63 16.72 47.23
C LEU F 178 -13.24 15.44 47.79
N PHE F 179 -12.40 14.52 48.25
CA PHE F 179 -12.86 13.23 48.72
C PHE F 179 -12.36 12.86 50.12
N ILE F 180 -11.85 13.84 50.86
CA ILE F 180 -11.39 13.59 52.21
C ILE F 180 -12.57 13.42 53.17
N THR F 181 -13.75 13.74 52.68
CA THR F 181 -14.97 13.58 53.45
C THR F 181 -15.84 12.49 52.83
N GLU F 182 -15.33 11.85 51.79
CA GLU F 182 -16.04 10.73 51.17
C GLU F 182 -15.37 9.43 51.61
N PHE F 183 -14.06 9.36 51.42
CA PHE F 183 -13.27 8.26 51.93
C PHE F 183 -12.85 8.56 53.37
N PRO F 184 -13.10 7.61 54.28
CA PRO F 184 -12.85 7.72 55.72
C PRO F 184 -11.46 8.26 56.05
N LYS F 185 -11.35 8.99 57.16
CA LYS F 185 -10.07 9.59 57.55
C LYS F 185 -9.19 8.64 58.35
N PRO F 186 -7.98 8.36 57.83
CA PRO F 186 -7.03 7.49 58.52
C PRO F 186 -6.53 8.13 59.81
N GLU F 187 -5.70 7.40 60.54
CA GLU F 187 -5.25 7.87 61.85
C GLU F 187 -4.18 8.96 61.79
N PHE F 188 -3.36 8.93 60.75
CA PHE F 188 -2.20 9.83 60.67
C PHE F 188 -2.54 11.29 60.38
N MET F 189 -3.76 11.54 59.91
CA MET F 189 -4.19 12.89 59.57
C MET F 189 -4.31 13.77 60.81
N SER F 190 -4.48 13.14 61.98
CA SER F 190 -4.62 13.87 63.22
C SER F 190 -3.28 14.01 63.94
N LYS F 191 -2.23 13.45 63.33
CA LYS F 191 -0.90 13.48 63.93
C LYS F 191 -0.12 14.74 63.52
N SER F 192 0.75 15.20 64.42
CA SER F 192 1.54 16.41 64.17
C SER F 192 2.61 16.17 63.10
N LEU F 193 3.19 17.25 62.61
CA LEU F 193 4.19 17.18 61.55
C LEU F 193 5.53 16.65 62.07
N GLU F 194 5.79 16.90 63.34
CA GLU F 194 7.03 16.44 63.97
C GLU F 194 6.99 14.94 64.21
N GLU F 195 5.79 14.41 64.45
CA GLU F 195 5.61 12.99 64.70
C GLU F 195 5.73 12.18 63.40
N LEU F 196 5.16 12.73 62.33
CA LEU F 196 5.15 12.04 61.04
C LEU F 196 6.48 12.16 60.31
N GLN F 197 7.27 13.16 60.68
CA GLN F 197 8.56 13.42 60.05
C GLN F 197 8.45 13.59 58.53
N ILE F 198 7.54 14.46 58.10
CA ILE F 198 7.31 14.69 56.68
C ILE F 198 8.02 15.96 56.20
N GLY F 199 8.88 15.82 55.19
CA GLY F 199 9.56 16.96 54.61
C GLY F 199 11.05 17.03 54.92
N THR F 200 11.71 18.05 54.39
CA THR F 200 13.14 18.23 54.57
C THR F 200 13.45 19.24 55.68
N TYR F 201 14.34 18.86 56.59
CA TYR F 201 14.72 19.72 57.71
C TYR F 201 16.23 19.83 57.85
N ALA F 202 16.95 19.52 56.78
CA ALA F 202 18.42 19.59 56.80
C ALA F 202 18.94 20.21 55.52
N ASN F 203 19.88 21.15 55.66
CA ASN F 203 20.46 21.87 54.52
C ASN F 203 19.40 22.52 53.64
N ILE F 204 18.70 23.51 54.20
CA ILE F 204 17.64 24.19 53.48
C ILE F 204 18.21 25.31 52.60
N ALA F 205 18.00 25.19 51.29
CA ALA F 205 18.50 26.17 50.33
C ALA F 205 17.76 27.50 50.46
N MET F 206 18.48 28.53 50.89
CA MET F 206 17.90 29.84 51.09
C MET F 206 18.73 30.93 50.42
N VAL F 207 18.13 32.09 50.21
CA VAL F 207 18.86 33.24 49.69
C VAL F 207 18.71 34.43 50.63
N ARG F 208 19.67 35.35 50.56
CA ARG F 208 19.63 36.54 51.39
C ARG F 208 18.64 37.53 50.77
N THR F 209 18.39 38.63 51.47
CA THR F 209 17.49 39.65 50.96
C THR F 209 18.13 40.44 49.83
N THR F 210 19.46 40.42 49.78
CA THR F 210 20.20 41.19 48.79
C THR F 210 20.94 40.28 47.80
N THR F 211 20.60 39.00 47.82
CA THR F 211 21.21 38.00 46.93
C THR F 211 20.84 38.25 45.48
N PRO F 212 21.84 38.48 44.62
CA PRO F 212 21.62 38.68 43.18
C PRO F 212 20.82 37.53 42.58
N VAL F 213 20.04 37.83 41.55
CA VAL F 213 19.18 36.83 40.93
C VAL F 213 19.98 35.69 40.29
N TYR F 214 21.10 36.04 39.65
CA TYR F 214 21.95 35.04 39.02
C TYR F 214 22.41 34.00 40.02
N VAL F 215 22.82 34.47 41.20
CA VAL F 215 23.26 33.59 42.27
C VAL F 215 22.12 32.70 42.74
N ALA F 216 20.93 33.28 42.80
CA ALA F 216 19.73 32.52 43.14
C ALA F 216 19.45 31.47 42.08
N LEU F 217 19.61 31.84 40.82
CA LEU F 217 19.41 30.91 39.71
C LEU F 217 20.41 29.77 39.77
N GLY F 218 21.62 30.06 40.23
CA GLY F 218 22.63 29.04 40.39
C GLY F 218 22.23 28.02 41.42
N ILE F 219 21.55 28.48 42.46
CA ILE F 219 21.08 27.60 43.53
C ILE F 219 19.98 26.67 43.00
N PHE F 220 19.17 27.17 42.08
CA PHE F 220 18.11 26.37 41.47
C PHE F 220 18.69 25.23 40.64
N VAL F 221 19.83 25.48 40.01
CA VAL F 221 20.46 24.47 39.15
C VAL F 221 21.19 23.42 39.97
N GLN F 222 21.89 23.87 41.01
CA GLN F 222 22.74 22.99 41.80
C GLN F 222 21.94 22.05 42.69
N HIS F 223 21.04 22.60 43.49
CA HIS F 223 20.31 21.80 44.47
C HIS F 223 18.96 21.27 43.94
N ARG F 224 18.53 21.78 42.78
CA ARG F 224 17.29 21.34 42.16
C ARG F 224 16.07 21.45 43.07
N VAL F 225 15.88 22.62 43.67
CA VAL F 225 14.71 22.85 44.53
C VAL F 225 13.71 23.82 43.88
N SER F 226 12.45 23.70 44.26
CA SER F 226 11.37 24.49 43.65
C SER F 226 11.40 25.96 44.06
N ALA F 227 11.70 26.23 45.34
CA ALA F 227 11.70 27.59 45.84
C ALA F 227 12.84 27.87 46.81
N LEU F 228 13.14 29.15 47.00
CA LEU F 228 14.18 29.59 47.92
C LEU F 228 13.64 30.66 48.85
N PRO F 229 13.41 30.32 50.13
CA PRO F 229 12.95 31.31 51.10
C PRO F 229 13.94 32.44 51.25
N VAL F 230 13.46 33.68 51.20
CA VAL F 230 14.32 34.84 51.33
C VAL F 230 14.38 35.30 52.78
N VAL F 231 15.60 35.50 53.27
CA VAL F 231 15.81 35.87 54.66
C VAL F 231 16.63 37.15 54.79
N ASP F 232 16.40 37.89 55.86
CA ASP F 232 17.14 39.11 56.13
C ASP F 232 18.41 38.84 56.94
N GLU F 233 18.92 39.87 57.59
CA GLU F 233 20.12 39.73 58.41
C GLU F 233 19.79 39.08 59.76
N LYS F 234 18.57 39.31 60.24
CA LYS F 234 18.11 38.75 61.51
C LYS F 234 17.91 37.24 61.42
N GLY F 235 17.68 36.74 60.21
CA GLY F 235 17.50 35.32 59.99
C GLY F 235 16.04 34.92 59.81
N ARG F 236 15.18 35.92 59.64
CA ARG F 236 13.75 35.68 59.47
C ARG F 236 13.34 35.71 57.99
N VAL F 237 12.28 34.98 57.64
CA VAL F 237 11.80 34.93 56.27
C VAL F 237 10.91 36.13 55.96
N VAL F 238 11.39 37.00 55.07
CA VAL F 238 10.65 38.19 54.68
C VAL F 238 9.86 37.95 53.40
N ASP F 239 10.35 37.03 52.57
CA ASP F 239 9.72 36.73 51.29
C ASP F 239 10.20 35.36 50.79
N ILE F 240 9.61 34.87 49.70
CA ILE F 240 9.98 33.58 49.14
C ILE F 240 10.13 33.67 47.61
N TYR F 241 11.21 33.09 47.08
CA TYR F 241 11.50 33.19 45.64
C TYR F 241 11.40 31.83 44.94
N SER F 242 10.25 31.57 44.33
CA SER F 242 10.02 30.32 43.61
C SER F 242 10.57 30.38 42.19
N LYS F 243 10.51 29.26 41.49
CA LYS F 243 10.93 29.20 40.10
C LYS F 243 9.94 29.95 39.20
N PHE F 244 8.71 30.07 39.66
CA PHE F 244 7.68 30.77 38.88
C PHE F 244 7.96 32.26 38.80
N ASP F 245 8.68 32.79 39.78
CA ASP F 245 8.94 34.22 39.82
C ASP F 245 10.09 34.62 38.88
N VAL F 246 10.56 33.66 38.08
CA VAL F 246 11.67 33.90 37.17
C VAL F 246 11.19 34.33 35.79
N ILE F 247 10.05 33.81 35.34
CA ILE F 247 9.51 34.20 34.04
C ILE F 247 9.11 35.67 34.00
N ASN F 248 8.95 36.27 35.18
CA ASN F 248 8.68 37.68 35.29
C ASN F 248 9.83 38.50 34.71
N LEU F 249 11.00 37.88 34.65
CA LEU F 249 12.17 38.47 33.99
C LEU F 249 12.00 38.42 32.48
N ALA F 250 11.22 37.45 32.00
CA ALA F 250 10.91 37.35 30.58
C ALA F 250 9.68 38.17 30.22
N ALA F 251 8.81 38.37 31.22
CA ALA F 251 7.62 39.19 31.04
C ALA F 251 7.99 40.67 30.93
N GLU F 252 8.71 41.17 31.92
CA GLU F 252 9.11 42.58 31.95
C GLU F 252 10.38 42.82 31.13
N LYS F 253 10.90 41.75 30.55
CA LYS F 253 12.14 41.81 29.76
C LYS F 253 13.30 42.44 30.52
N THR F 254 13.44 42.03 31.77
CA THR F 254 14.54 42.47 32.60
C THR F 254 15.54 41.33 32.78
N TYR F 255 15.48 40.34 31.88
CA TYR F 255 16.30 39.15 32.00
C TYR F 255 17.76 39.38 31.66
N ASN F 256 18.09 40.55 31.11
CA ASN F 256 19.47 40.83 30.73
C ASN F 256 20.28 41.49 31.85
N ASN F 257 19.61 41.78 32.96
CA ASN F 257 20.28 42.31 34.13
C ASN F 257 20.01 41.45 35.36
N LEU F 258 20.80 40.38 35.49
CA LEU F 258 20.64 39.44 36.59
C LEU F 258 21.49 39.83 37.79
N ASP F 259 22.07 41.04 37.73
CA ASP F 259 22.91 41.53 38.81
C ASP F 259 22.07 42.10 39.94
N VAL F 260 20.80 42.37 39.65
CA VAL F 260 19.89 42.94 40.65
C VAL F 260 19.56 41.94 41.76
N SER F 261 19.20 42.46 42.93
CA SER F 261 18.94 41.61 44.09
C SER F 261 17.65 40.82 43.89
N VAL F 262 17.46 39.81 44.72
CA VAL F 262 16.28 38.96 44.65
C VAL F 262 15.05 39.74 45.12
N THR F 263 15.27 40.79 45.91
CA THR F 263 14.19 41.64 46.38
C THR F 263 13.67 42.50 45.24
N LYS F 264 14.59 43.00 44.41
CA LYS F 264 14.24 43.83 43.26
C LYS F 264 13.39 43.06 42.24
N ALA F 265 13.56 41.74 42.22
CA ALA F 265 12.82 40.89 41.29
C ALA F 265 11.44 40.54 41.83
N LEU F 266 11.27 40.70 43.14
CA LEU F 266 9.99 40.41 43.79
C LEU F 266 9.27 41.71 44.15
N GLN F 267 9.68 42.81 43.53
CA GLN F 267 9.11 44.12 43.78
C GLN F 267 7.78 44.28 43.06
N HIS F 268 7.62 43.55 41.95
CA HIS F 268 6.45 43.66 41.09
C HIS F 268 5.19 43.13 41.74
N ARG F 269 5.36 42.38 42.82
CA ARG F 269 4.24 41.80 43.54
C ARG F 269 4.35 42.10 45.04
N SER F 270 5.35 42.88 45.40
CA SER F 270 5.61 43.20 46.81
C SER F 270 4.51 44.06 47.42
N HIS F 271 3.76 44.76 46.57
CA HIS F 271 2.75 45.70 47.03
C HIS F 271 1.37 45.05 47.16
N TYR F 272 1.19 43.89 46.54
CA TYR F 272 -0.11 43.24 46.51
C TYR F 272 -0.05 41.73 46.74
N PHE F 273 -1.18 41.18 47.17
CA PHE F 273 -1.39 39.73 47.28
C PHE F 273 -0.70 39.03 48.45
N GLU F 274 0.46 39.53 48.87
CA GLU F 274 1.22 38.86 49.93
C GLU F 274 0.49 38.84 51.28
N GLY F 275 0.45 37.67 51.93
CA GLY F 275 1.14 36.48 51.43
C GLY F 275 1.81 35.68 52.53
N VAL F 276 3.14 35.68 52.50
CA VAL F 276 4.04 34.94 53.41
C VAL F 276 3.94 33.40 53.50
N LEU F 277 2.81 32.86 53.98
CA LEU F 277 2.59 31.41 54.13
C LEU F 277 3.63 30.62 54.94
N LYS F 278 3.16 29.91 55.96
CA LYS F 278 4.02 29.06 56.80
C LYS F 278 3.22 28.09 57.66
N CYS F 279 3.93 27.27 58.43
CA CYS F 279 3.31 26.32 59.34
C CYS F 279 4.24 25.96 60.49
N TYR F 280 3.74 25.17 61.44
CA TYR F 280 4.52 24.78 62.62
C TYR F 280 4.70 23.27 62.72
N LEU F 281 5.59 22.84 63.60
CA LEU F 281 5.87 21.42 63.77
C LEU F 281 4.81 20.68 64.59
N HIS F 282 3.97 21.44 65.29
CA HIS F 282 2.95 20.85 66.14
C HIS F 282 1.59 20.81 65.46
N GLU F 283 1.48 21.46 64.31
CA GLU F 283 0.24 21.47 63.55
C GLU F 283 0.00 20.12 62.88
N THR F 284 -1.25 19.67 62.88
CA THR F 284 -1.62 18.38 62.30
C THR F 284 -1.39 18.36 60.79
N LEU F 285 -1.26 17.17 60.24
CA LEU F 285 -1.06 16.99 58.81
C LEU F 285 -2.24 17.54 58.02
N GLU F 286 -3.45 17.27 58.53
CA GLU F 286 -4.67 17.71 57.88
C GLU F 286 -4.74 19.23 57.80
N THR F 287 -4.28 19.90 58.85
CA THR F 287 -4.25 21.36 58.87
C THR F 287 -3.30 21.86 57.81
N ILE F 288 -2.21 21.13 57.60
CA ILE F 288 -1.21 21.51 56.60
C ILE F 288 -1.73 21.30 55.17
N ILE F 289 -2.33 20.14 54.92
CA ILE F 289 -2.89 19.86 53.60
C ILE F 289 -3.96 20.87 53.24
N ASN F 290 -4.83 21.20 54.20
CA ASN F 290 -5.85 22.23 54.02
C ASN F 290 -5.24 23.58 53.69
N ARG F 291 -4.04 23.84 54.22
CA ARG F 291 -3.35 25.11 54.00
C ARG F 291 -2.78 25.19 52.58
N LEU F 292 -2.33 24.04 52.06
CA LEU F 292 -1.75 24.00 50.73
C LEU F 292 -2.81 24.14 49.63
N VAL F 293 -3.89 23.38 49.74
CA VAL F 293 -4.94 23.40 48.71
C VAL F 293 -5.69 24.74 48.68
N GLU F 294 -5.72 25.44 49.81
CA GLU F 294 -6.41 26.72 49.87
C GLU F 294 -5.58 27.82 49.22
N ALA F 295 -4.29 27.89 49.58
CA ALA F 295 -3.40 28.90 49.01
C ALA F 295 -2.91 28.48 47.63
N GLU F 296 -3.18 27.23 47.25
CA GLU F 296 -2.81 26.71 45.95
C GLU F 296 -1.32 26.88 45.64
N VAL F 297 -0.49 26.74 46.66
CA VAL F 297 0.97 26.79 46.49
C VAL F 297 1.57 25.41 46.63
N HIS F 298 2.85 25.28 46.33
CA HIS F 298 3.50 23.98 46.25
C HIS F 298 4.16 23.57 47.57
N ARG F 299 4.36 24.53 48.47
CA ARG F 299 5.08 24.24 49.71
C ARG F 299 4.77 25.23 50.83
N LEU F 300 5.10 24.84 52.06
CA LEU F 300 5.04 25.74 53.20
C LEU F 300 6.42 25.83 53.83
N VAL F 301 6.68 26.94 54.52
CA VAL F 301 7.94 27.10 55.22
C VAL F 301 7.75 26.79 56.70
N VAL F 302 8.32 25.67 57.14
CA VAL F 302 8.21 25.27 58.54
C VAL F 302 9.10 26.15 59.42
N VAL F 303 8.47 27.04 60.17
CA VAL F 303 9.19 27.98 61.01
C VAL F 303 9.22 27.52 62.46
N ASP F 304 10.05 28.18 63.26
CA ASP F 304 10.14 27.87 64.68
C ASP F 304 9.11 28.67 65.47
N GLU F 305 9.53 29.14 66.64
CA GLU F 305 8.67 29.96 67.48
C GLU F 305 8.50 31.33 66.86
N ASN F 306 9.55 31.81 66.20
CA ASN F 306 9.52 33.10 65.53
C ASN F 306 9.28 32.92 64.03
N ASP F 307 10.09 33.61 63.21
CA ASP F 307 9.96 33.52 61.76
C ASP F 307 11.16 32.83 61.13
N VAL F 308 12.12 32.44 61.94
CA VAL F 308 13.31 31.75 61.45
C VAL F 308 12.93 30.35 60.98
N VAL F 309 13.58 29.89 59.92
CA VAL F 309 13.27 28.59 59.32
C VAL F 309 13.52 27.42 60.25
N LYS F 310 13.01 26.26 59.86
CA LYS F 310 13.29 25.01 60.57
C LYS F 310 13.17 23.82 59.60
N GLY F 311 12.44 24.03 58.52
CA GLY F 311 12.28 23.00 57.50
C GLY F 311 11.32 23.39 56.39
N ILE F 312 11.22 22.53 55.38
CA ILE F 312 10.32 22.77 54.25
C ILE F 312 9.47 21.54 53.96
N VAL F 313 8.15 21.69 54.12
CA VAL F 313 7.23 20.64 53.72
C VAL F 313 6.65 20.96 52.33
N SER F 314 7.01 20.14 51.35
CA SER F 314 6.59 20.36 49.98
C SER F 314 5.39 19.49 49.62
N LEU F 315 4.80 19.75 48.46
CA LEU F 315 3.68 18.97 47.98
C LEU F 315 4.17 17.60 47.53
N SER F 316 5.40 17.57 47.02
CA SER F 316 6.02 16.30 46.62
C SER F 316 6.31 15.44 47.85
N ASP F 317 6.46 16.09 48.99
CA ASP F 317 6.67 15.40 50.26
C ASP F 317 5.39 14.75 50.75
N ILE F 318 4.28 15.45 50.62
CA ILE F 318 3.00 14.95 51.11
C ILE F 318 2.48 13.80 50.25
N LEU F 319 2.53 13.98 48.94
CA LEU F 319 2.09 12.94 48.02
C LEU F 319 2.92 11.67 48.16
N GLN F 320 4.20 11.83 48.47
CA GLN F 320 5.10 10.70 48.64
C GLN F 320 4.73 9.92 49.89
N ALA F 321 4.20 10.62 50.88
CA ALA F 321 3.85 10.01 52.17
C ALA F 321 2.49 9.31 52.12
N LEU F 322 1.72 9.59 51.08
CA LEU F 322 0.42 8.98 50.91
C LEU F 322 0.42 7.96 49.76
N VAL F 323 1.61 7.41 49.51
CA VAL F 323 1.79 6.38 48.49
C VAL F 323 2.59 5.21 49.07
N LEU F 324 3.60 5.54 49.87
CA LEU F 324 4.41 4.53 50.53
C LEU F 324 3.72 3.99 51.78
#